data_5JLF
#
_entry.id   5JLF
#
_cell.length_a   1.00
_cell.length_b   1.00
_cell.length_c   1.00
_cell.angle_alpha   90.00
_cell.angle_beta   90.00
_cell.angle_gamma   90.00
#
_symmetry.space_group_name_H-M   'P 1'
#
loop_
_entity.id
_entity.type
_entity.pdbx_description
1 polymer 'Actin, alpha skeletal muscle'
2 polymer 'Tropomyosin Alpha-1'
3 non-polymer "ADENOSINE-5'-DIPHOSPHATE"
4 non-polymer 'MAGNESIUM ION'
#
loop_
_entity_poly.entity_id
_entity_poly.type
_entity_poly.pdbx_seq_one_letter_code
_entity_poly.pdbx_strand_id
1 'polypeptide(L)'
;DEDETTALVCDNGSGLVKAGFAGDDAPRAVFPSIVGRPRHQGVMVGMGQKDSYVGDEAQSKRGILTLKYPIE(HIC)GII
TNWDDMEKIWHHTFYNELRVAPEEHPTLLTEAPLNPKANREKMTQIMFETFNVPAMYVAIQAVLSLYASGRTTGIVLDSG
DGVTHNVPIYEGYALPHAIMRLDLAGRDLTDYLMKILTERGYSFVTTAEREIVRDIKEKLCYVALDFENEMATAASSSSL
EKSYELPDGQVITIGNERFRCPETLFQPSFIGMESAGIHETTYNSIMKCDIDIRKDLYANNVMSGGTTMYPGIADRMQKE
ITALAPSTMKIKIIAPPERKYSVWIGGSILASLSTFQQMWITKQEYDEAGPSIVHRKCF
;
A,B,C,D,E
2 'polypeptide(L)'
;(UNK)(UNK)(UNK)(UNK)(UNK)(UNK)(UNK)(UNK)(UNK)(UNK)(UNK)(UNK)(UNK)(UNK)(UNK)(UNK)
(UNK)(UNK)(UNK)(UNK)(UNK)(UNK)(UNK)(UNK)(UNK)(UNK)(UNK)(UNK)(UNK)(UNK)(UNK)(UNK)
(UNK)(UNK)(UNK)(UNK)(UNK)(UNK)(UNK)(UNK)(UNK)(UNK)(UNK)(UNK)(UNK)(UNK)(UNK)(UNK)
(UNK)(UNK)(UNK)(UNK)(UNK)(UNK)(UNK)(UNK)(UNK)(UNK)(UNK)(UNK)(UNK)(UNK)(UNK)(UNK)
(UNK)(UNK)(UNK)(UNK)(UNK)(UNK)(UNK)(UNK)(UNK)(UNK)(UNK)(UNK)(UNK)(UNK)(UNK)(UNK)
(UNK)(UNK)(UNK)(UNK)(UNK)(UNK)(UNK)(UNK)(UNK)(UNK)(UNK)(UNK)(UNK)(UNK)(UNK)(UNK)
(UNK)(UNK)(UNK)(UNK)(UNK)(UNK)(UNK)(UNK)(UNK)(UNK)(UNK)(UNK)(UNK)(UNK)(UNK)(UNK)
(UNK)(UNK)(UNK)(UNK)(UNK)(UNK)(UNK)(UNK)(UNK)(UNK)(UNK)(UNK)(UNK)(UNK)(UNK)(UNK)
(UNK)(UNK)(UNK)(UNK)(UNK)(UNK)(UNK)
;
F,G
#
loop_
_chem_comp.id
_chem_comp.type
_chem_comp.name
_chem_comp.formula
ADP non-polymer ADENOSINE-5'-DIPHOSPHATE 'C10 H15 N5 O10 P2'
MG non-polymer 'MAGNESIUM ION' 'Mg 2'
#
# COMPACT_ATOMS: atom_id res chain seq x y z
N THR A 5 15.55 14.86 -32.78
CA THR A 5 14.92 13.57 -32.39
C THR A 5 14.42 13.49 -30.97
N THR A 6 15.07 14.21 -30.07
CA THR A 6 14.75 14.21 -28.63
C THR A 6 14.42 12.83 -28.06
N ALA A 7 13.56 12.77 -27.05
CA ALA A 7 13.10 11.51 -26.49
C ALA A 7 11.77 11.71 -25.78
N LEU A 8 11.08 10.59 -25.59
CA LEU A 8 9.89 10.52 -24.74
C LEU A 8 10.19 9.90 -23.42
N VAL A 9 9.64 10.48 -22.35
CA VAL A 9 9.81 9.95 -21.00
C VAL A 9 8.40 9.58 -20.52
N CYS A 10 8.18 8.29 -20.31
CA CYS A 10 6.85 7.78 -19.90
C CYS A 10 6.98 7.17 -18.50
N ASP A 11 6.41 7.83 -17.50
CA ASP A 11 6.37 7.29 -16.15
C ASP A 11 5.03 6.60 -15.95
N ASN A 12 5.07 5.26 -16.01
CA ASN A 12 3.90 4.41 -15.89
C ASN A 12 3.83 3.90 -14.44
N GLY A 13 3.16 4.64 -13.55
CA GLY A 13 2.87 4.11 -12.21
C GLY A 13 1.40 3.76 -12.18
N SER A 14 1.00 2.94 -11.19
CA SER A 14 -0.40 2.75 -10.94
C SER A 14 -1.01 4.11 -10.62
N GLY A 15 -2.24 4.31 -11.05
CA GLY A 15 -2.98 5.54 -10.72
C GLY A 15 -2.76 6.76 -11.61
N LEU A 16 -1.54 7.02 -12.07
CA LEU A 16 -1.27 8.12 -12.98
C LEU A 16 -0.20 7.78 -13.97
N VAL A 17 -0.42 8.15 -15.25
CA VAL A 17 0.64 8.15 -16.27
C VAL A 17 1.15 9.59 -16.35
N LYS A 18 2.46 9.81 -16.25
CA LYS A 18 3.09 11.09 -16.50
C LYS A 18 3.96 10.96 -17.72
N ALA A 19 3.69 11.70 -18.79
CA ALA A 19 4.48 11.52 -20.01
C ALA A 19 4.69 12.87 -20.69
N GLY A 20 5.74 12.94 -21.49
CA GLY A 20 6.19 14.19 -22.02
C GLY A 20 7.50 14.01 -22.76
N PHE A 21 7.93 15.10 -23.39
CA PHE A 21 9.21 15.15 -24.05
C PHE A 21 10.35 15.37 -23.09
N ALA A 22 11.45 14.71 -23.39
CA ALA A 22 12.65 14.92 -22.55
C ALA A 22 13.21 16.33 -22.66
N GLY A 23 13.99 16.69 -21.64
CA GLY A 23 14.52 18.03 -21.50
C GLY A 23 13.49 19.10 -21.13
N ASP A 24 12.31 18.76 -20.58
CA ASP A 24 11.31 19.76 -20.23
C ASP A 24 11.11 19.73 -18.69
N ASP A 25 10.51 20.77 -18.15
CA ASP A 25 10.42 20.94 -16.69
C ASP A 25 9.35 20.03 -16.06
N ALA A 26 8.33 19.68 -16.86
CA ALA A 26 7.20 18.93 -16.34
C ALA A 26 6.57 18.11 -17.45
N PRO A 27 5.88 17.03 -17.10
CA PRO A 27 5.18 16.20 -18.09
C PRO A 27 3.98 16.95 -18.62
N ARG A 28 3.78 16.85 -19.93
CA ARG A 28 2.58 17.48 -20.52
C ARG A 28 1.30 16.70 -20.30
N ALA A 29 1.32 15.39 -20.54
CA ALA A 29 0.12 14.60 -20.32
C ALA A 29 0.19 13.91 -18.99
N VAL A 30 -0.78 14.15 -18.10
CA VAL A 30 -0.77 13.49 -16.79
C VAL A 30 -2.21 13.11 -16.54
N PHE A 31 -2.50 11.83 -16.63
CA PHE A 31 -3.87 11.41 -16.48
C PHE A 31 -3.92 10.07 -15.79
N PRO A 32 -5.09 9.67 -15.26
CA PRO A 32 -5.14 8.44 -14.49
C PRO A 32 -4.98 7.21 -15.37
N SER A 33 -4.33 6.15 -14.88
CA SER A 33 -4.26 4.88 -15.63
C SER A 33 -5.53 4.12 -15.37
N ILE A 34 -6.59 4.44 -16.10
CA ILE A 34 -7.86 3.73 -15.97
C ILE A 34 -8.42 3.41 -17.34
N VAL A 35 -9.07 2.25 -17.41
CA VAL A 35 -9.75 1.80 -18.63
C VAL A 35 -11.21 1.61 -18.24
N GLY A 36 -12.03 2.63 -18.51
CA GLY A 36 -13.45 2.55 -18.21
C GLY A 36 -14.21 1.68 -19.20
N ARG A 37 -15.10 0.84 -18.73
CA ARG A 37 -16.00 0.10 -19.62
C ARG A 37 -17.43 0.22 -19.08
N PRO A 38 -18.40 0.47 -19.97
CA PRO A 38 -19.75 0.73 -19.52
C PRO A 38 -20.28 -0.40 -18.64
N ARG A 39 -20.90 -0.04 -17.52
CA ARG A 39 -21.39 -1.06 -16.59
C ARG A 39 -22.73 -1.53 -17.12
N HIS A 40 -23.54 -0.55 -17.52
CA HIS A 40 -24.87 -0.81 -18.04
C HIS A 40 -24.94 -0.76 -19.56
N GLN A 41 -25.37 -1.87 -20.15
CA GLN A 41 -25.58 -1.94 -21.59
C GLN A 41 -26.57 -0.85 -22.01
N GLY A 42 -26.10 0.11 -22.81
CA GLY A 42 -26.84 1.31 -23.10
C GLY A 42 -27.66 1.26 -24.37
N VAL A 43 -28.94 1.62 -24.29
CA VAL A 43 -29.81 1.59 -25.44
C VAL A 43 -30.04 3.03 -25.94
N MET A 44 -29.25 3.41 -26.92
CA MET A 44 -29.46 4.64 -27.72
C MET A 44 -28.99 4.31 -29.14
N VAL A 45 -29.07 5.28 -30.04
CA VAL A 45 -28.47 5.16 -31.36
C VAL A 45 -27.72 6.48 -31.63
N GLY A 46 -26.49 6.39 -32.12
CA GLY A 46 -25.60 7.55 -32.19
C GLY A 46 -24.74 7.74 -30.95
N MET A 47 -25.16 7.17 -29.83
CA MET A 47 -24.35 7.18 -28.62
C MET A 47 -22.94 6.61 -28.85
N GLY A 48 -21.97 7.07 -28.09
CA GLY A 48 -20.62 6.49 -28.13
C GLY A 48 -20.19 5.98 -29.51
N GLN A 49 -20.27 4.67 -29.78
CA GLN A 49 -20.67 3.61 -28.82
C GLN A 49 -19.59 3.37 -27.74
N LYS A 50 -18.34 3.64 -28.11
CA LYS A 50 -17.22 3.73 -27.17
C LYS A 50 -17.14 2.61 -26.14
N ASP A 51 -16.83 1.43 -26.65
CA ASP A 51 -16.80 0.18 -25.87
C ASP A 51 -15.80 0.25 -24.72
N SER A 52 -14.76 1.07 -24.92
CA SER A 52 -13.75 1.26 -23.89
C SER A 52 -13.38 2.72 -23.81
N TYR A 53 -13.39 3.31 -22.62
CA TYR A 53 -12.94 4.65 -22.38
C TYR A 53 -11.62 4.56 -21.64
N VAL A 54 -10.82 5.60 -21.74
CA VAL A 54 -9.45 5.57 -21.15
C VAL A 54 -9.02 6.92 -20.57
N GLY A 55 -8.38 6.88 -19.40
CA GLY A 55 -7.79 8.09 -18.81
C GLY A 55 -8.77 9.09 -18.25
N ASP A 56 -8.47 10.36 -18.48
CA ASP A 56 -9.31 11.45 -17.99
C ASP A 56 -10.72 11.35 -18.53
N GLU A 57 -10.86 10.88 -19.76
CA GLU A 57 -12.15 10.67 -20.41
C GLU A 57 -12.98 9.71 -19.55
N ALA A 58 -12.37 8.63 -19.06
CA ALA A 58 -13.07 7.71 -18.14
C ALA A 58 -13.45 8.44 -16.87
N GLN A 59 -12.58 9.29 -16.37
CA GLN A 59 -12.90 10.08 -15.18
C GLN A 59 -14.15 10.93 -15.39
N SER A 60 -14.29 11.50 -16.57
CA SER A 60 -15.47 12.27 -16.88
C SER A 60 -16.78 11.49 -16.73
N LYS A 61 -16.76 10.22 -17.06
CA LYS A 61 -17.93 9.36 -17.00
C LYS A 61 -17.82 8.16 -16.04
N ARG A 62 -17.63 8.41 -14.76
CA ARG A 62 -17.46 7.31 -13.80
C ARG A 62 -18.78 6.59 -13.51
N GLY A 63 -19.90 7.31 -13.50
CA GLY A 63 -21.13 6.72 -13.03
C GLY A 63 -21.69 5.68 -14.01
N ILE A 64 -21.27 5.72 -15.24
CA ILE A 64 -21.64 4.68 -16.20
C ILE A 64 -20.61 3.57 -16.08
N LEU A 65 -19.32 3.94 -15.98
CA LEU A 65 -18.26 2.98 -16.21
C LEU A 65 -17.86 2.22 -14.97
N THR A 66 -17.35 1.01 -15.25
CA THR A 66 -16.56 0.26 -14.25
C THR A 66 -15.12 0.64 -14.49
N LEU A 67 -14.47 1.19 -13.49
CA LEU A 67 -13.07 1.60 -13.70
C LEU A 67 -12.17 0.47 -13.34
N LYS A 68 -11.09 0.33 -14.12
CA LYS A 68 -10.23 -0.80 -14.02
C LYS A 68 -8.81 -0.28 -14.13
N TYR A 69 -8.08 -0.29 -13.00
CA TYR A 69 -6.62 -0.08 -13.04
C TYR A 69 -5.92 -1.29 -13.70
N PRO A 70 -5.23 -1.08 -14.83
CA PRO A 70 -4.55 -2.16 -15.51
C PRO A 70 -3.33 -2.66 -14.75
N ILE A 71 -2.81 -1.85 -13.82
CA ILE A 71 -1.51 -2.09 -13.18
C ILE A 71 -1.71 -2.04 -11.67
N GLU A 72 -1.32 -3.13 -11.01
CA GLU A 72 -1.56 -3.31 -9.57
C GLU A 72 -0.30 -3.67 -8.79
N HIC A 73 0.11 -2.76 -7.90
CA HIC A 73 1.33 -2.91 -7.15
C HIC A 73 2.51 -2.98 -8.10
O HIC A 73 3.37 -3.86 -7.96
CB HIC A 73 1.34 -4.18 -6.30
CG HIC A 73 0.05 -4.43 -5.56
ND1 HIC A 73 -0.75 -3.50 -5.03
CD2 HIC A 73 -0.56 -5.65 -5.35
CE1 HIC A 73 -1.80 -4.09 -4.50
NE2 HIC A 73 -1.70 -5.41 -4.67
CZ HIC A 73 -2.68 -6.40 -4.20
N GLY A 74 2.55 -2.09 -9.08
CA GLY A 74 3.66 -2.05 -10.06
C GLY A 74 3.58 -3.17 -11.09
N ILE A 75 2.91 -4.29 -10.80
CA ILE A 75 2.84 -5.43 -11.68
C ILE A 75 1.76 -5.15 -12.71
N ILE A 76 2.02 -5.41 -14.00
CA ILE A 76 0.98 -5.25 -15.00
C ILE A 76 0.01 -6.43 -14.89
N THR A 77 -1.28 -6.15 -14.71
CA THR A 77 -2.28 -7.17 -14.50
C THR A 77 -2.96 -7.51 -15.82
N ASN A 78 -3.23 -6.51 -16.65
CA ASN A 78 -4.04 -6.70 -17.85
C ASN A 78 -3.36 -5.93 -18.99
N TRP A 79 -2.84 -6.68 -19.95
CA TRP A 79 -1.80 -6.19 -20.86
C TRP A 79 -2.41 -5.37 -21.98
N ASP A 80 -3.52 -5.82 -22.52
CA ASP A 80 -4.15 -5.05 -23.57
C ASP A 80 -4.70 -3.77 -23.04
N ASP A 81 -5.16 -3.71 -21.78
CA ASP A 81 -5.58 -2.45 -21.19
C ASP A 81 -4.39 -1.47 -21.11
N MET A 82 -3.22 -1.97 -20.69
CA MET A 82 -2.04 -1.15 -20.63
C MET A 82 -1.67 -0.62 -22.01
N GLU A 83 -1.73 -1.50 -22.99
CA GLU A 83 -1.49 -1.14 -24.40
C GLU A 83 -2.45 -0.03 -24.78
N LYS A 84 -3.73 -0.14 -24.42
CA LYS A 84 -4.69 0.89 -24.73
C LYS A 84 -4.29 2.24 -24.15
N ILE A 85 -3.86 2.25 -22.88
CA ILE A 85 -3.48 3.54 -22.29
C ILE A 85 -2.24 4.08 -22.98
N TRP A 86 -1.32 3.22 -23.39
CA TRP A 86 -0.16 3.74 -24.12
C TRP A 86 -0.56 4.34 -25.46
N HIS A 87 -1.41 3.64 -26.18
CA HIS A 87 -1.80 4.11 -27.52
C HIS A 87 -2.51 5.45 -27.39
N HIS A 88 -3.41 5.53 -26.42
CA HIS A 88 -4.13 6.80 -26.20
C HIS A 88 -3.13 7.90 -25.85
N THR A 89 -2.20 7.60 -24.98
CA THR A 89 -1.17 8.52 -24.55
C THR A 89 -0.41 9.11 -25.78
N PHE A 90 0.11 8.26 -26.62
CA PHE A 90 0.94 8.70 -27.70
C PHE A 90 0.17 9.50 -28.76
N TYR A 91 -0.96 8.99 -29.18
CA TYR A 91 -1.65 9.63 -30.31
C TYR A 91 -2.62 10.74 -29.89
N ASN A 92 -3.23 10.66 -28.73
CA ASN A 92 -4.27 11.55 -28.32
C ASN A 92 -3.82 12.66 -27.39
N GLU A 93 -2.64 12.55 -26.75
CA GLU A 93 -2.09 13.62 -25.94
C GLU A 93 -0.78 14.17 -26.47
N LEU A 94 0.21 13.32 -26.64
CA LEU A 94 1.52 13.76 -27.16
C LEU A 94 1.57 13.90 -28.67
N ARG A 95 0.63 13.27 -29.34
CA ARG A 95 0.43 13.47 -30.77
C ARG A 95 1.66 13.15 -31.58
N VAL A 96 2.18 11.95 -31.35
CA VAL A 96 3.52 11.62 -31.87
C VAL A 96 3.63 10.17 -32.36
N ALA A 97 4.37 10.00 -33.45
CA ALA A 97 4.73 8.69 -33.97
C ALA A 97 5.92 8.23 -33.14
N PRO A 98 5.77 7.11 -32.42
CA PRO A 98 6.86 6.55 -31.63
C PRO A 98 8.11 6.20 -32.40
N GLU A 99 8.00 5.98 -33.69
CA GLU A 99 9.13 5.69 -34.55
C GLU A 99 10.10 6.87 -34.71
N GLU A 100 9.71 8.06 -34.26
CA GLU A 100 10.52 9.26 -34.35
C GLU A 100 11.28 9.54 -33.05
N HIS A 101 10.97 8.83 -31.97
CA HIS A 101 11.70 9.07 -30.70
C HIS A 101 12.14 7.80 -29.97
N PRO A 102 13.30 7.82 -29.33
CA PRO A 102 13.62 6.83 -28.32
C PRO A 102 12.74 7.15 -27.08
N THR A 103 12.42 6.09 -26.37
CA THR A 103 11.46 6.19 -25.28
C THR A 103 12.01 5.57 -24.03
N LEU A 104 12.06 6.39 -22.97
CA LEU A 104 12.51 5.93 -21.65
C LEU A 104 11.25 5.62 -20.83
N LEU A 105 11.14 4.37 -20.33
CA LEU A 105 10.07 3.93 -19.50
C LEU A 105 10.54 3.70 -18.10
N THR A 106 9.58 3.60 -17.22
CA THR A 106 9.83 3.51 -15.78
C THR A 106 9.31 2.21 -15.21
N GLU A 107 9.83 1.81 -14.06
CA GLU A 107 9.27 0.66 -13.32
C GLU A 107 9.81 0.69 -11.92
N ALA A 108 9.06 0.03 -11.05
CA ALA A 108 9.49 -0.18 -9.67
C ALA A 108 10.64 -1.16 -9.58
N PRO A 109 11.54 -0.99 -8.58
CA PRO A 109 12.51 -2.02 -8.31
C PRO A 109 11.89 -3.33 -7.83
N LEU A 110 12.63 -4.43 -7.94
CA LEU A 110 12.28 -5.73 -7.37
C LEU A 110 10.99 -6.33 -7.94
N ASN A 111 10.74 -6.03 -9.22
CA ASN A 111 9.44 -6.17 -9.88
C ASN A 111 9.64 -7.38 -10.82
N PRO A 112 8.64 -8.26 -10.94
CA PRO A 112 8.78 -9.43 -11.78
C PRO A 112 9.30 -9.18 -13.20
N LYS A 113 10.07 -10.14 -13.72
CA LYS A 113 10.80 -9.98 -14.97
C LYS A 113 9.80 -9.84 -16.11
N ALA A 114 8.62 -10.45 -16.00
CA ALA A 114 7.59 -10.33 -17.01
C ALA A 114 7.24 -8.89 -17.41
N ASN A 115 7.34 -7.95 -16.50
CA ASN A 115 7.01 -6.58 -16.83
C ASN A 115 8.03 -5.98 -17.77
N ARG A 116 9.32 -6.20 -17.52
CA ARG A 116 10.33 -5.55 -18.40
C ARG A 116 10.22 -6.17 -19.82
N GLU A 117 10.19 -7.50 -19.84
CA GLU A 117 10.28 -8.20 -21.13
C GLU A 117 9.05 -7.97 -21.98
N LYS A 118 7.88 -8.14 -21.39
CA LYS A 118 6.62 -7.91 -22.11
C LYS A 118 6.54 -6.45 -22.55
N MET A 119 6.94 -5.55 -21.67
CA MET A 119 6.82 -4.12 -21.92
C MET A 119 7.65 -3.75 -23.18
N THR A 120 8.92 -4.19 -23.13
CA THR A 120 9.83 -3.92 -24.23
C THR A 120 9.34 -4.55 -25.51
N GLN A 121 8.80 -5.77 -25.42
CA GLN A 121 8.24 -6.47 -26.56
C GLN A 121 7.13 -5.63 -27.22
N ILE A 122 6.26 -5.08 -26.38
CA ILE A 122 5.19 -4.24 -26.89
C ILE A 122 5.73 -2.98 -27.54
N MET A 123 6.69 -2.33 -26.89
CA MET A 123 7.21 -1.11 -27.40
C MET A 123 7.89 -1.30 -28.73
N PHE A 124 8.61 -2.38 -28.90
CA PHE A 124 9.28 -2.63 -30.17
C PHE A 124 8.28 -3.14 -31.22
N GLU A 125 7.46 -4.11 -30.86
CA GLU A 125 6.63 -4.81 -31.87
C GLU A 125 5.35 -4.06 -32.20
N THR A 126 4.65 -3.58 -31.18
CA THR A 126 3.30 -3.02 -31.45
C THR A 126 3.42 -1.53 -31.85
N PHE A 127 4.02 -0.76 -30.98
CA PHE A 127 4.50 0.57 -31.34
C PHE A 127 5.82 0.13 -31.94
N ASN A 128 6.37 0.92 -32.85
CA ASN A 128 7.72 0.66 -33.35
C ASN A 128 8.58 1.78 -32.86
N VAL A 129 9.64 1.42 -32.12
CA VAL A 129 10.49 2.43 -31.43
C VAL A 129 11.94 2.20 -31.86
N PRO A 130 12.72 3.28 -32.09
CA PRO A 130 14.07 3.09 -32.53
C PRO A 130 14.91 2.52 -31.42
N ALA A 131 14.67 3.01 -30.22
CA ALA A 131 15.39 2.52 -29.04
C ALA A 131 14.65 2.92 -27.78
N MET A 132 14.91 2.18 -26.72
CA MET A 132 14.22 2.42 -25.47
C MET A 132 15.07 1.98 -24.29
N TYR A 133 14.59 2.31 -23.09
CA TYR A 133 15.29 1.99 -21.87
C TYR A 133 14.26 1.91 -20.75
N VAL A 134 14.43 1.00 -19.79
CA VAL A 134 13.54 0.91 -18.65
C VAL A 134 14.41 1.17 -17.42
N ALA A 135 13.95 2.06 -16.55
CA ALA A 135 14.76 2.55 -15.44
C ALA A 135 14.04 2.30 -14.10
N ILE A 136 14.83 2.10 -13.06
CA ILE A 136 14.36 2.03 -11.68
C ILE A 136 13.92 3.43 -11.22
N GLN A 137 12.71 3.55 -10.68
CA GLN A 137 12.17 4.84 -10.29
C GLN A 137 13.06 5.65 -9.36
N ALA A 138 13.58 5.02 -8.30
CA ALA A 138 14.21 5.81 -7.23
C ALA A 138 15.44 6.55 -7.75
N VAL A 139 16.20 5.92 -8.62
CA VAL A 139 17.34 6.57 -9.25
C VAL A 139 16.92 7.82 -10.01
N LEU A 140 15.80 7.77 -10.72
CA LEU A 140 15.32 8.92 -11.47
C LEU A 140 15.01 10.07 -10.48
N SER A 141 14.33 9.75 -9.39
CA SER A 141 14.02 10.76 -8.41
C SER A 141 15.30 11.37 -7.81
N LEU A 142 16.29 10.53 -7.57
CA LEU A 142 17.55 11.02 -7.06
C LEU A 142 18.22 12.00 -8.04
N TYR A 143 18.18 11.68 -9.35
CA TYR A 143 18.63 12.66 -10.32
C TYR A 143 17.83 13.96 -10.26
N ALA A 144 16.51 13.83 -10.10
CA ALA A 144 15.66 15.01 -9.96
C ALA A 144 16.09 15.87 -8.76
N SER A 145 16.63 15.22 -7.75
CA SER A 145 17.04 15.99 -6.57
C SER A 145 18.27 16.81 -6.87
N GLY A 146 19.03 16.33 -7.88
CA GLY A 146 20.32 16.94 -8.24
C GLY A 146 21.44 16.47 -7.33
N ARG A 147 21.38 15.22 -6.91
CA ARG A 147 22.27 14.70 -5.86
C ARG A 147 22.67 13.27 -6.21
N THR A 148 23.77 12.81 -5.64
CA THR A 148 24.37 11.55 -6.06
C THR A 148 24.24 10.50 -4.96
N THR A 149 23.98 10.96 -3.74
CA THR A 149 24.00 10.11 -2.57
C THR A 149 22.71 10.35 -1.76
N GLY A 150 22.11 9.26 -1.32
CA GLY A 150 20.90 9.37 -0.52
C GLY A 150 20.04 8.14 -0.49
N ILE A 151 19.04 8.09 0.36
CA ILE A 151 18.18 6.91 0.38
C ILE A 151 16.82 7.38 -0.03
N VAL A 152 16.31 6.83 -1.13
CA VAL A 152 15.02 7.31 -1.63
C VAL A 152 13.83 6.56 -1.10
N LEU A 153 12.82 7.25 -0.55
CA LEU A 153 11.56 6.59 -0.23
C LEU A 153 10.58 7.04 -1.30
N ASP A 154 10.16 6.13 -2.19
CA ASP A 154 9.21 6.50 -3.25
C ASP A 154 7.92 5.78 -3.00
N SER A 155 6.92 6.52 -2.59
CA SER A 155 5.57 5.94 -2.39
C SER A 155 4.56 6.50 -3.44
N GLY A 156 4.14 5.62 -4.33
CA GLY A 156 3.25 5.94 -5.39
C GLY A 156 1.89 5.37 -5.00
N ASP A 157 1.10 5.00 -5.97
CA ASP A 157 -0.20 4.46 -5.74
C ASP A 157 -0.09 2.97 -5.50
N GLY A 158 0.81 2.29 -6.19
CA GLY A 158 0.90 0.83 -6.06
C GLY A 158 1.82 0.36 -4.91
N VAL A 159 2.99 0.99 -4.79
CA VAL A 159 4.07 0.40 -4.04
C VAL A 159 4.93 1.49 -3.44
N THR A 160 5.62 1.15 -2.35
CA THR A 160 6.54 2.05 -1.69
C THR A 160 7.91 1.36 -1.71
N HIS A 161 8.95 2.13 -2.01
CA HIS A 161 10.30 1.59 -1.98
C HIS A 161 11.24 2.36 -1.05
N ASN A 162 12.28 1.66 -0.67
CA ASN A 162 13.45 2.31 -0.16
C ASN A 162 14.57 1.82 -1.00
N VAL A 163 15.30 2.73 -1.68
CA VAL A 163 16.55 2.41 -2.39
C VAL A 163 17.69 3.31 -1.89
N PRO A 164 18.62 2.74 -1.15
CA PRO A 164 19.83 3.44 -0.77
C PRO A 164 20.83 3.53 -1.89
N ILE A 165 21.42 4.69 -2.09
CA ILE A 165 22.34 4.95 -3.20
C ILE A 165 23.54 5.72 -2.62
N TYR A 166 24.77 5.26 -2.84
CA TYR A 166 25.90 5.94 -2.29
C TYR A 166 26.87 6.37 -3.38
N GLU A 167 27.07 7.68 -3.50
CA GLU A 167 28.11 8.23 -4.38
C GLU A 167 27.93 7.68 -5.82
N GLY A 168 26.72 7.72 -6.33
CA GLY A 168 26.36 6.92 -7.50
C GLY A 168 26.05 5.51 -7.01
N TYR A 169 26.51 4.51 -7.74
CA TYR A 169 26.43 3.12 -7.31
C TYR A 169 25.02 2.72 -6.90
N ALA A 170 24.89 1.78 -5.99
CA ALA A 170 23.61 1.31 -5.50
C ALA A 170 23.87 0.16 -4.52
N LEU A 171 22.87 -0.21 -3.69
CA LEU A 171 23.02 -1.35 -2.82
C LEU A 171 21.79 -2.15 -3.01
N PRO A 172 21.81 -3.12 -3.93
CA PRO A 172 20.62 -3.94 -4.19
C PRO A 172 20.17 -4.78 -3.04
N HIS A 173 21.10 -5.28 -2.24
CA HIS A 173 20.75 -6.05 -1.06
C HIS A 173 19.99 -5.29 0.02
N ALA A 174 20.01 -3.95 0.01
CA ALA A 174 19.29 -3.13 0.94
C ALA A 174 18.00 -2.48 0.38
N ILE A 175 17.70 -2.79 -0.85
CA ILE A 175 16.47 -2.29 -1.47
C ILE A 175 15.25 -3.01 -0.87
N MET A 176 14.21 -2.25 -0.52
CA MET A 176 13.11 -2.82 0.25
C MET A 176 11.89 -2.27 -0.35
N ARG A 177 11.00 -3.14 -0.80
CA ARG A 177 9.72 -2.71 -1.34
C ARG A 177 8.65 -3.13 -0.41
N LEU A 178 7.55 -2.42 -0.50
CA LEU A 178 6.48 -2.59 0.44
C LEU A 178 5.17 -2.24 -0.29
N ASP A 179 4.15 -3.11 -0.31
CA ASP A 179 2.86 -2.76 -0.90
C ASP A 179 1.97 -2.06 0.14
N LEU A 180 2.28 -0.77 0.30
CA LEU A 180 1.41 0.19 0.95
C LEU A 180 1.48 1.48 0.20
N ALA A 181 0.34 2.06 -0.11
CA ALA A 181 0.30 3.07 -1.12
C ALA A 181 -1.10 3.61 -1.24
N GLY A 182 -1.22 4.71 -2.01
CA GLY A 182 -2.49 5.41 -2.19
C GLY A 182 -3.70 4.51 -2.43
N ARG A 183 -3.47 3.34 -3.04
CA ARG A 183 -4.61 2.46 -3.31
C ARG A 183 -5.05 1.76 -2.01
N ASP A 184 -4.07 1.26 -1.30
CA ASP A 184 -4.33 0.60 -0.01
C ASP A 184 -4.91 1.62 0.97
N LEU A 185 -4.36 2.82 0.98
CA LEU A 185 -4.84 3.84 1.88
C LEU A 185 -6.23 4.27 1.49
N THR A 186 -6.59 4.29 0.22
CA THR A 186 -7.92 4.71 -0.16
C THR A 186 -8.93 3.66 0.28
N ASP A 187 -8.61 2.38 0.14
CA ASP A 187 -9.50 1.33 0.59
C ASP A 187 -9.64 1.36 2.09
N TYR A 188 -8.54 1.59 2.79
CA TYR A 188 -8.64 1.68 4.27
C TYR A 188 -9.50 2.87 4.68
N LEU A 189 -9.34 3.99 3.96
CA LEU A 189 -10.18 5.16 4.22
C LEU A 189 -11.62 4.83 3.89
N MET A 190 -11.89 3.96 2.90
CA MET A 190 -13.22 3.48 2.68
C MET A 190 -13.89 2.85 3.91
N LYS A 191 -13.28 1.78 4.42
CA LYS A 191 -13.89 1.04 5.50
C LYS A 191 -13.88 1.87 6.78
N ILE A 192 -12.86 2.71 6.99
CA ILE A 192 -12.94 3.57 8.18
C ILE A 192 -14.00 4.66 8.04
N LEU A 193 -14.19 5.13 6.83
CA LEU A 193 -15.20 6.14 6.53
C LEU A 193 -16.63 5.64 6.72
N THR A 194 -16.82 4.36 6.49
CA THR A 194 -18.13 3.78 6.58
C THR A 194 -18.62 3.81 8.01
N GLU A 195 -17.74 4.00 9.04
CA GLU A 195 -18.17 4.03 10.43
C GLU A 195 -18.99 5.30 10.69
N ARG A 196 -18.81 6.37 9.90
CA ARG A 196 -19.71 7.54 9.96
C ARG A 196 -21.02 7.34 9.18
N GLY A 197 -21.16 6.24 8.47
CA GLY A 197 -22.41 5.94 7.78
C GLY A 197 -22.30 6.14 6.28
N TYR A 198 -21.15 6.63 5.84
CA TYR A 198 -20.99 7.07 4.48
C TYR A 198 -20.53 5.80 3.78
N SER A 199 -21.37 5.24 2.92
CA SER A 199 -21.05 3.99 2.24
C SER A 199 -20.61 4.26 0.81
N PHE A 200 -19.35 3.93 0.51
CA PHE A 200 -18.82 4.04 -0.84
C PHE A 200 -18.38 2.64 -1.25
N VAL A 201 -19.22 1.98 -2.03
CA VAL A 201 -19.01 0.58 -2.39
C VAL A 201 -18.28 0.45 -3.76
N THR A 202 -18.40 1.43 -4.65
CA THR A 202 -18.14 1.23 -6.10
C THR A 202 -16.78 1.80 -6.52
N THR A 203 -16.29 1.32 -7.67
CA THR A 203 -14.99 1.75 -8.17
C THR A 203 -14.98 3.27 -8.36
N ALA A 204 -16.03 3.78 -8.98
CA ALA A 204 -16.22 5.22 -9.16
C ALA A 204 -16.18 6.00 -7.86
N GLU A 205 -16.82 5.48 -6.81
CA GLU A 205 -16.76 6.10 -5.49
C GLU A 205 -15.37 6.02 -4.89
N ARG A 206 -14.63 4.95 -5.20
CA ARG A 206 -13.23 4.86 -4.72
C ARG A 206 -12.45 6.08 -5.18
N GLU A 207 -12.69 6.54 -6.41
CA GLU A 207 -12.00 7.73 -6.91
C GLU A 207 -12.42 8.98 -6.16
N ILE A 208 -13.71 9.03 -5.73
CA ILE A 208 -14.15 10.14 -4.90
C ILE A 208 -13.37 10.13 -3.57
N VAL A 209 -13.29 8.95 -2.95
CA VAL A 209 -12.56 8.95 -1.67
C VAL A 209 -11.09 9.23 -1.84
N ARG A 210 -10.52 8.85 -2.97
CA ARG A 210 -9.16 9.25 -3.33
C ARG A 210 -9.05 10.78 -3.34
N ASP A 211 -10.07 11.46 -3.85
CA ASP A 211 -10.04 12.91 -3.85
C ASP A 211 -10.10 13.44 -2.42
N ILE A 212 -10.92 12.82 -1.60
CA ILE A 212 -11.04 13.26 -0.21
C ILE A 212 -9.69 13.16 0.48
N LYS A 213 -9.04 12.02 0.29
CA LYS A 213 -7.74 11.71 0.88
C LYS A 213 -6.71 12.77 0.44
N GLU A 214 -6.74 13.04 -0.87
CA GLU A 214 -5.76 13.94 -1.45
C GLU A 214 -5.90 15.34 -0.87
N LYS A 215 -7.15 15.79 -0.70
CA LYS A 215 -7.31 17.12 -0.11
C LYS A 215 -7.13 17.15 1.40
N LEU A 216 -7.97 16.41 2.09
CA LEU A 216 -8.15 16.62 3.56
C LEU A 216 -7.15 15.92 4.45
N CYS A 217 -6.74 14.71 4.10
CA CYS A 217 -5.97 13.89 5.06
C CYS A 217 -4.60 14.47 5.32
N TYR A 218 -4.15 14.41 6.57
CA TYR A 218 -2.80 14.84 6.92
C TYR A 218 -2.21 13.80 7.88
N VAL A 219 -0.90 13.84 8.02
CA VAL A 219 -0.20 12.93 8.94
C VAL A 219 0.10 13.68 10.25
N ALA A 220 -0.41 13.09 11.31
CA ALA A 220 -0.25 13.63 12.64
C ALA A 220 1.20 13.50 13.12
N LEU A 221 1.65 14.42 13.95
CA LEU A 221 3.02 14.31 14.45
C LEU A 221 3.02 13.23 15.52
N ASP A 222 2.13 13.36 16.49
CA ASP A 222 1.91 12.32 17.46
C ASP A 222 0.48 11.80 17.28
N PHE A 223 0.35 10.48 17.15
CA PHE A 223 -0.93 9.84 16.84
C PHE A 223 -1.97 9.89 17.96
N GLU A 224 -1.64 9.20 19.05
CA GLU A 224 -2.64 8.97 20.08
C GLU A 224 -3.00 10.27 20.76
N ASN A 225 -2.10 11.24 20.85
CA ASN A 225 -2.48 12.53 21.38
C ASN A 225 -3.52 13.20 20.50
N GLU A 226 -3.33 13.13 19.18
CA GLU A 226 -4.30 13.70 18.27
C GLU A 226 -5.64 12.99 18.33
N MET A 227 -5.59 11.68 18.51
CA MET A 227 -6.83 10.90 18.68
C MET A 227 -7.53 11.32 19.95
N ALA A 228 -6.78 11.61 20.99
CA ALA A 228 -7.36 12.05 22.27
C ALA A 228 -8.08 13.38 22.06
N THR A 229 -7.47 14.28 21.32
CA THR A 229 -8.00 15.62 21.14
C THR A 229 -9.15 15.63 20.11
N ALA A 230 -9.22 14.58 19.28
CA ALA A 230 -10.42 14.31 18.51
C ALA A 230 -11.68 14.14 19.38
N ALA A 231 -11.53 13.81 20.67
CA ALA A 231 -12.68 13.79 21.58
C ALA A 231 -13.53 15.07 21.52
N SER A 232 -12.90 16.24 21.68
CA SER A 232 -13.59 17.51 21.60
C SER A 232 -13.45 18.18 20.20
N SER A 233 -14.38 17.88 19.30
CA SER A 233 -14.19 18.21 17.88
C SER A 233 -14.16 19.71 17.63
N SER A 234 -13.05 20.19 17.09
CA SER A 234 -12.88 21.62 16.85
C SER A 234 -12.44 21.77 15.39
N SER A 235 -11.15 21.88 15.14
CA SER A 235 -10.63 22.00 13.78
C SER A 235 -10.50 20.65 13.05
N LEU A 236 -10.60 19.54 13.78
CA LEU A 236 -10.25 18.27 13.21
C LEU A 236 -11.35 17.79 12.29
N GLU A 237 -12.62 17.93 12.66
CA GLU A 237 -13.66 17.71 11.61
C GLU A 237 -13.64 18.79 10.53
N LYS A 238 -13.64 18.37 9.27
CA LYS A 238 -13.74 19.30 8.16
C LYS A 238 -14.90 18.83 7.30
N SER A 239 -15.58 19.78 6.69
CA SER A 239 -16.65 19.47 5.73
C SER A 239 -16.07 19.29 4.31
N TYR A 240 -16.46 18.22 3.63
CA TYR A 240 -16.12 18.05 2.23
C TYR A 240 -17.42 17.87 1.50
N GLU A 241 -17.47 18.33 0.25
CA GLU A 241 -18.69 18.21 -0.57
C GLU A 241 -18.49 17.24 -1.74
N LEU A 242 -19.38 16.24 -1.84
CA LEU A 242 -19.34 15.31 -2.95
C LEU A 242 -19.81 15.96 -4.24
N PRO A 243 -19.55 15.33 -5.38
CA PRO A 243 -20.12 15.78 -6.65
C PRO A 243 -21.65 15.78 -6.69
N ASP A 244 -22.31 14.96 -5.89
CA ASP A 244 -23.77 14.90 -5.79
C ASP A 244 -24.34 16.18 -5.14
N GLY A 245 -23.54 16.79 -4.27
CA GLY A 245 -24.01 17.91 -3.46
C GLY A 245 -24.07 17.60 -1.97
N GLN A 246 -23.92 16.34 -1.57
CA GLN A 246 -23.97 15.99 -0.17
C GLN A 246 -22.70 16.44 0.50
N VAL A 247 -22.81 16.60 1.84
CA VAL A 247 -21.73 17.08 2.70
C VAL A 247 -21.29 15.94 3.61
N ILE A 248 -19.99 15.69 3.62
CA ILE A 248 -19.39 14.66 4.47
C ILE A 248 -18.63 15.46 5.51
N THR A 249 -18.66 15.03 6.77
CA THR A 249 -17.85 15.61 7.81
C THR A 249 -16.97 14.53 8.38
N ILE A 250 -15.64 14.70 8.31
CA ILE A 250 -14.70 13.69 8.75
C ILE A 250 -13.71 14.23 9.74
N GLY A 251 -13.66 13.61 10.93
CA GLY A 251 -12.77 14.07 11.98
C GLY A 251 -11.43 13.36 12.12
N ASN A 252 -11.40 12.32 12.96
CA ASN A 252 -10.18 11.53 13.14
C ASN A 252 -9.83 10.68 11.90
N GLU A 253 -10.83 10.37 11.08
CA GLU A 253 -10.58 9.66 9.83
C GLU A 253 -9.63 10.44 8.92
N ARG A 254 -9.61 11.76 9.04
CA ARG A 254 -8.67 12.60 8.27
C ARG A 254 -7.21 12.19 8.45
N PHE A 255 -6.83 11.96 9.71
CA PHE A 255 -5.40 11.68 9.99
C PHE A 255 -5.10 10.19 10.25
N ARG A 256 -6.10 9.42 10.68
CA ARG A 256 -5.89 7.99 10.86
C ARG A 256 -5.81 7.25 9.54
N CYS A 257 -6.34 7.77 8.43
CA CYS A 257 -6.03 7.16 7.13
C CYS A 257 -4.54 7.05 6.82
N PRO A 258 -3.75 8.14 6.78
CA PRO A 258 -2.33 8.01 6.48
C PRO A 258 -1.47 7.46 7.61
N GLU A 259 -2.05 7.37 8.83
CA GLU A 259 -1.31 6.74 9.93
C GLU A 259 -0.95 5.30 9.57
N THR A 260 -1.69 4.67 8.67
CA THR A 260 -1.42 3.33 8.18
C THR A 260 -0.02 3.18 7.62
N LEU A 261 0.59 4.20 7.00
CA LEU A 261 1.97 4.08 6.54
C LEU A 261 2.93 3.78 7.69
N PHE A 262 2.69 4.38 8.86
CA PHE A 262 3.51 4.15 10.03
C PHE A 262 3.05 2.94 10.81
N GLN A 263 1.77 2.58 10.69
CA GLN A 263 1.20 1.45 11.44
C GLN A 263 0.43 0.55 10.47
N PRO A 264 1.14 -0.28 9.68
CA PRO A 264 0.46 -1.18 8.73
C PRO A 264 -0.39 -2.23 9.39
N SER A 265 -0.33 -2.36 10.71
CA SER A 265 -1.24 -3.20 11.47
C SER A 265 -2.70 -2.75 11.32
N PHE A 266 -2.95 -1.51 10.90
CA PHE A 266 -4.33 -1.08 10.64
C PHE A 266 -4.98 -1.85 9.50
N ILE A 267 -4.18 -2.25 8.52
CA ILE A 267 -4.63 -3.06 7.37
C ILE A 267 -4.43 -4.55 7.66
N GLY A 268 -3.91 -4.88 8.83
CA GLY A 268 -3.57 -6.26 9.13
C GLY A 268 -2.35 -6.78 8.41
N MET A 269 -1.34 -5.91 8.21
CA MET A 269 -0.06 -6.38 7.68
C MET A 269 1.00 -6.37 8.76
N GLU A 270 1.88 -7.36 8.77
CA GLU A 270 2.97 -7.41 9.75
C GLU A 270 4.19 -6.55 9.37
N SER A 271 4.20 -6.12 8.11
CA SER A 271 5.28 -5.25 7.67
C SER A 271 5.44 -4.01 8.55
N ALA A 272 6.69 -3.71 8.88
CA ALA A 272 6.98 -2.56 9.68
C ALA A 272 6.63 -1.26 8.93
N GLY A 273 6.31 -0.25 9.71
CA GLY A 273 6.00 1.07 9.15
C GLY A 273 7.09 1.56 8.24
N ILE A 274 6.82 2.60 7.45
CA ILE A 274 7.78 3.13 6.48
C ILE A 274 9.05 3.66 7.14
N HIS A 275 8.93 4.16 8.38
CA HIS A 275 10.08 4.64 9.11
C HIS A 275 10.98 3.47 9.54
N GLU A 276 10.39 2.35 9.91
CA GLU A 276 11.17 1.18 10.25
C GLU A 276 11.79 0.55 9.03
N THR A 277 11.15 0.65 7.87
CA THR A 277 11.72 0.12 6.64
C THR A 277 12.82 1.02 6.12
N THR A 278 12.70 2.33 6.29
CA THR A 278 13.83 3.19 5.91
C THR A 278 15.00 2.96 6.84
N TYR A 279 14.74 2.92 8.14
CA TYR A 279 15.74 2.65 9.15
C TYR A 279 16.40 1.27 8.87
N ASN A 280 15.55 0.29 8.58
CA ASN A 280 16.03 -1.06 8.35
C ASN A 280 16.91 -1.07 7.10
N SER A 281 16.53 -0.35 6.07
CA SER A 281 17.32 -0.27 4.85
C SER A 281 18.69 0.34 5.14
N ILE A 282 18.72 1.37 5.97
CA ILE A 282 19.99 1.97 6.35
C ILE A 282 20.86 0.98 7.11
N MET A 283 20.24 0.20 8.00
CA MET A 283 20.98 -0.84 8.71
C MET A 283 21.69 -1.81 7.82
N LYS A 284 20.96 -2.20 6.78
CA LYS A 284 21.52 -3.18 5.85
C LYS A 284 22.73 -2.64 5.14
N CYS A 285 23.00 -1.34 5.15
CA CYS A 285 24.11 -0.78 4.41
C CYS A 285 25.38 -0.79 5.28
N ASP A 286 26.52 -0.67 4.61
CA ASP A 286 27.81 -0.76 5.25
C ASP A 286 27.94 0.38 6.29
N ILE A 287 28.56 0.04 7.40
CA ILE A 287 28.66 0.98 8.53
C ILE A 287 29.20 2.33 8.11
N ASP A 288 30.13 2.37 7.16
CA ASP A 288 30.72 3.64 6.70
C ASP A 288 29.67 4.68 6.18
N ILE A 289 28.68 4.27 5.41
CA ILE A 289 27.94 5.22 4.62
C ILE A 289 26.63 5.62 5.28
N ARG A 290 26.33 5.04 6.45
CA ARG A 290 24.97 5.25 7.00
C ARG A 290 24.71 6.72 7.34
N LYS A 291 25.74 7.41 7.78
CA LYS A 291 25.59 8.80 8.14
C LYS A 291 25.11 9.65 6.97
N ASP A 292 25.64 9.37 5.75
CA ASP A 292 25.19 10.13 4.60
C ASP A 292 23.73 9.81 4.31
N LEU A 293 23.33 8.55 4.41
CA LEU A 293 21.99 8.16 4.10
C LEU A 293 20.99 8.83 5.05
N TYR A 294 21.32 8.77 6.31
CA TYR A 294 20.49 9.44 7.34
C TYR A 294 20.41 10.90 7.03
N ALA A 295 21.50 11.52 6.58
CA ALA A 295 21.42 12.94 6.29
C ALA A 295 20.52 13.20 5.11
N ASN A 296 20.72 12.36 4.11
CA ASN A 296 20.23 12.65 2.78
C ASN A 296 18.95 12.02 2.31
N ASN A 297 18.09 11.51 3.20
CA ASN A 297 16.93 10.69 2.75
C ASN A 297 15.85 11.49 1.99
N VAL A 298 15.46 11.01 0.82
CA VAL A 298 14.71 11.77 -0.15
C VAL A 298 13.31 11.18 -0.21
N MET A 299 12.34 11.98 -0.57
CA MET A 299 10.99 11.49 -0.73
C MET A 299 10.45 11.78 -2.12
N SER A 300 9.69 10.82 -2.62
CA SER A 300 9.10 10.93 -3.94
C SER A 300 7.69 10.35 -3.98
N GLY A 301 6.89 10.79 -4.93
CA GLY A 301 5.67 10.11 -5.24
C GLY A 301 4.45 10.74 -4.62
N GLY A 302 3.30 10.39 -5.16
CA GLY A 302 2.05 11.02 -4.69
C GLY A 302 1.72 10.75 -3.23
N THR A 303 2.08 9.56 -2.75
CA THR A 303 1.77 9.17 -1.37
C THR A 303 2.73 9.79 -0.40
N THR A 304 3.71 10.58 -0.87
CA THR A 304 4.48 11.43 0.04
C THR A 304 3.88 12.83 0.22
N MET A 305 2.76 13.12 -0.45
CA MET A 305 2.20 14.44 -0.48
C MET A 305 1.38 14.82 0.72
N TYR A 306 1.05 13.87 1.62
CA TYR A 306 0.32 14.28 2.84
C TYR A 306 1.05 15.29 3.69
N PRO A 307 0.38 16.42 4.00
CA PRO A 307 0.99 17.40 4.88
C PRO A 307 1.32 16.71 6.20
N GLY A 308 2.46 17.06 6.76
CA GLY A 308 2.92 16.49 8.01
C GLY A 308 3.85 15.30 7.90
N ILE A 309 4.02 14.71 6.70
CA ILE A 309 4.74 13.45 6.59
C ILE A 309 6.22 13.61 7.00
N ALA A 310 6.88 14.60 6.45
CA ALA A 310 8.29 14.78 6.69
C ALA A 310 8.60 14.98 8.18
N ASP A 311 7.77 15.75 8.88
CA ASP A 311 7.99 16.01 10.27
C ASP A 311 7.84 14.72 11.10
N ARG A 312 6.84 13.93 10.75
CA ARG A 312 6.70 12.67 11.49
C ARG A 312 7.86 11.73 11.20
N MET A 313 8.32 11.72 9.97
CA MET A 313 9.49 10.90 9.62
C MET A 313 10.73 11.33 10.47
N GLN A 314 10.93 12.63 10.54
CA GLN A 314 12.03 13.15 11.32
C GLN A 314 11.92 12.78 12.78
N LYS A 315 10.72 12.78 13.36
CA LYS A 315 10.55 12.32 14.70
C LYS A 315 10.90 10.83 14.80
N GLU A 316 10.35 10.00 13.93
CA GLU A 316 10.37 8.57 14.16
C GLU A 316 11.73 7.98 13.89
N ILE A 317 12.32 8.35 12.77
CA ILE A 317 13.68 7.90 12.44
C ILE A 317 14.67 8.43 13.48
N THR A 318 14.49 9.66 13.93
CA THR A 318 15.35 10.13 15.02
C THR A 318 15.17 9.24 16.27
N ALA A 319 13.96 8.81 16.56
CA ALA A 319 13.73 7.96 17.67
C ALA A 319 14.38 6.59 17.48
N LEU A 320 14.46 6.09 16.26
CA LEU A 320 15.18 4.83 16.06
C LEU A 320 16.68 4.94 15.99
N ALA A 321 17.20 5.94 15.30
CA ALA A 321 18.64 6.10 15.09
C ALA A 321 19.37 6.77 16.24
N PRO A 322 20.68 6.54 16.32
CA PRO A 322 21.48 7.06 17.42
C PRO A 322 21.35 8.57 17.42
N SER A 323 21.05 9.15 18.58
CA SER A 323 20.77 10.60 18.67
C SER A 323 21.96 11.50 18.28
N THR A 324 23.17 10.96 18.30
CA THR A 324 24.35 11.77 18.12
C THR A 324 24.43 12.37 16.70
N MET A 325 23.61 11.87 15.79
CA MET A 325 23.76 12.26 14.40
C MET A 325 22.52 12.89 13.68
N LYS A 326 22.81 13.76 12.73
CA LYS A 326 21.80 14.63 12.12
C LYS A 326 21.07 13.82 11.04
N ILE A 327 19.76 13.72 11.17
CA ILE A 327 18.88 13.17 10.11
C ILE A 327 18.08 14.29 9.42
N LYS A 328 18.63 14.82 8.35
CA LYS A 328 17.88 15.75 7.50
C LYS A 328 17.06 14.92 6.52
N ILE A 329 15.81 15.29 6.40
CA ILE A 329 14.92 14.69 5.41
C ILE A 329 14.67 15.73 4.33
N ILE A 330 14.91 15.35 3.09
CA ILE A 330 14.67 16.28 1.97
C ILE A 330 13.40 15.85 1.20
N ALA A 331 12.34 16.64 1.28
CA ALA A 331 11.11 16.40 0.56
C ALA A 331 10.75 17.70 -0.18
N PRO A 332 11.28 17.83 -1.39
CA PRO A 332 11.07 19.04 -2.17
C PRO A 332 9.62 19.12 -2.66
N PRO A 333 9.07 20.34 -2.77
CA PRO A 333 7.82 20.48 -3.54
C PRO A 333 7.99 20.11 -5.01
N GLU A 334 6.89 19.72 -5.64
CA GLU A 334 6.93 19.08 -6.98
C GLU A 334 7.52 17.68 -6.91
N ARG A 335 7.55 17.09 -5.72
CA ARG A 335 8.08 15.74 -5.57
C ARG A 335 7.24 14.63 -6.24
N LYS A 336 5.96 14.87 -6.49
CA LYS A 336 5.14 13.92 -7.17
C LYS A 336 5.65 13.69 -8.62
N TYR A 337 6.32 14.69 -9.21
CA TYR A 337 6.84 14.57 -10.55
C TYR A 337 8.33 14.33 -10.58
N SER A 338 8.98 14.06 -9.44
CA SER A 338 10.40 13.79 -9.35
C SER A 338 10.89 12.70 -10.31
N VAL A 339 10.14 11.62 -10.34
CA VAL A 339 10.53 10.49 -11.22
C VAL A 339 10.54 10.95 -12.68
N TRP A 340 9.50 11.62 -13.10
CA TRP A 340 9.42 12.07 -14.48
C TRP A 340 10.55 13.07 -14.77
N ILE A 341 10.79 14.00 -13.84
CA ILE A 341 11.86 14.98 -14.01
C ILE A 341 13.22 14.29 -14.16
N GLY A 342 13.43 13.34 -13.30
CA GLY A 342 14.64 12.50 -13.33
C GLY A 342 14.79 11.86 -14.68
N GLY A 343 13.71 11.31 -15.22
CA GLY A 343 13.71 10.70 -16.54
C GLY A 343 14.12 11.74 -17.59
N SER A 344 13.53 12.93 -17.54
CA SER A 344 13.84 13.96 -18.48
C SER A 344 15.36 14.31 -18.49
N ILE A 345 15.84 14.59 -17.29
CA ILE A 345 17.24 15.00 -17.16
C ILE A 345 18.16 13.88 -17.57
N LEU A 346 17.85 12.64 -17.25
CA LEU A 346 18.66 11.54 -17.73
C LEU A 346 18.66 11.46 -19.26
N ALA A 347 17.48 11.59 -19.87
CA ALA A 347 17.42 11.57 -21.32
C ALA A 347 18.19 12.72 -21.95
N SER A 348 18.36 13.84 -21.24
CA SER A 348 19.09 14.96 -21.74
C SER A 348 20.62 14.81 -21.55
N LEU A 349 21.06 13.80 -20.78
CA LEU A 349 22.49 13.47 -20.68
C LEU A 349 22.99 12.71 -21.89
N SER A 350 24.09 13.21 -22.47
CA SER A 350 24.71 12.61 -23.63
C SER A 350 25.40 11.27 -23.28
N THR A 351 25.99 11.20 -22.10
CA THR A 351 26.70 10.01 -21.66
C THR A 351 25.76 8.80 -21.60
N PHE A 352 24.48 9.05 -21.36
CA PHE A 352 23.45 8.01 -21.32
C PHE A 352 23.05 7.52 -22.71
N GLN A 353 23.31 8.31 -23.74
CA GLN A 353 22.90 7.95 -25.09
C GLN A 353 23.46 6.59 -25.57
N GLN A 354 24.63 6.19 -25.07
CA GLN A 354 25.12 4.86 -25.43
C GLN A 354 24.15 3.76 -24.85
N MET A 355 23.45 4.01 -23.73
CA MET A 355 22.78 2.94 -23.00
C MET A 355 21.41 2.60 -23.53
N TRP A 356 20.93 3.30 -24.56
CA TRP A 356 19.59 2.93 -25.10
C TRP A 356 19.70 1.50 -25.64
N ILE A 357 18.64 0.71 -25.62
CA ILE A 357 18.61 -0.61 -26.23
C ILE A 357 18.03 -0.34 -27.64
N THR A 358 18.79 -0.65 -28.69
CA THR A 358 18.34 -0.38 -30.05
C THR A 358 17.39 -1.46 -30.55
N LYS A 359 16.50 -1.05 -31.44
CA LYS A 359 15.54 -1.95 -32.06
C LYS A 359 16.27 -3.20 -32.62
N GLN A 360 17.30 -2.91 -33.38
CA GLN A 360 18.06 -3.99 -33.99
C GLN A 360 18.77 -4.83 -32.96
N GLU A 361 19.34 -4.20 -31.93
CA GLU A 361 20.03 -4.99 -30.89
C GLU A 361 19.08 -5.92 -30.15
N TYR A 362 17.88 -5.45 -29.90
CA TYR A 362 16.83 -6.30 -29.34
C TYR A 362 16.51 -7.44 -30.32
N ASP A 363 16.46 -7.14 -31.61
CA ASP A 363 16.08 -8.16 -32.57
C ASP A 363 17.08 -9.32 -32.62
N GLU A 364 18.36 -8.99 -32.55
CA GLU A 364 19.41 -9.97 -32.60
C GLU A 364 19.75 -10.62 -31.26
N ALA A 365 19.64 -9.90 -30.16
CA ALA A 365 19.97 -10.44 -28.86
C ALA A 365 18.79 -11.09 -28.11
N GLY A 366 17.57 -10.69 -28.43
CA GLY A 366 16.40 -11.24 -27.78
C GLY A 366 15.97 -10.42 -26.58
N PRO A 367 15.00 -10.97 -25.84
CA PRO A 367 14.43 -10.31 -24.67
C PRO A 367 15.34 -10.28 -23.45
N SER A 368 16.27 -11.23 -23.35
CA SER A 368 17.08 -11.35 -22.15
C SER A 368 18.01 -10.15 -21.92
N ILE A 369 18.26 -9.35 -22.97
CA ILE A 369 19.16 -8.22 -22.86
C ILE A 369 18.59 -6.95 -22.25
N VAL A 370 17.36 -6.91 -21.76
CA VAL A 370 16.83 -5.71 -21.10
C VAL A 370 17.48 -5.47 -19.73
N HIS A 371 17.92 -6.57 -19.13
CA HIS A 371 18.53 -6.53 -17.80
C HIS A 371 20.08 -6.38 -17.89
N THR B 5 -39.14 4.94 -49.41
CA THR B 5 -39.81 4.02 -48.45
C THR B 5 -40.19 4.62 -47.12
N THR B 6 -39.40 5.60 -46.67
CA THR B 6 -39.58 6.26 -45.37
C THR B 6 -39.94 5.32 -44.22
N ALA B 7 -40.71 5.79 -43.25
CA ALA B 7 -41.19 4.94 -42.16
C ALA B 7 -42.43 5.56 -41.54
N LEU B 8 -43.17 4.71 -40.83
CA LEU B 8 -44.29 5.15 -39.98
C LEU B 8 -43.89 5.14 -38.54
N VAL B 9 -44.30 6.19 -37.80
CA VAL B 9 -44.04 6.29 -36.38
C VAL B 9 -45.41 6.31 -35.70
N CYS B 10 -45.70 5.28 -34.92
CA CYS B 10 -47.02 5.15 -34.25
C CYS B 10 -46.79 5.19 -32.74
N ASP B 11 -47.22 6.28 -32.11
CA ASP B 11 -47.18 6.39 -30.66
C ASP B 11 -48.53 5.99 -30.09
N ASN B 12 -48.59 4.77 -29.55
CA ASN B 12 -49.80 4.18 -29.01
C ASN B 12 -49.76 4.37 -27.48
N GLY B 13 -50.28 5.49 -26.97
CA GLY B 13 -50.50 5.64 -25.54
C GLY B 13 -51.98 5.46 -25.27
N SER B 14 -52.33 5.22 -24.01
CA SER B 14 -53.72 5.29 -23.62
C SER B 14 -54.19 6.71 -23.89
N GLY B 15 -55.45 6.85 -24.29
CA GLY B 15 -56.05 8.17 -24.49
C GLY B 15 -55.84 8.84 -25.84
N LEU B 16 -54.67 8.75 -26.45
CA LEU B 16 -54.41 9.30 -27.76
C LEU B 16 -53.46 8.44 -28.56
N VAL B 17 -53.78 8.23 -29.85
CA VAL B 17 -52.82 7.68 -30.83
C VAL B 17 -52.23 8.89 -31.57
N LYS B 18 -50.91 8.98 -31.65
CA LYS B 18 -50.23 9.95 -32.48
C LYS B 18 -49.49 9.21 -33.56
N ALA B 19 -49.81 9.44 -34.84
CA ALA B 19 -49.14 8.67 -35.89
C ALA B 19 -48.90 9.56 -37.11
N GLY B 20 -47.94 9.15 -37.91
CA GLY B 20 -47.47 9.99 -38.97
C GLY B 20 -46.25 9.36 -39.64
N PHE B 21 -45.81 10.02 -40.70
CA PHE B 21 -44.60 9.66 -41.39
C PHE B 21 -43.36 10.16 -40.68
N ALA B 22 -42.33 9.32 -40.72
CA ALA B 22 -41.04 9.76 -40.14
C ALA B 22 -40.41 10.92 -40.88
N GLY B 23 -39.53 11.62 -40.20
CA GLY B 23 -38.89 12.81 -40.68
C GLY B 23 -39.81 14.05 -40.77
N ASP B 24 -40.94 14.09 -40.07
CA ASP B 24 -41.84 15.23 -40.12
C ASP B 24 -41.90 15.91 -38.73
N ASP B 25 -42.38 17.14 -38.69
CA ASP B 25 -42.32 17.93 -37.44
C ASP B 25 -43.39 17.51 -36.42
N ALA B 26 -44.49 16.94 -36.91
CA ALA B 26 -45.62 16.62 -36.06
C ALA B 26 -46.40 15.46 -36.65
N PRO B 27 -47.12 14.71 -35.82
CA PRO B 27 -47.96 13.62 -36.28
C PRO B 27 -49.16 14.18 -37.03
N ARG B 28 -49.49 13.53 -38.14
CA ARG B 28 -50.69 13.95 -38.89
C ARG B 28 -51.99 13.48 -38.27
N ALA B 29 -52.07 12.21 -37.91
CA ALA B 29 -53.30 11.71 -37.29
C ALA B 29 -53.16 11.68 -35.79
N VAL B 30 -54.02 12.37 -35.05
CA VAL B 30 -53.93 12.38 -33.59
C VAL B 30 -55.36 12.27 -33.12
N PHE B 31 -55.73 11.12 -32.61
CA PHE B 31 -57.12 10.96 -32.21
C PHE B 31 -57.18 10.07 -30.99
N PRO B 32 -58.32 10.08 -30.27
CA PRO B 32 -58.37 9.31 -29.02
C PRO B 32 -58.38 7.81 -29.28
N SER B 33 -57.75 7.02 -28.40
CA SER B 33 -57.84 5.55 -28.49
C SER B 33 -59.13 5.10 -27.86
N ILE B 34 -60.23 5.17 -28.61
CA ILE B 34 -61.52 4.72 -28.12
C ILE B 34 -62.22 3.88 -29.18
N VAL B 35 -62.95 2.89 -28.69
CA VAL B 35 -63.78 2.02 -29.53
C VAL B 35 -65.24 2.13 -29.03
N GLY B 36 -65.99 3.01 -29.68
CA GLY B 36 -67.37 3.24 -29.29
C GLY B 36 -68.29 2.11 -29.75
N ARG B 37 -69.18 1.64 -28.89
CA ARG B 37 -70.21 0.69 -29.32
C ARG B 37 -71.56 1.17 -28.81
N PRO B 38 -72.60 1.09 -29.65
CA PRO B 38 -73.88 1.66 -29.29
C PRO B 38 -74.39 1.10 -27.97
N ARG B 39 -74.88 1.97 -27.09
CA ARG B 39 -75.34 1.52 -25.79
C ARG B 39 -76.76 1.01 -25.98
N HIS B 40 -77.54 1.79 -26.73
CA HIS B 40 -78.93 1.46 -27.00
C HIS B 40 -79.14 0.85 -28.37
N GLN B 41 -79.68 -0.36 -28.39
CA GLN B 41 -80.04 -1.03 -29.63
C GLN B 41 -80.99 -0.13 -30.44
N GLY B 42 -80.53 0.32 -31.60
CA GLY B 42 -81.23 1.34 -32.35
C GLY B 42 -82.16 0.81 -33.43
N VAL B 43 -83.39 1.30 -33.44
CA VAL B 43 -84.38 0.85 -34.42
C VAL B 43 -84.56 1.93 -35.49
N MET B 44 -83.83 1.77 -36.57
CA MET B 44 -84.03 2.55 -37.82
C MET B 44 -83.72 1.59 -38.98
N VAL B 45 -83.84 2.07 -40.21
CA VAL B 45 -83.38 1.33 -41.37
C VAL B 45 -82.57 2.31 -42.22
N GLY B 46 -81.40 1.88 -42.70
CA GLY B 46 -80.44 2.80 -43.32
C GLY B 46 -79.46 3.43 -42.35
N MET B 47 -79.80 3.45 -41.07
CA MET B 47 -78.89 3.90 -40.03
C MET B 47 -77.55 3.15 -40.07
N GLY B 48 -76.47 3.81 -39.65
CA GLY B 48 -75.17 3.14 -39.51
C GLY B 48 -74.91 2.04 -40.54
N GLN B 49 -75.10 0.75 -40.20
CA GLN B 49 -75.47 0.26 -38.84
C GLN B 49 -74.32 0.41 -37.83
N LYS B 50 -73.09 0.37 -38.35
CA LYS B 50 -71.89 0.76 -37.61
C LYS B 50 -71.79 0.19 -36.19
N ASP B 51 -71.60 -1.12 -36.13
CA ASP B 51 -71.57 -1.89 -34.89
C ASP B 51 -70.46 -1.42 -33.95
N SER B 52 -69.40 -0.88 -34.55
CA SER B 52 -68.28 -0.36 -33.78
C SER B 52 -67.82 0.94 -34.40
N TYR B 53 -67.68 1.98 -33.58
CA TYR B 53 -67.12 3.24 -34.00
C TYR B 53 -65.73 3.35 -33.36
N VAL B 54 -64.89 4.17 -33.95
CA VAL B 54 -63.48 4.27 -33.48
C VAL B 54 -62.90 5.68 -33.60
N GLY B 55 -62.16 6.09 -32.56
CA GLY B 55 -61.45 7.37 -32.59
C GLY B 55 -62.31 8.61 -32.50
N ASP B 56 -61.93 9.61 -33.26
CA ASP B 56 -62.67 10.88 -33.26
C ASP B 56 -64.12 10.70 -33.64
N GLU B 57 -64.40 9.75 -34.53
CA GLU B 57 -65.76 9.40 -34.92
C GLU B 57 -66.58 8.99 -33.70
N ALA B 58 -65.98 8.20 -32.82
CA ALA B 58 -66.66 7.85 -31.57
C ALA B 58 -66.88 9.08 -30.71
N GLN B 59 -65.90 9.98 -30.69
CA GLN B 59 -66.04 11.24 -29.96
C GLN B 59 -67.25 12.04 -30.47
N SER B 60 -67.47 12.04 -31.76
CA SER B 60 -68.62 12.71 -32.32
C SER B 60 -69.95 12.22 -31.76
N LYS B 61 -70.06 10.93 -31.50
CA LYS B 61 -71.27 10.31 -30.99
C LYS B 61 -71.16 9.64 -29.59
N ARG B 62 -70.83 10.41 -28.58
CA ARG B 62 -70.65 9.85 -27.24
C ARG B 62 -71.97 9.45 -26.58
N GLY B 63 -73.03 10.21 -26.81
CA GLY B 63 -74.25 10.02 -26.06
C GLY B 63 -74.96 8.71 -26.42
N ILE B 64 -74.67 8.15 -27.59
CA ILE B 64 -75.19 6.85 -27.99
C ILE B 64 -74.22 5.80 -27.44
N LEU B 65 -72.91 6.04 -27.59
CA LEU B 65 -71.93 4.99 -27.43
C LEU B 65 -71.47 4.80 -26.01
N THR B 66 -71.07 3.56 -25.74
CA THR B 66 -70.24 3.26 -24.55
C THR B 66 -68.81 3.34 -25.02
N LEU B 67 -68.03 4.20 -24.40
CA LEU B 67 -66.63 4.33 -24.86
C LEU B 67 -65.77 3.39 -24.08
N LYS B 68 -64.79 2.81 -24.76
CA LYS B 68 -63.99 1.76 -24.22
C LYS B 68 -62.56 2.03 -24.63
N TYR B 69 -61.73 2.45 -23.68
CA TYR B 69 -60.28 2.47 -23.87
C TYR B 69 -59.73 1.03 -23.97
N PRO B 70 -59.13 0.66 -25.11
CA PRO B 70 -58.59 -0.68 -25.27
C PRO B 70 -57.34 -0.92 -24.45
N ILE B 71 -56.68 0.16 -24.01
CA ILE B 71 -55.34 0.11 -23.41
C ILE B 71 -55.40 0.81 -22.05
N GLU B 72 -55.01 0.09 -21.01
CA GLU B 72 -55.11 0.58 -19.62
C GLU B 72 -53.82 0.47 -18.84
N HIC B 73 -53.28 1.63 -18.47
CA HIC B 73 -52.00 1.72 -17.80
C HIC B 73 -50.92 1.12 -18.67
O HIC B 73 -50.11 0.31 -18.23
CB HIC B 73 -51.99 0.97 -16.47
CG HIC B 73 -53.22 1.20 -15.63
ND1 HIC B 73 -53.89 2.36 -15.52
CD2 HIC B 73 -53.88 0.26 -14.87
CE1 HIC B 73 -54.92 2.16 -14.72
NE2 HIC B 73 -54.94 0.89 -14.30
CZ HIC B 73 -55.93 0.30 -13.39
N GLY B 74 -50.92 1.49 -19.95
CA GLY B 74 -49.91 0.98 -20.91
C GLY B 74 -50.17 -0.45 -21.35
N ILE B 75 -50.87 -1.26 -20.54
CA ILE B 75 -51.10 -2.66 -20.80
C ILE B 75 -52.25 -2.77 -21.79
N ILE B 76 -52.12 -3.58 -22.84
CA ILE B 76 -53.24 -3.77 -23.75
C ILE B 76 -54.29 -4.68 -23.08
N THR B 77 -55.52 -4.22 -22.96
CA THR B 77 -56.57 -4.94 -22.26
C THR B 77 -57.38 -5.76 -23.26
N ASN B 78 -57.68 -5.20 -24.44
CA ASN B 78 -58.60 -5.82 -25.37
C ASN B 78 -57.99 -5.70 -26.78
N TRP B 79 -57.59 -6.84 -27.34
CA TRP B 79 -56.61 -6.91 -28.42
C TRP B 79 -57.28 -6.60 -29.74
N ASP B 80 -58.47 -7.13 -29.98
CA ASP B 80 -59.15 -6.83 -31.21
C ASP B 80 -59.55 -5.38 -31.28
N ASP B 81 -59.89 -4.75 -30.16
CA ASP B 81 -60.16 -3.32 -30.15
C ASP B 81 -58.92 -2.53 -30.60
N MET B 82 -57.74 -2.91 -30.07
CA MET B 82 -56.52 -2.27 -30.45
C MET B 82 -56.24 -2.44 -31.93
N GLU B 83 -56.45 -3.65 -32.42
CA GLU B 83 -56.32 -3.97 -33.84
C GLU B 83 -57.25 -3.05 -34.63
N LYS B 84 -58.48 -2.86 -34.18
CA LYS B 84 -59.39 -1.97 -34.87
C LYS B 84 -58.86 -0.55 -34.97
N ILE B 85 -58.32 -0.04 -33.87
CA ILE B 85 -57.79 1.34 -33.92
C ILE B 85 -56.59 1.39 -34.87
N TRP B 86 -55.76 0.35 -34.89
CA TRP B 86 -54.65 0.38 -35.84
C TRP B 86 -55.14 0.37 -37.28
N HIS B 87 -56.10 -0.50 -37.56
CA HIS B 87 -56.58 -0.61 -38.96
C HIS B 87 -57.19 0.71 -39.40
N HIS B 88 -57.98 1.29 -38.52
CA HIS B 88 -58.59 2.60 -38.85
C HIS B 88 -57.49 3.64 -39.07
N THR B 89 -56.50 3.64 -38.22
CA THR B 89 -55.38 4.55 -38.30
C THR B 89 -54.70 4.48 -39.69
N PHE B 90 -54.32 3.29 -40.10
CA PHE B 90 -53.58 3.13 -41.32
C PHE B 90 -54.39 3.47 -42.57
N TYR B 91 -55.59 2.94 -42.67
CA TYR B 91 -56.33 3.08 -43.91
C TYR B 91 -57.19 4.35 -43.98
N ASN B 92 -57.69 4.85 -42.87
CA ASN B 92 -58.63 5.94 -42.85
C ASN B 92 -58.01 7.29 -42.54
N GLU B 93 -56.80 7.35 -41.98
CA GLU B 93 -56.11 8.60 -41.76
C GLU B 93 -54.81 8.73 -42.54
N LEU B 94 -53.90 7.79 -42.39
CA LEU B 94 -52.62 7.83 -43.11
C LEU B 94 -52.70 7.28 -44.53
N ARG B 95 -53.74 6.52 -44.79
CA ARG B 95 -54.07 6.09 -46.16
C ARG B 95 -52.92 5.33 -46.80
N VAL B 96 -52.48 4.31 -46.08
CA VAL B 96 -51.21 3.65 -46.49
C VAL B 96 -51.24 2.14 -46.28
N ALA B 97 -50.62 1.42 -47.22
CA ALA B 97 -50.41 0.00 -47.12
C ALA B 97 -49.17 -0.17 -46.23
N PRO B 98 -49.33 -0.85 -45.09
CA PRO B 98 -48.21 -1.10 -44.20
C PRO B 98 -47.07 -1.88 -44.80
N GLU B 99 -47.31 -2.64 -45.85
CA GLU B 99 -46.28 -3.38 -46.55
C GLU B 99 -45.26 -2.49 -47.27
N GLU B 100 -45.52 -1.20 -47.38
CA GLU B 100 -44.65 -0.25 -48.03
C GLU B 100 -43.76 0.49 -47.04
N HIS B 101 -44.00 0.38 -45.75
CA HIS B 101 -43.14 1.07 -44.77
C HIS B 101 -42.73 0.21 -43.56
N PRO B 102 -41.51 0.39 -43.05
CA PRO B 102 -41.16 -0.09 -41.73
C PRO B 102 -41.90 0.83 -40.72
N THR B 103 -42.21 0.23 -39.60
CA THR B 103 -43.06 0.88 -38.61
C THR B 103 -42.44 0.83 -37.25
N LEU B 104 -42.23 2.01 -36.68
CA LEU B 104 -41.68 2.13 -35.31
C LEU B 104 -42.88 2.34 -34.38
N LEU B 105 -43.03 1.46 -33.37
CA LEU B 105 -44.04 1.54 -32.37
C LEU B 105 -43.45 1.90 -31.04
N THR B 106 -44.32 2.31 -30.16
CA THR B 106 -43.94 2.83 -28.85
C THR B 106 -44.48 1.96 -27.72
N GLU B 107 -43.89 2.07 -26.55
CA GLU B 107 -44.46 1.42 -25.36
C GLU B 107 -43.79 2.00 -24.14
N ALA B 108 -44.51 1.88 -23.02
CA ALA B 108 -43.96 2.24 -21.71
C ALA B 108 -42.88 1.28 -21.25
N PRO B 109 -41.88 1.78 -20.50
CA PRO B 109 -40.95 0.87 -19.86
C PRO B 109 -41.60 0.00 -18.81
N LEU B 110 -40.95 -1.11 -18.45
CA LEU B 110 -41.33 -1.99 -17.34
C LEU B 110 -42.71 -2.64 -17.51
N ASN B 111 -43.06 -2.92 -18.77
CA ASN B 111 -44.41 -3.20 -19.24
C ASN B 111 -44.40 -4.70 -19.58
N PRO B 112 -45.46 -5.44 -19.25
CA PRO B 112 -45.47 -6.86 -19.46
C PRO B 112 -45.09 -7.33 -20.86
N LYS B 113 -44.42 -8.50 -20.93
CA LYS B 113 -43.78 -8.97 -22.16
C LYS B 113 -44.88 -9.25 -23.18
N ALA B 114 -46.08 -9.61 -22.75
CA ALA B 114 -47.19 -9.84 -23.65
C ALA B 114 -47.49 -8.70 -24.63
N ASN B 115 -47.23 -7.46 -24.24
CA ASN B 115 -47.50 -6.35 -25.13
C ASN B 115 -46.55 -6.34 -26.31
N ARG B 116 -45.25 -6.56 -26.05
CA ARG B 116 -44.30 -6.47 -27.19
C ARG B 116 -44.58 -7.62 -28.16
N GLU B 117 -44.69 -8.81 -27.60
CA GLU B 117 -44.77 -10.02 -28.44
C GLU B 117 -46.06 -10.06 -29.23
N LYS B 118 -47.18 -9.82 -28.55
CA LYS B 118 -48.48 -9.82 -29.23
C LYS B 118 -48.52 -8.71 -30.27
N MET B 119 -47.98 -7.55 -29.91
CA MET B 119 -48.03 -6.37 -30.77
C MET B 119 -47.31 -6.68 -32.11
N THR B 120 -46.07 -7.18 -31.94
CA THR B 120 -45.25 -7.52 -33.09
C THR B 120 -45.90 -8.59 -33.93
N GLN B 121 -46.50 -9.58 -33.26
CA GLN B 121 -47.21 -10.65 -33.95
C GLN B 121 -48.31 -10.08 -34.85
N ILE B 122 -49.07 -9.13 -34.29
CA ILE B 122 -50.12 -8.50 -35.06
C ILE B 122 -49.57 -7.71 -36.25
N MET B 123 -48.51 -6.94 -35.99
CA MET B 123 -47.97 -6.13 -37.03
C MET B 123 -47.42 -6.96 -38.18
N PHE B 124 -46.79 -8.06 -37.87
CA PHE B 124 -46.27 -8.90 -38.94
C PHE B 124 -47.39 -9.73 -39.59
N GLU B 125 -48.24 -10.35 -38.79
CA GLU B 125 -49.20 -11.34 -39.34
C GLU B 125 -50.46 -10.68 -39.91
N THR B 126 -51.03 -9.73 -39.18
CA THR B 126 -52.36 -9.22 -39.58
C THR B 126 -52.19 -8.07 -40.61
N PHE B 127 -51.45 -7.06 -40.21
CA PHE B 127 -50.91 -6.08 -41.14
C PHE B 127 -49.69 -6.86 -41.56
N ASN B 128 -49.18 -6.62 -42.76
CA ASN B 128 -47.90 -7.20 -43.17
C ASN B 128 -46.92 -6.07 -43.26
N VAL B 129 -45.82 -6.18 -42.52
CA VAL B 129 -44.84 -5.06 -42.39
C VAL B 129 -43.46 -5.61 -42.76
N PRO B 130 -42.64 -4.81 -43.48
CA PRO B 130 -41.35 -5.32 -43.86
C PRO B 130 -40.46 -5.43 -42.65
N ALA B 131 -40.54 -4.43 -41.79
CA ALA B 131 -39.75 -4.43 -40.56
C ALA B 131 -40.34 -3.45 -39.57
N MET B 132 -40.04 -3.67 -38.31
CA MET B 132 -40.58 -2.83 -37.25
C MET B 132 -39.66 -2.79 -36.06
N TYR B 133 -40.00 -1.92 -35.12
CA TYR B 133 -39.19 -1.73 -33.91
C TYR B 133 -40.12 -1.21 -32.82
N VAL B 134 -39.93 -1.63 -31.57
CA VAL B 134 -40.70 -1.11 -30.47
C VAL B 134 -39.69 -0.45 -29.50
N ALA B 135 -40.02 0.78 -29.11
CA ALA B 135 -39.08 1.62 -28.37
C ALA B 135 -39.67 2.05 -27.03
N ILE B 136 -38.80 2.26 -26.05
CA ILE B 136 -39.15 2.87 -24.77
C ILE B 136 -39.46 4.35 -24.96
N GLN B 137 -40.61 4.80 -24.46
CA GLN B 137 -41.03 6.19 -24.65
C GLN B 137 -39.99 7.23 -24.23
N ALA B 138 -39.42 7.09 -23.04
CA ALA B 138 -38.65 8.19 -22.47
C ALA B 138 -37.42 8.50 -23.32
N VAL B 139 -36.80 7.48 -23.87
CA VAL B 139 -35.68 7.66 -24.79
C VAL B 139 -36.09 8.50 -26.00
N LEU B 140 -37.28 8.25 -26.55
CA LEU B 140 -37.74 9.01 -27.70
C LEU B 140 -37.88 10.49 -27.32
N SER B 141 -38.48 10.75 -26.17
CA SER B 141 -38.63 12.11 -25.72
C SER B 141 -37.26 12.79 -25.51
N LEU B 142 -36.30 12.05 -24.98
CA LEU B 142 -34.97 12.58 -24.82
C LEU B 142 -34.34 12.95 -26.17
N TYR B 143 -34.53 12.10 -27.19
CA TYR B 143 -34.10 12.51 -28.52
C TYR B 143 -34.80 13.78 -29.00
N ALA B 144 -36.10 13.87 -28.73
CA ALA B 144 -36.85 15.07 -29.08
C ALA B 144 -36.26 16.32 -28.42
N SER B 145 -35.68 16.13 -27.25
CA SER B 145 -35.09 17.29 -26.56
C SER B 145 -33.85 17.75 -27.26
N GLY B 146 -33.23 16.82 -27.99
CA GLY B 146 -31.95 17.09 -28.66
C GLY B 146 -30.78 16.95 -27.69
N ARG B 147 -30.87 16.01 -26.76
CA ARG B 147 -29.93 15.91 -25.65
C ARG B 147 -29.65 14.43 -25.36
N THR B 148 -28.55 14.17 -24.69
CA THR B 148 -28.06 12.80 -24.55
C THR B 148 -28.15 12.35 -23.08
N THR B 149 -28.27 13.32 -22.18
CA THR B 149 -28.20 13.08 -20.75
C THR B 149 -29.39 13.78 -20.08
N GLY B 150 -30.02 13.07 -19.15
CA GLY B 150 -31.13 13.63 -18.42
C GLY B 150 -32.06 12.62 -17.80
N ILE B 151 -32.97 13.06 -16.96
CA ILE B 151 -33.90 12.10 -16.36
C ILE B 151 -35.26 12.47 -16.87
N VAL B 152 -35.91 11.55 -17.58
CA VAL B 152 -37.21 11.88 -18.17
C VAL B 152 -38.38 11.55 -17.29
N LEU B 153 -39.28 12.52 -17.05
CA LEU B 153 -40.56 12.19 -16.40
C LEU B 153 -41.59 12.23 -17.50
N ASP B 154 -42.17 11.08 -17.87
CA ASP B 154 -43.19 11.03 -18.92
C ASP B 154 -44.49 10.63 -18.30
N SER B 155 -45.39 11.59 -18.22
CA SER B 155 -46.76 11.31 -17.71
C SER B 155 -47.81 11.43 -18.84
N GLY B 156 -48.37 10.28 -19.21
CA GLY B 156 -49.35 10.20 -20.25
C GLY B 156 -50.70 10.01 -19.59
N ASP B 157 -51.61 9.32 -20.25
CA ASP B 157 -52.91 9.08 -19.73
C ASP B 157 -52.89 7.84 -18.87
N GLY B 158 -52.10 6.83 -19.23
CA GLY B 158 -52.10 5.59 -18.45
C GLY B 158 -51.11 5.59 -17.27
N VAL B 159 -49.88 6.07 -17.51
CA VAL B 159 -48.77 5.77 -16.65
C VAL B 159 -47.79 6.91 -16.65
N THR B 160 -47.02 7.03 -15.55
CA THR B 160 -45.98 8.01 -15.41
C THR B 160 -44.67 7.26 -15.20
N HIS B 161 -43.62 7.71 -15.86
CA HIS B 161 -42.31 7.10 -15.68
C HIS B 161 -41.24 8.09 -15.22
N ASN B 162 -40.22 7.53 -14.64
CA ASN B 162 -38.97 8.21 -14.55
C ASN B 162 -37.96 7.29 -15.14
N VAL B 163 -37.24 7.73 -16.19
CA VAL B 163 -36.09 7.02 -16.74
C VAL B 163 -34.84 7.93 -16.78
N PRO B 164 -33.88 7.65 -15.90
CA PRO B 164 -32.60 8.33 -15.96
C PRO B 164 -31.71 7.82 -17.04
N ILE B 165 -31.07 8.71 -17.78
CA ILE B 165 -30.24 8.37 -18.93
C ILE B 165 -28.93 9.20 -18.81
N TYR B 166 -27.76 8.57 -18.87
CA TYR B 166 -26.54 9.31 -18.75
C TYR B 166 -25.66 9.11 -19.96
N GLU B 167 -25.39 10.19 -20.69
CA GLU B 167 -24.41 10.21 -21.77
C GLU B 167 -24.76 9.09 -22.79
N GLY B 168 -26.02 9.03 -23.20
CA GLY B 168 -26.53 7.84 -23.87
C GLY B 168 -26.87 6.84 -22.79
N TYR B 169 -26.54 5.58 -23.01
CA TYR B 169 -26.70 4.54 -22.01
C TYR B 169 -28.08 4.54 -21.39
N ALA B 170 -28.19 4.08 -20.15
CA ALA B 170 -29.46 4.00 -19.44
C ALA B 170 -29.17 3.37 -18.06
N LEU B 171 -30.11 3.50 -17.11
CA LEU B 171 -29.95 2.84 -15.82
C LEU B 171 -31.24 2.15 -15.58
N PRO B 172 -31.36 0.88 -15.98
CA PRO B 172 -32.62 0.14 -15.79
C PRO B 172 -33.02 -0.04 -14.34
N HIS B 173 -32.05 -0.22 -13.46
CA HIS B 173 -32.34 -0.37 -12.05
C HIS B 173 -32.93 0.86 -11.38
N ALA B 174 -32.84 2.05 -11.98
CA ALA B 174 -33.40 3.27 -11.46
C ALA B 174 -34.70 3.73 -12.18
N ILE B 175 -35.13 2.94 -13.12
CA ILE B 175 -36.38 3.22 -13.83
C ILE B 175 -37.57 2.97 -12.91
N MET B 176 -38.54 3.89 -12.88
CA MET B 176 -39.59 3.86 -11.87
C MET B 176 -40.83 4.22 -12.57
N ARG B 177 -41.83 3.33 -12.55
CA ARG B 177 -43.11 3.61 -13.16
C ARG B 177 -44.11 3.74 -12.08
N LEU B 178 -45.17 4.45 -12.41
CA LEU B 178 -46.15 4.82 -11.43
C LEU B 178 -47.49 4.94 -12.18
N ASP B 179 -48.56 4.26 -11.76
CA ASP B 179 -49.88 4.45 -12.35
C ASP B 179 -50.63 5.62 -11.70
N LEU B 180 -50.21 6.81 -12.14
CA LEU B 180 -50.95 8.03 -11.94
C LEU B 180 -50.86 8.86 -13.19
N ALA B 181 -51.99 9.35 -13.66
CA ALA B 181 -52.06 9.81 -15.02
C ALA B 181 -53.42 10.39 -15.28
N GLY B 182 -53.54 11.04 -16.45
CA GLY B 182 -54.79 11.72 -16.84
C GLY B 182 -56.06 10.93 -16.58
N ARG B 183 -55.98 9.60 -16.64
CA ARG B 183 -57.20 8.80 -16.43
C ARG B 183 -57.55 8.80 -14.92
N ASP B 184 -56.53 8.55 -14.12
CA ASP B 184 -56.71 8.57 -12.66
C ASP B 184 -57.14 9.95 -12.21
N LEU B 185 -56.50 10.98 -12.77
CA LEU B 185 -56.83 12.35 -12.39
C LEU B 185 -58.21 12.68 -12.84
N THR B 186 -58.70 12.19 -13.96
CA THR B 186 -60.03 12.53 -14.41
C THR B 186 -61.07 11.88 -13.50
N ASP B 187 -60.84 10.64 -13.08
CA ASP B 187 -61.75 9.98 -12.16
C ASP B 187 -61.74 10.69 -10.82
N TYR B 188 -60.57 11.10 -10.35
CA TYR B 188 -60.53 11.83 -9.07
C TYR B 188 -61.26 13.16 -9.19
N LEU B 189 -61.10 13.82 -10.32
CA LEU B 189 -61.84 15.06 -10.58
C LEU B 189 -63.33 14.77 -10.64
N MET B 190 -63.73 13.59 -11.13
CA MET B 190 -65.11 13.19 -11.04
C MET B 190 -65.69 13.24 -9.62
N LYS B 191 -65.11 12.45 -8.72
CA LYS B 191 -65.66 12.32 -7.39
C LYS B 191 -65.48 13.62 -6.61
N ILE B 192 -64.39 14.37 -6.86
CA ILE B 192 -64.30 15.67 -6.17
C ILE B 192 -65.28 16.69 -6.73
N LEU B 193 -65.56 16.59 -8.01
CA LEU B 193 -66.53 17.46 -8.67
C LEU B 193 -67.96 17.24 -8.20
N THR B 194 -68.26 16.01 -7.83
CA THR B 194 -69.59 15.67 -7.42
C THR B 194 -69.92 16.37 -6.13
N GLU B 195 -68.95 16.90 -5.33
CA GLU B 195 -69.25 17.59 -4.08
C GLU B 195 -69.98 18.92 -4.34
N ARG B 196 -69.79 19.52 -5.53
CA ARG B 196 -70.59 20.67 -5.99
C ARG B 196 -71.97 20.28 -6.51
N GLY B 197 -72.27 19.00 -6.65
CA GLY B 197 -73.59 18.56 -7.06
C GLY B 197 -73.61 18.08 -8.49
N TYR B 198 -72.48 18.20 -9.16
CA TYR B 198 -72.43 17.97 -10.60
C TYR B 198 -72.12 16.51 -10.68
N SER B 199 -73.07 15.71 -11.16
CA SER B 199 -72.90 14.27 -11.22
C SER B 199 -72.58 13.82 -12.63
N PHE B 200 -71.38 13.27 -12.82
CA PHE B 200 -70.97 12.73 -14.11
C PHE B 200 -70.66 11.25 -13.89
N VAL B 201 -71.61 10.40 -14.25
CA VAL B 201 -71.53 8.97 -13.97
C VAL B 201 -70.94 8.18 -15.17
N THR B 202 -71.09 8.67 -16.40
CA THR B 202 -70.98 7.82 -17.61
C THR B 202 -69.62 8.03 -18.32
N THR B 203 -69.27 7.06 -19.16
CA THR B 203 -68.01 7.10 -19.87
C THR B 203 -67.91 8.38 -20.71
N ALA B 204 -68.98 8.67 -21.43
CA ALA B 204 -69.10 9.88 -22.21
C ALA B 204 -68.89 11.15 -21.40
N GLU B 205 -69.46 11.20 -20.20
CA GLU B 205 -69.24 12.33 -19.28
C GLU B 205 -67.80 12.37 -18.79
N ARG B 206 -67.16 11.20 -18.65
CA ARG B 206 -65.74 11.18 -18.27
C ARG B 206 -64.92 12.00 -19.26
N GLU B 207 -65.25 11.88 -20.56
CA GLU B 207 -64.53 12.66 -21.56
C GLU B 207 -64.80 14.15 -21.43
N ILE B 208 -66.02 14.51 -21.01
CA ILE B 208 -66.31 15.92 -20.72
C ILE B 208 -65.42 16.41 -19.59
N VAL B 209 -65.35 15.62 -18.50
CA VAL B 209 -64.50 16.11 -17.40
C VAL B 209 -63.04 16.14 -17.75
N ARG B 210 -62.61 15.26 -18.64
CA ARG B 210 -61.27 15.32 -19.21
C ARG B 210 -61.06 16.68 -19.90
N ASP B 211 -62.06 17.16 -20.63
CA ASP B 211 -61.93 18.46 -21.24
C ASP B 211 -61.84 19.56 -20.19
N ILE B 212 -62.63 19.42 -19.14
CA ILE B 212 -62.58 20.45 -18.08
C ILE B 212 -61.16 20.53 -17.50
N LYS B 213 -60.63 19.36 -17.20
CA LYS B 213 -59.29 19.22 -16.60
C LYS B 213 -58.24 19.87 -17.54
N GLU B 214 -58.38 19.55 -18.82
CA GLU B 214 -57.39 19.98 -19.79
C GLU B 214 -57.40 21.50 -19.90
N LYS B 215 -58.59 22.11 -19.88
CA LYS B 215 -58.60 23.56 -19.95
C LYS B 215 -58.27 24.25 -18.61
N LEU B 216 -59.10 23.97 -17.62
CA LEU B 216 -59.13 24.81 -16.39
C LEU B 216 -58.09 24.48 -15.34
N CYS B 217 -57.81 23.21 -15.14
CA CYS B 217 -56.99 22.81 -13.95
C CYS B 217 -55.57 23.32 -14.05
N TYR B 218 -55.00 23.77 -12.94
CA TYR B 218 -53.59 24.17 -12.89
C TYR B 218 -53.00 23.60 -11.60
N VAL B 219 -51.67 23.56 -11.57
CA VAL B 219 -50.94 23.09 -10.38
C VAL B 219 -50.48 24.31 -9.57
N ALA B 220 -50.93 24.28 -8.32
CA ALA B 220 -50.60 25.35 -7.38
C ALA B 220 -49.14 25.30 -6.98
N LEU B 221 -48.55 26.43 -6.66
CA LEU B 221 -47.15 26.42 -6.23
C LEU B 221 -47.11 25.92 -4.79
N ASP B 222 -47.91 26.55 -3.93
CA ASP B 222 -48.11 26.06 -2.60
C ASP B 222 -49.57 25.66 -2.45
N PHE B 223 -49.80 24.43 -1.97
CA PHE B 223 -51.15 23.85 -1.90
C PHE B 223 -52.07 24.49 -0.85
N GLU B 224 -51.68 24.32 0.41
CA GLU B 224 -52.58 24.67 1.49
C GLU B 224 -52.80 26.16 1.54
N ASN B 225 -51.83 26.98 1.13
CA ASN B 225 -52.07 28.41 1.05
C ASN B 225 -53.14 28.72 0.03
N GLU B 226 -53.08 28.05 -1.13
CA GLU B 226 -54.10 28.26 -2.15
C GLU B 226 -55.48 27.79 -1.70
N MET B 227 -55.49 26.69 -0.97
CA MET B 227 -56.76 26.19 -0.39
C MET B 227 -57.30 27.21 0.60
N ALA B 228 -56.43 27.85 1.35
CA ALA B 228 -56.87 28.85 2.34
C ALA B 228 -57.52 30.03 1.60
N THR B 229 -56.92 30.44 0.50
CA THR B 229 -57.38 31.61 -0.23
C THR B 229 -58.62 31.28 -1.08
N ALA B 230 -58.82 30.00 -1.35
CA ALA B 230 -60.12 29.53 -1.86
C ALA B 230 -61.29 29.88 -0.93
N ALA B 231 -61.06 30.15 0.36
CA ALA B 231 -62.11 30.64 1.24
C ALA B 231 -62.87 31.85 0.67
N SER B 232 -62.16 32.89 0.27
CA SER B 232 -62.77 34.05 -0.35
C SER B 232 -62.72 34.02 -1.90
N SER B 233 -63.74 33.46 -2.52
CA SER B 233 -63.67 33.11 -3.94
C SER B 233 -63.57 34.34 -4.83
N SER B 234 -62.49 34.43 -5.60
CA SER B 234 -62.25 35.58 -6.46
C SER B 234 -61.94 35.02 -7.84
N SER B 235 -60.67 34.88 -8.19
CA SER B 235 -60.27 34.34 -9.49
C SER B 235 -60.30 32.81 -9.56
N LEU B 236 -60.39 32.14 -8.40
CA LEU B 236 -60.19 30.72 -8.36
C LEU B 236 -61.40 29.99 -8.92
N GLU B 237 -62.63 30.41 -8.58
CA GLU B 237 -63.77 29.86 -9.37
C GLU B 237 -63.78 30.36 -10.80
N LYS B 238 -63.92 29.43 -11.75
CA LYS B 238 -64.07 29.78 -13.15
C LYS B 238 -65.33 29.11 -13.65
N SER B 239 -66.00 29.76 -14.57
CA SER B 239 -67.17 29.19 -15.25
C SER B 239 -66.74 28.35 -16.46
N TYR B 240 -67.27 27.12 -16.57
CA TYR B 240 -67.07 26.33 -17.77
C TYR B 240 -68.45 25.97 -18.28
N GLU B 241 -68.59 25.83 -19.58
CA GLU B 241 -69.88 25.50 -20.20
C GLU B 241 -69.85 24.08 -20.82
N LEU B 242 -70.82 23.24 -20.42
CA LEU B 242 -70.94 21.93 -21.00
C LEU B 242 -71.49 21.99 -22.41
N PRO B 243 -71.37 20.89 -23.17
CA PRO B 243 -72.04 20.78 -24.46
C PRO B 243 -73.56 20.92 -24.41
N ASP B 244 -74.19 20.61 -23.29
CA ASP B 244 -75.63 20.74 -23.08
C ASP B 244 -76.06 22.24 -23.06
N GLY B 245 -75.16 23.08 -22.59
CA GLY B 245 -75.46 24.49 -22.34
C GLY B 245 -75.41 24.88 -20.86
N GLN B 246 -75.30 23.90 -19.96
CA GLN B 246 -75.25 24.20 -18.55
C GLN B 246 -73.89 24.78 -18.22
N VAL B 247 -73.84 25.52 -17.10
CA VAL B 247 -72.67 26.22 -16.59
C VAL B 247 -72.22 25.55 -15.29
N ILE B 248 -70.94 25.21 -15.25
CA ILE B 248 -70.32 24.60 -14.07
C ILE B 248 -69.41 25.69 -13.54
N THR B 249 -69.36 25.86 -12.22
CA THR B 249 -68.41 26.76 -11.59
C THR B 249 -67.57 25.96 -10.63
N ILE B 250 -66.24 25.94 -10.85
CA ILE B 250 -65.33 25.13 -10.07
C ILE B 250 -64.21 25.95 -9.47
N GLY B 251 -64.08 25.91 -8.15
CA GLY B 251 -63.07 26.69 -7.46
C GLY B 251 -61.77 25.99 -7.08
N ASN B 252 -61.73 25.42 -5.87
CA ASN B 252 -60.57 24.67 -5.43
C ASN B 252 -60.39 23.35 -6.19
N GLU B 253 -61.48 22.80 -6.71
CA GLU B 253 -61.39 21.59 -7.53
C GLU B 253 -60.50 21.80 -8.75
N ARG B 254 -60.38 23.02 -9.23
CA ARG B 254 -59.46 23.36 -10.34
C ARG B 254 -58.02 22.91 -10.09
N PHE B 255 -57.53 23.23 -8.89
CA PHE B 255 -56.10 22.94 -8.59
C PHE B 255 -55.88 21.70 -7.71
N ARG B 256 -56.88 21.30 -6.92
CA ARG B 256 -56.75 20.09 -6.15
C ARG B 256 -56.84 18.83 -6.98
N CYS B 257 -57.43 18.87 -8.19
CA CYS B 257 -57.31 17.72 -9.10
C CYS B 257 -55.86 17.33 -9.42
N PRO B 258 -55.01 18.21 -9.97
CA PRO B 258 -53.63 17.84 -10.26
C PRO B 258 -52.72 17.74 -9.05
N GLU B 259 -53.17 18.25 -7.90
CA GLU B 259 -52.37 18.09 -6.66
C GLU B 259 -52.14 16.61 -6.39
N THR B 260 -53.00 15.74 -6.86
CA THR B 260 -52.88 14.29 -6.73
C THR B 260 -51.54 13.77 -7.24
N LEU B 261 -50.93 14.35 -8.28
CA LEU B 261 -49.61 13.90 -8.72
C LEU B 261 -48.57 14.04 -7.60
N PHE B 262 -48.66 15.11 -6.81
CA PHE B 262 -47.73 15.34 -5.71
C PHE B 262 -48.21 14.64 -4.44
N GLN B 263 -49.52 14.40 -4.32
CA GLN B 263 -50.09 13.78 -3.13
C GLN B 263 -51.00 12.63 -3.55
N PRO B 264 -50.44 11.47 -3.92
CA PRO B 264 -51.25 10.32 -4.33
C PRO B 264 -52.10 9.75 -3.21
N SER B 265 -51.92 10.21 -1.98
CA SER B 265 -52.82 9.88 -0.87
C SER B 265 -54.24 10.36 -1.13
N PHE B 266 -54.45 11.32 -2.05
CA PHE B 266 -55.81 11.71 -2.40
C PHE B 266 -56.61 10.61 -3.03
N ILE B 267 -55.93 9.73 -3.77
CA ILE B 267 -56.55 8.55 -4.41
C ILE B 267 -56.41 7.32 -3.51
N GLY B 268 -55.81 7.49 -2.35
CA GLY B 268 -55.54 6.36 -1.48
C GLY B 268 -54.43 5.44 -1.96
N MET B 269 -53.39 6.03 -2.58
CA MET B 269 -52.20 5.25 -2.93
C MET B 269 -51.04 5.63 -2.02
N GLU B 270 -50.23 4.67 -1.62
CA GLU B 270 -49.06 4.94 -0.78
C GLU B 270 -47.84 5.43 -1.57
N SER B 271 -47.90 5.26 -2.88
CA SER B 271 -46.82 5.73 -3.73
C SER B 271 -46.50 7.21 -3.49
N ALA B 272 -45.21 7.49 -3.42
CA ALA B 272 -44.76 8.84 -3.21
C ALA B 272 -45.11 9.71 -4.45
N GLY B 273 -45.29 10.98 -4.20
CA GLY B 273 -45.56 11.94 -5.26
C GLY B 273 -44.53 11.89 -6.34
N ILE B 274 -44.80 12.51 -7.49
CA ILE B 274 -43.90 12.44 -8.65
C ILE B 274 -42.54 13.08 -8.37
N HIS B 275 -42.51 14.08 -7.49
CA HIS B 275 -41.27 14.70 -7.10
C HIS B 275 -40.41 13.77 -6.24
N GLU B 276 -41.04 13.00 -5.38
CA GLU B 276 -40.32 12.01 -4.60
C GLU B 276 -39.83 10.86 -5.46
N THR B 277 -40.58 10.52 -6.51
CA THR B 277 -40.16 9.43 -7.39
C THR B 277 -39.05 9.90 -8.31
N THR B 278 -39.09 11.15 -8.74
CA THR B 278 -37.94 11.65 -9.54
C THR B 278 -36.69 11.72 -8.66
N TYR B 279 -36.82 12.28 -7.47
CA TYR B 279 -35.77 12.38 -6.50
C TYR B 279 -35.23 10.97 -6.19
N ASN B 280 -36.16 10.05 -5.94
CA ASN B 280 -35.80 8.69 -5.59
C ASN B 280 -35.02 8.04 -6.75
N SER B 281 -35.47 8.26 -7.98
CA SER B 281 -34.79 7.72 -9.13
C SER B 281 -33.36 8.26 -9.24
N ILE B 282 -33.19 9.53 -8.97
CA ILE B 282 -31.85 10.12 -8.95
C ILE B 282 -31.00 9.48 -7.88
N MET B 283 -31.58 9.22 -6.70
CA MET B 283 -30.86 8.55 -5.64
C MET B 283 -30.32 7.22 -6.03
N LYS B 284 -31.15 6.48 -6.76
CA LYS B 284 -30.74 5.15 -7.17
C LYS B 284 -29.54 5.20 -8.12
N CYS B 285 -29.20 6.32 -8.70
CA CYS B 285 -28.13 6.40 -9.68
C CYS B 285 -26.79 6.64 -8.97
N ASP B 286 -25.72 6.34 -9.68
CA ASP B 286 -24.38 6.42 -9.15
C ASP B 286 -24.07 7.87 -8.74
N ILE B 287 -23.37 8.00 -7.64
CA ILE B 287 -23.11 9.32 -7.04
C ILE B 287 -22.54 10.30 -8.05
N ASP B 288 -21.70 9.83 -8.96
CA ASP B 288 -21.07 10.70 -9.96
C ASP B 288 -22.10 11.52 -10.82
N ILE B 289 -23.17 10.89 -11.29
CA ILE B 289 -23.92 11.47 -12.38
C ILE B 289 -25.13 12.26 -11.89
N ARG B 290 -25.36 12.28 -10.57
CA ARG B 290 -26.63 12.85 -10.09
C ARG B 290 -26.78 14.33 -10.42
N LYS B 291 -25.66 15.04 -10.41
CA LYS B 291 -25.68 16.46 -10.69
C LYS B 291 -26.23 16.75 -12.10
N ASP B 292 -25.83 15.91 -13.09
CA ASP B 292 -26.34 16.12 -14.42
C ASP B 292 -27.83 15.86 -14.46
N LEU B 293 -28.30 14.81 -13.79
CA LEU B 293 -29.69 14.46 -13.82
C LEU B 293 -30.55 15.58 -13.22
N TYR B 294 -30.11 16.05 -12.08
CA TYR B 294 -30.80 17.17 -11.40
C TYR B 294 -30.80 18.37 -12.33
N ALA B 295 -29.72 18.60 -13.07
CA ALA B 295 -29.74 19.76 -13.95
C ALA B 295 -30.72 19.55 -15.07
N ASN B 296 -30.66 18.35 -15.61
CA ASN B 296 -31.28 18.08 -16.90
C ASN B 296 -32.62 17.41 -16.97
N ASN B 297 -33.43 17.44 -15.89
CA ASN B 297 -34.67 16.63 -15.87
C ASN B 297 -35.76 17.12 -16.84
N VAL B 298 -36.30 16.21 -17.65
CA VAL B 298 -37.09 16.55 -18.82
C VAL B 298 -38.51 16.13 -18.52
N MET B 299 -39.47 16.79 -19.14
CA MET B 299 -40.86 16.43 -19.00
C MET B 299 -41.49 16.11 -20.34
N SER B 300 -42.38 15.13 -20.31
CA SER B 300 -43.08 14.70 -21.51
C SER B 300 -44.51 14.32 -21.21
N GLY B 301 -45.37 14.38 -22.22
CA GLY B 301 -46.66 13.75 -22.13
C GLY B 301 -47.77 14.72 -21.79
N GLY B 302 -48.98 14.29 -22.03
CA GLY B 302 -50.15 15.18 -21.83
C GLY B 302 -50.34 15.61 -20.39
N THR B 303 -50.02 14.71 -19.45
CA THR B 303 -50.23 15.00 -18.03
C THR B 303 -49.14 15.88 -17.49
N THR B 304 -48.15 16.29 -18.31
CA THR B 304 -47.25 17.36 -17.91
C THR B 304 -47.74 18.76 -18.36
N MET B 305 -48.90 18.84 -19.02
CA MET B 305 -49.37 20.06 -19.60
C MET B 305 -50.05 21.00 -18.65
N TYR B 306 -50.34 20.58 -17.40
CA TYR B 306 -50.93 21.56 -16.46
C TYR B 306 -50.04 22.78 -16.20
N PRO B 307 -50.61 23.98 -16.38
CA PRO B 307 -49.86 25.18 -16.07
C PRO B 307 -49.46 25.11 -14.59
N GLY B 308 -48.24 25.54 -14.31
CA GLY B 308 -47.71 25.54 -12.97
C GLY B 308 -46.87 24.33 -12.59
N ILE B 309 -46.87 23.27 -13.41
CA ILE B 309 -46.23 22.02 -12.99
C ILE B 309 -44.72 22.19 -12.77
N ALA B 310 -44.05 22.78 -13.75
CA ALA B 310 -42.62 22.90 -13.68
C ALA B 310 -42.17 23.71 -12.45
N ASP B 311 -42.88 24.78 -12.13
CA ASP B 311 -42.51 25.60 -11.00
C ASP B 311 -42.66 24.83 -9.68
N ARG B 312 -43.73 24.06 -9.59
CA ARG B 312 -43.88 23.28 -8.36
C ARG B 312 -42.81 22.20 -8.26
N MET B 313 -42.47 21.60 -9.40
CA MET B 313 -41.40 20.60 -9.41
C MET B 313 -40.07 21.24 -8.90
N GLN B 314 -39.78 22.40 -9.42
CA GLN B 314 -38.58 23.09 -9.04
C GLN B 314 -38.57 23.41 -7.56
N LYS B 315 -39.71 23.79 -6.96
CA LYS B 315 -39.78 23.98 -5.55
C LYS B 315 -39.51 22.65 -4.81
N GLU B 316 -40.19 21.59 -5.20
CA GLU B 316 -40.25 20.41 -4.36
C GLU B 316 -38.96 19.62 -4.42
N ILE B 317 -38.46 19.41 -5.62
CA ILE B 317 -37.17 18.73 -5.79
C ILE B 317 -36.05 19.55 -5.15
N THR B 318 -36.10 20.87 -5.29
CA THR B 318 -35.11 21.67 -4.57
C THR B 318 -35.23 21.45 -3.06
N ALA B 319 -36.43 21.31 -2.53
CA ALA B 319 -36.62 21.06 -1.14
C ALA B 319 -36.07 19.70 -0.75
N LEU B 320 -36.14 18.69 -1.62
CA LEU B 320 -35.54 17.43 -1.27
C LEU B 320 -34.04 17.34 -1.46
N ALA B 321 -33.53 17.87 -2.55
CA ALA B 321 -32.11 17.77 -2.89
C ALA B 321 -31.23 18.80 -2.19
N PRO B 322 -29.93 18.51 -2.09
CA PRO B 322 -29.01 19.37 -1.38
C PRO B 322 -29.04 20.73 -2.04
N SER B 323 -29.18 21.80 -1.26
CA SER B 323 -29.37 23.14 -1.80
C SER B 323 -28.16 23.66 -2.63
N THR B 324 -26.99 23.07 -2.44
CA THR B 324 -25.77 23.59 -3.03
C THR B 324 -25.78 23.50 -4.56
N MET B 325 -26.72 22.74 -5.11
CA MET B 325 -26.69 22.45 -6.55
C MET B 325 -27.95 22.83 -7.38
N LYS B 326 -27.69 23.17 -8.64
CA LYS B 326 -28.71 23.78 -9.50
C LYS B 326 -29.59 22.66 -10.08
N ILE B 327 -30.88 22.77 -9.84
CA ILE B 327 -31.88 21.91 -10.49
C ILE B 327 -32.68 22.66 -11.56
N LYS B 328 -32.19 22.61 -12.79
CA LYS B 328 -32.96 23.16 -13.93
C LYS B 328 -33.91 22.06 -14.38
N ILE B 329 -35.15 22.46 -14.59
CA ILE B 329 -36.17 21.57 -15.15
C ILE B 329 -36.43 22.07 -16.56
N ILE B 330 -36.35 21.15 -17.52
CA ILE B 330 -36.63 21.50 -18.92
C ILE B 330 -37.99 20.91 -19.34
N ALA B 331 -38.99 21.77 -19.56
CA ALA B 331 -40.29 21.35 -20.04
C ALA B 331 -40.63 22.24 -21.25
N PRO B 332 -40.21 21.78 -22.42
CA PRO B 332 -40.41 22.54 -23.64
C PRO B 332 -41.89 22.55 -24.04
N PRO B 333 -42.37 23.63 -24.66
CA PRO B 333 -43.68 23.55 -25.33
C PRO B 333 -43.68 22.56 -26.50
N GLU B 334 -44.85 22.04 -26.83
CA GLU B 334 -44.99 20.89 -27.73
C GLU B 334 -44.49 19.61 -27.07
N ARG B 335 -44.38 19.60 -25.75
CA ARG B 335 -43.93 18.40 -25.06
C ARG B 335 -44.90 17.19 -25.11
N LYS B 336 -46.18 17.44 -25.37
CA LYS B 336 -47.13 16.37 -25.51
C LYS B 336 -46.77 15.49 -26.74
N TYR B 337 -46.09 16.04 -27.74
CA TYR B 337 -45.71 15.30 -28.92
C TYR B 337 -44.24 14.92 -28.93
N SER B 338 -43.50 15.11 -27.82
CA SER B 338 -42.11 14.77 -27.71
C SER B 338 -41.78 13.33 -28.11
N VAL B 339 -42.60 12.42 -27.62
CA VAL B 339 -42.37 11.00 -27.91
C VAL B 339 -42.46 10.76 -29.42
N TRP B 340 -43.50 11.29 -30.04
CA TRP B 340 -43.68 11.08 -31.47
C TRP B 340 -42.51 11.73 -32.23
N ILE B 341 -42.13 12.96 -31.83
CA ILE B 341 -41.03 13.65 -32.48
C ILE B 341 -39.74 12.84 -32.39
N GLY B 342 -39.49 12.35 -31.21
CA GLY B 342 -38.37 11.45 -30.92
C GLY B 342 -38.36 10.29 -31.86
N GLY B 343 -39.53 9.66 -32.04
CA GLY B 343 -39.71 8.54 -32.94
C GLY B 343 -39.32 8.96 -34.36
N SER B 344 -39.82 10.09 -34.82
CA SER B 344 -39.55 10.58 -36.13
C SER B 344 -38.01 10.73 -36.38
N ILE B 345 -37.40 11.46 -35.46
CA ILE B 345 -35.98 11.74 -35.60
C ILE B 345 -35.17 10.47 -35.53
N LEU B 346 -35.53 9.54 -34.68
CA LEU B 346 -34.83 8.26 -34.66
C LEU B 346 -34.99 7.52 -35.99
N ALA B 347 -36.21 7.49 -36.53
CA ALA B 347 -36.40 6.84 -37.82
C ALA B 347 -35.64 7.52 -38.93
N SER B 348 -35.32 8.81 -38.80
CA SER B 348 -34.57 9.52 -39.79
C SER B 348 -33.04 9.31 -39.63
N LEU B 349 -32.60 8.70 -38.53
CA LEU B 349 -31.19 8.31 -38.36
C LEU B 349 -30.86 7.04 -39.13
N SER B 350 -29.79 7.13 -39.93
CA SER B 350 -29.32 6.02 -40.74
C SER B 350 -28.69 4.90 -39.87
N THR B 351 -28.00 5.30 -38.81
CA THR B 351 -27.33 4.37 -37.94
C THR B 351 -28.34 3.40 -37.29
N PHE B 352 -29.57 3.85 -37.11
CA PHE B 352 -30.65 3.04 -36.57
C PHE B 352 -31.21 2.03 -37.57
N GLN B 353 -30.99 2.27 -38.86
CA GLN B 353 -31.56 1.40 -39.88
C GLN B 353 -31.15 -0.08 -39.73
N GLN B 354 -29.97 -0.35 -39.18
CA GLN B 354 -29.59 -1.74 -38.94
C GLN B 354 -30.56 -2.37 -37.87
N MET B 355 -31.14 -1.60 -36.93
CA MET B 355 -31.80 -2.16 -35.77
C MET B 355 -33.23 -2.55 -36.02
N TRP B 356 -33.78 -2.32 -37.22
CA TRP B 356 -35.17 -2.75 -37.46
C TRP B 356 -35.21 -4.27 -37.32
N ILE B 357 -36.31 -4.86 -36.88
CA ILE B 357 -36.49 -6.32 -36.85
C ILE B 357 -37.19 -6.63 -38.19
N THR B 358 -36.54 -7.44 -39.03
CA THR B 358 -37.11 -7.75 -40.34
C THR B 358 -38.16 -8.84 -40.26
N LYS B 359 -39.11 -8.77 -41.19
CA LYS B 359 -40.18 -9.75 -41.28
C LYS B 359 -39.59 -11.19 -41.27
N GLN B 360 -38.61 -11.37 -42.15
CA GLN B 360 -37.98 -12.68 -42.25
C GLN B 360 -37.24 -13.04 -41.00
N GLU B 361 -36.54 -12.09 -40.38
CA GLU B 361 -35.81 -12.41 -39.15
C GLU B 361 -36.74 -12.82 -38.02
N TYR B 362 -37.88 -12.17 -37.94
CA TYR B 362 -38.92 -12.58 -37.00
C TYR B 362 -39.41 -13.99 -37.33
N ASP B 363 -39.57 -14.29 -38.63
CA ASP B 363 -40.11 -15.57 -39.01
C ASP B 363 -39.18 -16.72 -38.60
N GLU B 364 -37.88 -16.53 -38.75
CA GLU B 364 -36.91 -17.55 -38.42
C GLU B 364 -36.49 -17.57 -36.95
N ALA B 365 -36.45 -16.43 -36.29
CA ALA B 365 -36.04 -16.38 -34.89
C ALA B 365 -37.17 -16.53 -33.87
N GLY B 366 -38.40 -16.19 -34.26
CA GLY B 366 -39.53 -16.27 -33.37
C GLY B 366 -39.79 -14.98 -32.64
N PRO B 367 -40.72 -15.04 -31.68
CA PRO B 367 -41.13 -13.88 -30.89
C PRO B 367 -40.11 -13.41 -29.87
N SER B 368 -39.23 -14.30 -29.41
CA SER B 368 -38.33 -13.97 -28.33
C SER B 368 -37.30 -12.89 -28.72
N ILE B 369 -37.09 -12.67 -30.02
CA ILE B 369 -36.13 -11.69 -30.48
C ILE B 369 -36.54 -10.24 -30.47
N VAL B 370 -37.72 -9.86 -29.97
CA VAL B 370 -38.11 -8.45 -29.91
C VAL B 370 -37.31 -7.69 -28.82
N HIS B 371 -36.89 -8.44 -27.81
CA HIS B 371 -36.17 -7.89 -26.68
C HIS B 371 -34.63 -7.95 -26.91
N THR C 5 67.95 19.94 -8.36
CA THR C 5 67.43 18.58 -8.65
C THR C 5 66.87 17.84 -7.46
N THR C 6 67.39 18.12 -6.26
CA THR C 6 66.99 17.46 -5.01
C THR C 6 66.78 15.95 -5.15
N ALA C 7 65.87 15.40 -4.35
CA ALA C 7 65.51 13.99 -4.46
C ALA C 7 64.14 13.76 -3.85
N LEU C 8 63.55 12.62 -4.24
CA LEU C 8 62.33 12.12 -3.61
C LEU C 8 62.63 10.99 -2.67
N VAL C 9 61.96 11.00 -1.52
CA VAL C 9 62.10 9.93 -0.53
C VAL C 9 60.73 9.29 -0.39
N CYS C 10 60.62 8.03 -0.78
CA CYS C 10 59.32 7.30 -0.76
C CYS C 10 59.44 6.15 0.23
N ASP C 11 58.75 6.26 1.36
CA ASP C 11 58.68 5.17 2.32
C ASP C 11 57.42 4.37 2.08
N ASN C 12 57.58 3.21 1.44
CA ASN C 12 56.51 2.32 1.05
C ASN C 12 56.41 1.21 2.12
N GLY C 13 55.63 1.43 3.18
CA GLY C 13 55.31 0.34 4.11
C GLY C 13 53.88 -0.08 3.84
N SER C 14 53.52 -1.27 4.33
CA SER C 14 52.12 -1.64 4.34
C SER C 14 51.37 -0.62 5.17
N GLY C 15 50.14 -0.32 4.78
CA GLY C 15 49.27 0.58 5.54
C GLY C 15 49.41 2.08 5.29
N LEU C 16 50.62 2.59 5.10
CA LEU C 16 50.82 4.00 4.81
C LEU C 16 51.98 4.20 3.86
N VAL C 17 51.79 5.09 2.87
CA VAL C 17 52.91 5.61 2.05
C VAL C 17 53.27 6.97 2.66
N LYS C 18 54.55 7.20 2.96
CA LYS C 18 55.05 8.50 3.36
C LYS C 18 56.00 8.98 2.29
N ALA C 19 55.71 10.11 1.63
CA ALA C 19 56.58 10.54 0.54
C ALA C 19 56.71 12.06 0.54
N GLY C 20 57.78 12.54 -0.05
CA GLY C 20 58.12 13.93 0.06
C GLY C 20 59.49 14.18 -0.55
N PHE C 21 59.84 15.46 -0.59
CA PHE C 21 61.14 15.90 -1.04
C PHE C 21 62.19 15.73 0.03
N ALA C 22 63.38 15.35 -0.42
CA ALA C 22 64.50 15.25 0.53
C ALA C 22 64.91 16.58 1.11
N GLY C 23 65.58 16.51 2.26
CA GLY C 23 65.98 17.68 3.00
C GLY C 23 64.84 18.41 3.72
N ASP C 24 63.67 17.79 3.94
CA ASP C 24 62.55 18.45 4.60
C ASP C 24 62.27 17.74 5.94
N ASP C 25 61.53 18.39 6.82
CA ASP C 25 61.35 17.87 8.19
C ASP C 25 60.34 16.71 8.26
N ALA C 26 59.40 16.68 7.30
CA ALA C 26 58.33 15.71 7.32
C ALA C 26 57.86 15.43 5.91
N PRO C 27 57.27 14.26 5.68
CA PRO C 27 56.70 13.91 4.37
C PRO C 27 55.46 14.75 4.11
N ARG C 28 55.35 15.21 2.88
CA ARG C 28 54.13 15.96 2.51
C ARG C 28 52.92 15.09 2.24
N ALA C 29 53.09 14.02 1.47
CA ALA C 29 51.97 13.13 1.20
C ALA C 29 52.03 11.93 2.11
N VAL C 30 51.00 11.68 2.91
CA VAL C 30 50.99 10.52 3.81
C VAL C 30 49.60 9.97 3.70
N PHE C 31 49.44 8.85 3.04
CA PHE C 31 48.10 8.32 2.87
C PHE C 31 48.16 6.81 2.89
N PRO C 32 47.00 6.15 3.08
CA PRO C 32 47.03 4.68 3.22
C PRO C 32 47.38 4.00 1.91
N SER C 33 48.11 2.88 1.96
CA SER C 33 48.34 2.07 0.75
C SER C 33 47.13 1.20 0.51
N ILE C 34 46.09 1.75 -0.11
CA ILE C 34 44.91 0.97 -0.43
C ILE C 34 44.45 1.26 -1.84
N VAL C 35 43.93 0.20 -2.46
CA VAL C 35 43.36 0.29 -3.82
C VAL C 35 41.90 -0.15 -3.74
N GLY C 36 41.02 0.82 -3.60
CA GLY C 36 39.58 0.54 -3.48
C GLY C 36 38.97 0.16 -4.81
N ARG C 37 38.14 -0.88 -4.85
CA ARG C 37 37.38 -1.21 -6.06
C ARG C 37 35.91 -1.43 -5.67
N PRO C 38 34.98 -0.88 -6.45
CA PRO C 38 33.58 -0.93 -6.06
C PRO C 38 33.12 -2.37 -5.82
N ARG C 39 32.41 -2.60 -4.71
CA ARG C 39 31.98 -3.94 -4.36
C ARG C 39 30.72 -4.20 -5.18
N HIS C 40 29.84 -3.20 -5.17
CA HIS C 40 28.57 -3.29 -5.88
C HIS C 40 28.57 -2.57 -7.22
N GLN C 41 28.31 -3.34 -8.27
CA GLN C 41 28.18 -2.78 -9.61
C GLN C 41 27.10 -1.67 -9.59
N GLY C 42 27.53 -0.44 -9.85
CA GLY C 42 26.68 0.71 -9.67
C GLY C 42 25.94 1.18 -10.90
N VAL C 43 24.62 1.39 -10.78
CA VAL C 43 23.82 1.82 -11.91
C VAL C 43 23.47 3.31 -11.74
N MET C 44 24.27 4.14 -12.38
CA MET C 44 23.99 5.57 -12.58
C MET C 44 24.57 5.94 -13.95
N VAL C 45 24.44 7.21 -14.33
CA VAL C 45 25.12 7.73 -15.50
C VAL C 45 25.75 9.08 -15.10
N GLY C 46 27.02 9.30 -15.46
CA GLY C 46 27.78 10.42 -14.92
C GLY C 46 28.54 10.11 -13.65
N MET C 47 28.13 9.06 -12.93
CA MET C 47 28.86 8.58 -11.78
C MET C 47 30.34 8.27 -12.10
N GLY C 48 31.22 8.41 -11.13
CA GLY C 48 32.61 8.00 -11.30
C GLY C 48 33.17 8.19 -12.71
N GLN C 49 33.23 7.13 -13.53
CA GLN C 49 32.90 5.72 -13.18
C GLN C 49 33.93 5.10 -12.22
N LYS C 50 35.16 5.59 -12.30
CA LYS C 50 36.21 5.33 -11.32
C LYS C 50 36.34 3.87 -10.89
N ASP C 51 36.80 3.06 -11.82
CA ASP C 51 36.92 1.60 -11.66
C ASP C 51 37.84 1.23 -10.51
N SER C 52 38.80 2.12 -10.24
CA SER C 52 39.73 1.89 -9.15
C SER C 52 39.95 3.20 -8.41
N TYR C 53 39.81 3.19 -7.09
CA TYR C 53 40.11 4.29 -6.24
C TYR C 53 41.41 3.97 -5.49
N VAL C 54 42.09 5.00 -5.03
CA VAL C 54 43.42 4.80 -4.39
C VAL C 54 43.68 5.77 -3.24
N GLY C 55 44.25 5.27 -2.15
CA GLY C 55 44.66 6.13 -1.04
C GLY C 55 43.56 6.71 -0.19
N ASP C 56 43.76 7.96 0.18
CA ASP C 56 42.78 8.67 1.02
C ASP C 56 41.41 8.73 0.36
N GLU C 57 41.40 8.85 -0.97
CA GLU C 57 40.17 8.85 -1.76
C GLU C 57 39.39 7.56 -1.51
N ALA C 58 40.08 6.43 -1.47
CA ALA C 58 39.43 5.16 -1.13
C ALA C 58 38.91 5.20 0.29
N GLN C 59 39.66 5.79 1.20
CA GLN C 59 39.20 5.95 2.58
C GLN C 59 37.87 6.72 2.64
N SER C 60 37.74 7.74 1.82
CA SER C 60 36.52 8.50 1.77
C SER C 60 35.29 7.64 1.44
N LYS C 61 35.45 6.66 0.59
CA LYS C 61 34.37 5.78 0.16
C LYS C 61 34.55 4.27 0.50
N ARG C 62 34.65 3.94 1.77
CA ARG C 62 34.89 2.55 2.16
C ARG C 62 33.63 1.68 1.99
N GLY C 63 32.45 2.24 2.22
CA GLY C 63 31.26 1.43 2.26
C GLY C 63 30.86 0.91 0.87
N ILE C 64 31.34 1.53 -0.17
CA ILE C 64 31.13 1.01 -1.52
C ILE C 64 32.26 0.02 -1.80
N LEU C 65 33.48 0.39 -1.44
CA LEU C 65 34.65 -0.29 -1.96
C LEU C 65 35.07 -1.48 -1.16
N THR C 66 35.71 -2.41 -1.87
CA THR C 66 36.51 -3.47 -1.24
C THR C 66 37.91 -2.93 -1.14
N LEU C 67 38.46 -2.83 0.06
CA LEU C 67 39.80 -2.29 0.17
C LEU C 67 40.80 -3.41 0.08
N LYS C 68 41.92 -3.11 -0.57
CA LYS C 68 42.89 -4.11 -0.89
C LYS C 68 44.25 -3.51 -0.63
N TYR C 69 44.91 -3.95 0.44
CA TYR C 69 46.35 -3.67 0.64
C TYR C 69 47.19 -4.41 -0.42
N PRO C 70 47.93 -3.66 -1.27
CA PRO C 70 48.75 -4.27 -2.29
C PRO C 70 49.97 -4.97 -1.72
N ILE C 71 50.36 -4.63 -0.49
CA ILE C 71 51.63 -5.04 0.10
C ILE C 71 51.36 -5.71 1.45
N GLU C 72 51.82 -6.94 1.60
CA GLU C 72 51.52 -7.77 2.78
C GLU C 72 52.76 -8.34 3.44
N HIC C 73 53.02 -7.90 4.68
CA HIC C 73 54.20 -8.27 5.39
C HIC C 73 55.44 -7.85 4.64
O HIC C 73 56.37 -8.62 4.44
CB HIC C 73 54.29 -9.79 5.62
CG HIC C 73 52.99 -10.43 6.04
ND1 HIC C 73 52.08 -9.89 6.85
CD2 HIC C 73 52.50 -11.65 5.64
CE1 HIC C 73 51.08 -10.73 6.98
NE2 HIC C 73 51.32 -11.82 6.24
CZ HIC C 73 50.42 -12.97 6.13
N GLY C 74 55.43 -6.60 4.16
CA GLY C 74 56.58 -6.06 3.40
C GLY C 74 56.66 -6.59 1.98
N ILE C 75 56.11 -7.78 1.70
CA ILE C 75 56.21 -8.42 0.41
C ILE C 75 55.16 -7.79 -0.50
N ILE C 76 55.52 -7.41 -1.73
CA ILE C 76 54.52 -6.90 -2.66
C ILE C 76 53.67 -8.07 -3.17
N THR C 77 52.35 -7.98 -3.01
CA THR C 77 51.45 -9.06 -3.37
C THR C 77 50.89 -8.82 -4.77
N ASN C 78 50.56 -7.56 -5.09
CA ASN C 78 49.85 -7.26 -6.33
C ASN C 78 50.50 -6.02 -6.95
N TRP C 79 51.16 -6.23 -8.08
CA TRP C 79 52.19 -5.32 -8.58
C TRP C 79 51.56 -4.13 -9.27
N ASP C 80 50.54 -4.35 -10.06
CA ASP C 80 49.87 -3.24 -10.71
C ASP C 80 49.18 -2.36 -9.72
N ASP C 81 48.65 -2.90 -8.63
CA ASP C 81 48.07 -2.07 -7.58
C ASP C 81 49.14 -1.14 -6.97
N MET C 82 50.33 -1.71 -6.70
CA MET C 82 51.42 -0.92 -6.19
C MET C 82 51.82 0.19 -7.15
N GLU C 83 51.90 -0.17 -8.41
CA GLU C 83 52.18 0.79 -9.49
C GLU C 83 51.13 1.89 -9.45
N LYS C 84 49.85 1.55 -9.28
CA LYS C 84 48.81 2.55 -9.21
C LYS C 84 49.04 3.52 -8.06
N ILE C 85 49.39 3.00 -6.88
CA ILE C 85 49.61 3.91 -5.75
C ILE C 85 50.83 4.78 -6.01
N TRP C 86 51.86 4.26 -6.67
CA TRP C 86 53.00 5.12 -6.98
C TRP C 86 52.60 6.22 -7.95
N HIS C 87 51.87 5.86 -8.99
CA HIS C 87 51.51 6.85 -10.01
C HIS C 87 50.66 7.94 -9.38
N HIS C 88 49.70 7.53 -8.56
CA HIS C 88 48.85 8.52 -7.88
C HIS C 88 49.70 9.40 -6.98
N THR C 89 50.62 8.80 -6.26
CA THR C 89 51.53 9.51 -5.37
C THR C 89 52.29 10.62 -6.13
N PHE C 90 52.94 10.28 -7.20
CA PHE C 90 53.78 11.22 -7.91
C PHE C 90 52.99 12.34 -8.56
N TYR C 91 51.95 12.01 -9.28
CA TYR C 91 51.26 13.04 -10.07
C TYR C 91 50.16 13.77 -9.31
N ASN C 92 49.49 13.14 -8.36
CA ASN C 92 48.35 13.70 -7.70
C ASN C 92 48.63 14.31 -6.35
N GLU C 93 49.78 13.99 -5.71
CA GLU C 93 50.17 14.62 -4.47
C GLU C 93 51.45 15.44 -4.57
N LEU C 94 52.53 14.82 -5.00
CA LEU C 94 53.81 15.53 -5.15
C LEU C 94 53.94 16.34 -6.44
N ARG C 95 53.10 16.00 -7.39
CA ARG C 95 52.97 16.80 -8.62
C ARG C 95 54.27 16.96 -9.36
N VAL C 96 54.88 15.81 -9.61
CA VAL C 96 56.28 15.83 -10.12
C VAL C 96 56.57 14.76 -11.16
N ALA C 97 57.38 15.15 -12.15
CA ALA C 97 57.89 14.26 -13.17
C ALA C 97 59.07 13.52 -12.53
N PRO C 98 58.99 12.19 -12.38
CA PRO C 98 60.09 11.43 -11.81
C PRO C 98 61.42 11.54 -12.54
N GLU C 99 61.40 11.91 -13.80
CA GLU C 99 62.60 12.11 -14.58
C GLU C 99 63.45 13.30 -14.11
N GLU C 100 62.93 14.13 -13.23
CA GLU C 100 63.61 15.29 -12.69
C GLU C 100 64.25 15.02 -11.34
N HIS C 101 63.96 13.89 -10.71
CA HIS C 101 64.59 13.59 -9.41
C HIS C 101 65.11 12.15 -9.27
N PRO C 102 66.24 11.96 -8.58
CA PRO C 102 66.60 10.65 -8.08
C PRO C 102 65.63 10.33 -6.92
N THR C 103 65.38 9.04 -6.78
CA THR C 103 64.35 8.58 -5.86
C THR C 103 64.89 7.51 -4.95
N LEU C 104 64.80 7.77 -3.65
CA LEU C 104 65.22 6.79 -2.63
C LEU C 104 63.95 6.08 -2.16
N LEU C 105 63.94 4.73 -2.26
CA LEU C 105 62.88 3.90 -1.81
C LEU C 105 63.30 3.10 -0.62
N THR C 106 62.30 2.57 0.04
CA THR C 106 62.49 1.87 1.32
C THR C 106 62.06 0.41 1.22
N GLU C 107 62.55 -0.41 2.12
CA GLU C 107 62.08 -1.80 2.21
C GLU C 107 62.53 -2.37 3.53
N ALA C 108 61.80 -3.40 3.96
CA ALA C 108 62.16 -4.18 5.13
C ALA C 108 63.40 -5.01 4.90
N PRO C 109 64.22 -5.25 5.94
CA PRO C 109 65.29 -6.23 5.83
C PRO C 109 64.77 -7.64 5.64
N LEU C 110 65.62 -8.54 5.12
CA LEU C 110 65.38 -9.98 5.02
C LEU C 110 64.18 -10.32 4.12
N ASN C 111 63.99 -9.51 3.09
CA ASN C 111 62.74 -9.42 2.32
C ASN C 111 63.10 -10.05 0.96
N PRO C 112 62.21 -10.86 0.37
CA PRO C 112 62.52 -11.53 -0.86
C PRO C 112 63.09 -10.65 -1.98
N LYS C 113 63.99 -11.23 -2.79
CA LYS C 113 64.77 -10.49 -3.77
C LYS C 113 63.83 -9.92 -4.82
N ALA C 114 62.71 -10.59 -5.10
CA ALA C 114 61.73 -10.11 -6.06
C ALA C 114 61.26 -8.68 -5.83
N ASN C 115 61.21 -8.22 -4.58
CA ASN C 115 60.75 -6.88 -4.31
C ASN C 115 61.76 -5.85 -4.80
N ARG C 116 63.05 -6.07 -4.55
CA ARG C 116 64.03 -5.04 -4.95
C ARG C 116 64.07 -4.96 -6.49
N GLU C 117 64.18 -6.14 -7.09
CA GLU C 117 64.41 -6.19 -8.55
C GLU C 117 63.21 -5.68 -9.33
N LYS C 118 62.03 -6.18 -8.97
CA LYS C 118 60.80 -5.74 -9.64
C LYS C 118 60.59 -4.25 -9.41
N MET C 119 60.84 -3.79 -8.19
CA MET C 119 60.61 -2.42 -7.80
C MET C 119 61.45 -1.46 -8.69
N THR C 120 62.76 -1.81 -8.72
CA THR C 120 63.70 -1.01 -9.51
C THR C 120 63.34 -1.03 -10.97
N GLN C 121 62.92 -2.21 -11.46
CA GLN C 121 62.51 -2.36 -12.85
C GLN C 121 61.35 -1.40 -13.17
N ILE C 122 60.39 -1.34 -12.26
CA ILE C 122 59.26 -0.44 -12.45
C ILE C 122 59.71 1.03 -12.43
N MET C 123 60.57 1.38 -11.47
CA MET C 123 60.98 2.74 -11.35
C MET C 123 61.75 3.21 -12.55
N PHE C 124 62.58 2.35 -13.11
CA PHE C 124 63.34 2.74 -14.29
C PHE C 124 62.47 2.69 -15.55
N GLU C 125 61.73 1.61 -15.73
CA GLU C 125 61.03 1.38 -17.02
C GLU C 125 59.70 2.11 -17.11
N THR C 126 58.90 2.05 -16.05
CA THR C 126 57.52 2.57 -16.18
C THR C 126 57.50 4.08 -15.86
N PHE C 127 57.98 4.43 -14.69
CA PHE C 127 58.34 5.80 -14.38
C PHE C 127 59.72 5.77 -15.01
N ASN C 128 60.25 6.91 -15.40
CA ASN C 128 61.64 6.99 -15.84
C ASN C 128 62.36 7.84 -14.82
N VAL C 129 63.41 7.26 -14.23
CA VAL C 129 64.11 7.91 -13.08
C VAL C 129 65.60 7.99 -13.44
N PRO C 130 66.28 9.11 -13.09
CA PRO C 130 67.67 9.22 -13.44
C PRO C 130 68.49 8.27 -12.62
N ALA C 131 68.14 8.15 -11.35
CA ALA C 131 68.83 7.24 -10.45
C ALA C 131 67.98 6.98 -9.22
N MET C 132 68.26 5.86 -8.57
CA MET C 132 67.49 5.49 -7.41
C MET C 132 68.30 4.63 -6.46
N TYR C 133 67.72 4.36 -5.29
CA TYR C 133 68.39 3.58 -4.26
C TYR C 133 67.33 2.94 -3.39
N VAL C 134 67.52 1.71 -2.94
CA VAL C 134 66.59 1.07 -2.04
C VAL C 134 67.38 0.80 -0.74
N ALA C 135 66.77 1.17 0.38
CA ALA C 135 67.46 1.18 1.67
C ALA C 135 66.71 0.31 2.69
N ILE C 136 67.45 -0.27 3.61
CA ILE C 136 66.90 -0.96 4.78
C ILE C 136 66.30 0.04 5.75
N GLN C 137 65.06 -0.17 6.16
CA GLN C 137 64.36 0.77 7.03
C GLN C 137 65.11 1.14 8.31
N ALA C 138 65.63 0.15 9.02
CA ALA C 138 66.11 0.42 10.38
C ALA C 138 67.30 1.38 10.35
N VAL C 139 68.16 1.26 9.37
CA VAL C 139 69.26 2.18 9.19
C VAL C 139 68.76 3.62 9.03
N LEU C 140 67.69 3.81 8.26
CA LEU C 140 67.14 5.15 8.06
C LEU C 140 66.66 5.72 9.41
N SER C 141 65.96 4.91 10.18
CA SER C 141 65.49 5.33 11.47
C SER C 141 66.66 5.69 12.41
N LEU C 142 67.73 4.91 12.34
CA LEU C 142 68.90 5.21 13.13
C LEU C 142 69.51 6.56 12.74
N TYR C 143 69.58 6.85 11.43
CA TYR C 143 69.99 8.19 11.03
C TYR C 143 69.05 9.28 11.59
N ALA C 144 67.76 9.01 11.54
CA ALA C 144 66.78 9.93 12.12
C ALA C 144 67.07 10.20 13.60
N SER C 145 67.60 9.20 14.27
CA SER C 145 67.88 9.39 15.70
C SER C 145 69.03 10.33 15.90
N GLY C 146 69.89 10.40 14.87
CA GLY C 146 71.11 11.20 14.94
C GLY C 146 72.24 10.45 15.65
N ARG C 147 72.28 9.14 15.47
CA ARG C 147 73.15 8.27 16.26
C ARG C 147 73.73 7.17 15.37
N THR C 148 74.81 6.58 15.78
CA THR C 148 75.57 5.69 14.90
C THR C 148 75.50 4.24 15.41
N THR C 149 75.12 4.10 16.68
CA THR C 149 75.15 2.81 17.36
C THR C 149 73.81 2.60 18.07
N GLY C 150 73.29 1.36 17.93
CA GLY C 150 72.05 1.04 18.58
C GLY C 150 71.32 -0.14 17.98
N ILE C 151 70.27 -0.63 18.62
CA ILE C 151 69.54 -1.75 18.04
C ILE C 151 68.16 -1.24 17.74
N VAL C 152 67.77 -1.26 16.47
CA VAL C 152 66.47 -0.69 16.11
C VAL C 152 65.33 -1.67 16.15
N LEU C 153 64.23 -1.36 16.86
CA LEU C 153 63.02 -2.18 16.72
C LEU C 153 62.06 -1.37 15.88
N ASP C 154 61.78 -1.81 14.64
CA ASP C 154 60.85 -1.07 13.77
C ASP C 154 59.65 -1.92 13.55
N SER C 155 58.54 -1.49 14.16
CA SER C 155 57.24 -2.18 13.96
C SER C 155 56.26 -1.30 13.16
N GLY C 156 55.98 -1.72 11.94
CA GLY C 156 55.11 -1.03 11.04
C GLY C 156 53.81 -1.80 11.02
N ASP C 157 53.11 -1.75 9.90
CA ASP C 157 51.86 -2.43 9.76
C ASP C 157 52.09 -3.86 9.32
N GLY C 158 53.09 -4.10 8.49
CA GLY C 158 53.32 -5.46 7.99
C GLY C 158 54.21 -6.32 8.91
N VAL C 159 55.32 -5.73 9.39
CA VAL C 159 56.42 -6.52 9.91
C VAL C 159 57.12 -5.74 11.01
N THR C 160 57.77 -6.49 11.90
CA THR C 160 58.57 -5.92 12.97
C THR C 160 60.00 -6.43 12.76
N HIS C 161 60.97 -5.53 12.95
CA HIS C 161 62.36 -5.93 12.85
C HIS C 161 63.16 -5.63 14.12
N ASN C 162 64.25 -6.34 14.25
CA ASN C 162 65.31 -5.92 15.09
C ASN C 162 66.55 -5.91 14.24
N VAL C 163 67.21 -4.76 14.09
CA VAL C 163 68.52 -4.65 13.44
C VAL C 163 69.54 -3.97 14.39
N PRO C 164 70.48 -4.76 14.90
CA PRO C 164 71.59 -4.21 15.63
C PRO C 164 72.63 -3.58 14.77
N ILE C 165 73.12 -2.40 15.16
CA ILE C 165 74.06 -1.61 14.37
C ILE C 165 75.15 -1.11 15.37
N TYR C 166 76.43 -1.35 15.07
CA TYR C 166 77.46 -0.90 15.97
C TYR C 166 78.43 0.03 15.27
N GLU C 167 78.50 1.27 15.75
CA GLU C 167 79.52 2.23 15.30
C GLU C 167 79.47 2.36 13.76
N GLY C 168 78.28 2.55 13.20
CA GLY C 168 78.07 2.32 11.77
C GLY C 168 77.87 0.83 11.54
N TYR C 169 78.49 0.30 10.50
CA TYR C 169 78.52 -1.14 10.27
C TYR C 169 77.14 -1.77 10.36
N ALA C 170 77.07 -3.03 10.73
CA ALA C 170 75.81 -3.76 10.85
C ALA C 170 76.15 -5.21 11.24
N LEU C 171 75.15 -5.97 11.72
CA LEU C 171 75.35 -7.38 12.02
C LEU C 171 74.22 -8.10 11.37
N PRO C 172 74.40 -8.54 10.13
CA PRO C 172 73.32 -9.24 9.42
C PRO C 172 72.89 -10.54 10.05
N HIS C 173 73.83 -11.28 10.63
CA HIS C 173 73.47 -12.51 11.31
C HIS C 173 72.59 -12.36 12.53
N ALA C 174 72.47 -11.16 13.11
CA ALA C 174 71.63 -10.88 14.25
C ALA C 174 70.31 -10.14 13.90
N ILE C 175 70.11 -9.90 12.64
CA ILE C 175 68.87 -9.26 12.19
C ILE C 175 67.71 -10.24 12.29
N MET C 176 66.57 -9.79 12.83
CA MET C 176 65.49 -10.70 13.17
C MET C 176 64.23 -10.02 12.79
N ARG C 177 63.46 -10.65 11.91
CA ARG C 177 62.19 -10.10 11.49
C ARG C 177 61.11 -10.98 12.03
N LEU C 178 59.95 -10.37 12.16
CA LEU C 178 58.86 -11.02 12.85
C LEU C 178 57.58 -10.46 12.22
N ASP C 179 56.65 -11.31 11.72
CA ASP C 179 55.36 -10.83 11.23
C ASP C 179 54.34 -10.71 12.38
N LEU C 180 54.52 -9.62 13.12
CA LEU C 180 53.52 -9.12 14.03
C LEU C 180 53.50 -7.61 13.94
N ALA C 181 52.32 -7.04 13.80
CA ALA C 181 52.24 -5.68 13.32
C ALA C 181 50.80 -5.24 13.32
N GLY C 182 50.61 -3.93 13.10
CA GLY C 182 49.28 -3.31 13.13
C GLY C 182 48.19 -4.08 12.41
N ARG C 183 48.56 -4.83 11.37
CA ARG C 183 47.54 -5.58 10.63
C ARG C 183 47.11 -6.81 11.45
N ASP C 184 48.10 -7.52 11.97
CA ASP C 184 47.83 -8.69 12.80
C ASP C 184 47.09 -8.26 14.07
N LEU C 185 47.52 -7.15 14.66
CA LEU C 185 46.89 -6.67 15.87
C LEU C 185 45.49 -6.21 15.57
N THR C 186 45.20 -5.66 14.41
CA THR C 186 43.86 -5.21 14.13
C THR C 186 42.93 -6.40 13.97
N ASP C 187 43.39 -7.45 13.31
CA ASP C 187 42.59 -8.65 13.17
C ASP C 187 42.36 -9.30 14.52
N TYR C 188 43.39 -9.34 15.34
CA TYR C 188 43.21 -9.91 16.70
C TYR C 188 42.20 -9.08 17.50
N LEU C 189 42.29 -7.77 17.37
CA LEU C 189 41.32 -6.88 18.03
C LEU C 189 39.93 -7.13 17.45
N MET C 190 39.82 -7.48 16.17
CA MET C 190 38.56 -7.91 15.63
C MET C 190 37.89 -9.06 16.39
N LYS C 191 38.58 -10.20 16.44
CA LYS C 191 37.99 -11.39 17.03
C LYS C 191 37.85 -11.21 18.53
N ILE C 192 38.75 -10.49 19.18
CA ILE C 192 38.53 -10.26 20.62
C ILE C 192 37.38 -9.28 20.87
N LEU C 193 37.21 -8.34 19.98
CA LEU C 193 36.11 -7.37 20.05
C LEU C 193 34.74 -8.00 19.87
N THR C 194 34.68 -9.05 19.08
CA THR C 194 33.45 -9.71 18.78
C THR C 194 32.89 -10.35 20.02
N GLU C 195 33.69 -10.57 21.11
CA GLU C 195 33.16 -11.19 22.33
C GLU C 195 32.21 -10.22 23.03
N ARG C 196 32.33 -8.91 22.82
CA ARG C 196 31.31 -7.95 23.30
C ARG C 196 30.09 -7.86 22.39
N GLY C 197 30.08 -8.54 21.27
CA GLY C 197 28.90 -8.58 20.40
C GLY C 197 29.09 -7.73 19.16
N TYR C 198 30.21 -7.04 19.09
CA TYR C 198 30.40 -6.01 18.07
C TYR C 198 31.02 -6.80 16.95
N SER C 199 30.27 -6.99 15.86
CA SER C 199 30.76 -7.77 14.72
C SER C 199 31.24 -6.87 13.60
N PHE C 200 32.54 -6.95 13.32
CA PHE C 200 33.13 -6.21 12.20
C PHE C 200 33.74 -7.24 11.26
N VAL C 201 33.01 -7.54 10.19
CA VAL C 201 33.38 -8.62 9.28
C VAL C 201 34.20 -8.09 8.05
N THR C 202 34.03 -6.82 7.68
CA THR C 202 34.39 -6.35 6.32
C THR C 202 35.72 -5.55 6.32
N THR C 203 36.31 -5.42 5.14
CA THR C 203 37.57 -4.73 5.01
C THR C 203 37.45 -3.29 5.52
N ALA C 204 36.39 -2.63 5.09
CA ALA C 204 36.05 -1.28 5.53
C ALA C 204 35.93 -1.17 7.05
N GLU C 205 35.30 -2.14 7.68
CA GLU C 205 35.22 -2.17 9.16
C GLU C 205 36.58 -2.43 9.77
N ARG C 206 37.45 -3.19 9.10
CA ARG C 206 38.81 -3.38 9.60
C ARG C 206 39.49 -2.04 9.80
N GLU C 207 39.28 -1.11 8.88
CA GLU C 207 39.87 0.22 9.03
C GLU C 207 39.28 0.98 10.20
N ILE C 208 37.99 0.76 10.48
CA ILE C 208 37.39 1.35 11.68
C ILE C 208 38.09 0.81 12.93
N VAL C 209 38.25 -0.52 12.98
CA VAL C 209 38.91 -1.05 14.20
C VAL C 209 40.34 -0.61 14.31
N ARG C 210 41.02 -0.41 13.18
CA ARG C 210 42.34 0.19 13.16
C ARG C 210 42.29 1.56 13.85
N ASP C 211 41.25 2.33 13.59
CA ASP C 211 41.13 3.63 14.24
C ASP C 211 40.93 3.46 15.74
N ILE C 212 40.12 2.49 16.11
CA ILE C 212 39.89 2.25 17.54
C ILE C 212 41.21 1.94 18.24
N LYS C 213 41.97 1.05 17.63
CA LYS C 213 43.27 0.60 18.14
C LYS C 213 44.21 1.82 18.31
N GLU C 214 44.22 2.64 17.26
CA GLU C 214 45.15 3.76 17.22
C GLU C 214 44.83 4.75 18.34
N LYS C 215 43.54 5.00 18.56
CA LYS C 215 43.22 5.92 19.66
C LYS C 215 43.31 5.29 21.05
N LEU C 216 42.51 4.27 21.26
CA LEU C 216 42.22 3.79 22.63
C LEU C 216 43.23 2.83 23.21
N CYS C 217 43.77 1.94 22.41
CA CYS C 217 44.58 0.82 23.00
C CYS C 217 45.86 1.32 23.63
N TYR C 218 46.25 0.72 24.76
CA TYR C 218 47.54 1.06 25.38
C TYR C 218 48.17 -0.26 25.84
N VAL C 219 49.46 -0.19 26.11
CA VAL C 219 50.21 -1.36 26.61
C VAL C 219 50.35 -1.26 28.13
N ALA C 220 49.85 -2.30 28.77
CA ALA C 220 49.87 -2.40 30.21
C ALA C 220 51.29 -2.63 30.72
N LEU C 221 51.59 -2.16 31.91
CA LEU C 221 52.94 -2.38 32.45
C LEU C 221 52.99 -3.84 32.93
N ASP C 222 52.03 -4.21 33.76
CA ASP C 222 51.86 -5.58 34.14
C ASP C 222 50.52 -6.05 33.62
N PHE C 223 50.52 -7.19 32.92
CA PHE C 223 49.34 -7.71 32.23
C PHE C 223 48.24 -8.25 33.17
N GLU C 224 48.57 -9.31 33.87
CA GLU C 224 47.56 -10.04 34.60
C GLU C 224 47.02 -9.21 35.74
N ASN C 225 47.81 -8.32 36.33
CA ASN C 225 47.28 -7.43 37.34
C ASN C 225 46.23 -6.51 36.74
N GLU C 226 46.50 -5.98 35.55
CA GLU C 226 45.53 -5.12 34.88
C GLU C 226 44.25 -5.88 34.50
N MET C 227 44.43 -7.12 34.09
CA MET C 227 43.27 -7.98 33.79
C MET C 227 42.46 -8.21 35.05
N ALA C 228 43.13 -8.37 36.18
CA ALA C 228 42.43 -8.57 37.45
C ALA C 228 41.58 -7.36 37.79
N THR C 229 42.15 -6.18 37.57
CA THR C 229 41.49 -4.93 37.94
C THR C 229 40.40 -4.55 36.92
N ALA C 230 40.49 -5.11 35.72
CA ALA C 230 39.37 -5.10 34.79
C ALA C 230 38.08 -5.72 35.37
N ALA C 231 38.19 -6.57 36.39
CA ALA C 231 37.00 -7.06 37.09
C ALA C 231 36.03 -5.96 37.53
N SER C 232 36.53 -4.94 38.23
CA SER C 232 35.72 -3.82 38.65
C SER C 232 35.87 -2.58 37.71
N SER C 233 35.03 -2.51 36.69
CA SER C 233 35.27 -1.58 35.58
C SER C 233 35.14 -0.13 36.00
N SER C 234 36.23 0.62 35.85
CA SER C 234 36.28 2.01 36.27
C SER C 234 36.78 2.81 35.07
N SER C 235 38.07 3.12 35.03
CA SER C 235 38.65 3.87 33.91
C SER C 235 38.96 2.99 32.68
N LEU C 236 38.93 1.68 32.83
CA LEU C 236 39.43 0.80 31.81
C LEU C 236 38.44 0.72 30.66
N GLU C 237 37.15 0.60 30.93
CA GLU C 237 36.19 0.80 29.80
C GLU C 237 36.16 2.24 29.32
N LYS C 238 36.26 2.43 28.01
CA LYS C 238 36.15 3.74 27.40
C LYS C 238 35.09 3.64 26.33
N SER C 239 34.36 4.72 26.12
CA SER C 239 33.38 4.81 25.04
C SER C 239 34.05 5.31 23.75
N TYR C 240 33.80 4.62 22.63
CA TYR C 240 34.22 5.12 21.33
C TYR C 240 32.99 5.20 20.47
N GLU C 241 32.96 6.16 19.56
CA GLU C 241 31.82 6.34 18.66
C GLU C 241 32.18 6.00 17.21
N LEU C 242 31.40 5.10 16.60
CA LEU C 242 31.60 4.77 15.20
C LEU C 242 31.13 5.89 14.29
N PRO C 243 31.53 5.85 13.01
CA PRO C 243 30.98 6.77 12.01
C PRO C 243 29.46 6.68 11.84
N ASP C 244 28.85 5.55 12.14
CA ASP C 244 27.40 5.35 12.07
C ASP C 244 26.67 6.19 13.15
N GLY C 245 27.35 6.40 14.28
CA GLY C 245 26.73 7.00 15.45
C GLY C 245 26.61 6.05 16.64
N GLN C 246 26.85 4.77 16.44
CA GLN C 246 26.77 3.82 17.55
C GLN C 246 27.95 4.01 18.47
N VAL C 247 27.76 3.56 19.72
CA VAL C 247 28.72 3.67 20.80
C VAL C 247 29.23 2.26 21.16
N ILE C 248 30.55 2.13 21.19
CA ILE C 248 31.21 0.89 21.55
C ILE C 248 31.83 1.17 22.89
N THR C 249 31.76 0.23 23.83
CA THR C 249 32.45 0.35 25.10
C THR C 249 33.40 -0.83 25.22
N ILE C 250 34.70 -0.55 25.36
CA ILE C 250 35.71 -1.59 25.39
C ILE C 250 36.59 -1.49 26.60
N GLY C 251 36.65 -2.56 27.39
CA GLY C 251 37.43 -2.56 28.62
C GLY C 251 38.82 -3.18 28.57
N ASN C 252 38.91 -4.46 28.88
CA ASN C 252 40.19 -5.17 28.80
C ASN C 252 40.68 -5.35 27.35
N GLU C 253 39.77 -5.33 26.38
CA GLU C 253 40.17 -5.40 24.99
C GLU C 253 41.08 -4.24 24.60
N ARG C 254 40.97 -3.11 25.28
CA ARG C 254 41.85 -1.95 25.05
C ARG C 254 43.34 -2.30 25.16
N PHE C 255 43.66 -3.03 26.23
CA PHE C 255 45.10 -3.32 26.48
C PHE C 255 45.53 -4.75 26.10
N ARG C 256 44.59 -5.69 26.05
CA ARG C 256 44.94 -7.02 25.61
C ARG C 256 45.17 -7.10 24.11
N CYS C 257 44.65 -6.17 23.30
CA CYS C 257 45.09 -6.12 21.89
C CYS C 257 46.60 -5.98 21.70
N PRO C 258 47.28 -4.94 22.22
CA PRO C 258 48.72 -4.82 22.04
C PRO C 258 49.55 -5.78 22.89
N GLU C 259 48.93 -6.42 23.88
CA GLU C 259 49.66 -7.44 24.67
C GLU C 259 50.19 -8.53 23.74
N THR C 260 49.56 -8.75 22.61
CA THR C 260 49.99 -9.71 21.60
C THR C 260 51.43 -9.50 21.16
N LEU C 261 51.96 -8.27 21.10
CA LEU C 261 53.38 -8.09 20.78
C LEU C 261 54.29 -8.80 21.77
N PHE C 262 53.93 -8.80 23.04
CA PHE C 262 54.71 -9.46 24.07
C PHE C 262 54.33 -10.93 24.20
N GLN C 263 53.10 -11.27 23.82
CA GLN C 263 52.62 -12.65 23.93
C GLN C 263 52.00 -13.09 22.59
N PRO C 264 52.82 -13.43 21.59
CA PRO C 264 52.30 -13.85 20.28
C PRO C 264 51.52 -15.16 20.33
N SER C 265 51.53 -15.85 21.47
CA SER C 265 50.66 -17.00 21.69
C SER C 265 49.18 -16.63 21.61
N PHE C 266 48.83 -15.34 21.76
CA PHE C 266 47.42 -14.96 21.58
C PHE C 266 46.92 -15.16 20.17
N ILE C 267 47.81 -15.02 19.19
CA ILE C 267 47.50 -15.27 17.77
C ILE C 267 47.84 -16.71 17.39
N GLY C 268 48.32 -17.48 18.33
CA GLY C 268 48.78 -18.84 18.04
C GLY C 268 50.09 -18.90 17.27
N MET C 269 51.02 -17.98 17.57
CA MET C 269 52.36 -18.06 17.01
C MET C 269 53.36 -18.47 18.08
N GLU C 270 54.33 -19.30 17.73
CA GLU C 270 55.36 -19.71 18.71
C GLU C 270 56.50 -18.69 18.84
N SER C 271 56.54 -17.75 17.93
CA SER C 271 57.54 -16.69 18.01
C SER C 271 57.53 -15.98 19.37
N ALA C 272 58.72 -15.76 19.90
CA ALA C 272 58.86 -15.08 21.16
C ALA C 272 58.41 -13.61 21.02
N GLY C 273 57.95 -13.07 22.13
CA GLY C 273 57.54 -11.66 22.18
C GLY C 273 58.63 -10.75 21.69
N ILE C 274 58.29 -9.49 21.42
CA ILE C 274 59.25 -8.52 20.86
C ILE C 274 60.43 -8.26 21.81
N HIS C 275 60.20 -8.36 23.11
CA HIS C 275 61.24 -8.19 24.09
C HIS C 275 62.24 -9.37 24.05
N GLU C 276 61.73 -10.57 23.84
CA GLU C 276 62.61 -11.71 23.69
C GLU C 276 63.37 -11.69 22.39
N THR C 277 62.77 -11.12 21.34
CA THR C 277 63.47 -11.02 20.06
C THR C 277 64.50 -9.94 20.12
N THR C 278 64.22 -8.83 20.82
CA THR C 278 65.29 -7.81 20.96
C THR C 278 66.44 -8.37 21.80
N TYR C 279 66.09 -8.96 22.94
CA TYR C 279 67.05 -9.61 23.79
C TYR C 279 67.87 -10.64 22.99
N ASN C 280 67.17 -11.49 22.26
CA ASN C 280 67.80 -12.55 21.50
C ASN C 280 68.74 -11.93 20.45
N SER C 281 68.33 -10.86 19.78
CA SER C 281 69.16 -10.20 18.81
C SER C 281 70.45 -9.68 19.46
N ILE C 282 70.34 -9.12 20.64
CA ILE C 282 71.52 -8.67 21.38
C ILE C 282 72.42 -9.85 21.70
N MET C 283 71.83 -10.99 22.09
CA MET C 283 72.63 -12.18 22.36
C MET C 283 73.46 -12.61 21.21
N LYS C 284 72.85 -12.55 20.03
CA LYS C 284 73.56 -12.97 18.83
C LYS C 284 74.77 -12.08 18.56
N CYS C 285 74.90 -10.91 19.15
CA CYS C 285 75.98 -10.00 18.84
C CYS C 285 77.19 -10.31 19.73
N ASP C 286 78.35 -9.84 19.28
CA ASP C 286 79.60 -10.09 19.94
C ASP C 286 79.56 -9.54 21.38
N ILE C 287 80.14 -10.29 22.29
CA ILE C 287 80.08 -9.96 23.72
C ILE C 287 80.49 -8.53 23.99
N ASP C 288 81.47 -8.01 23.25
CA ASP C 288 81.96 -6.63 23.45
C ASP C 288 80.84 -5.55 23.36
N ILE C 289 79.96 -5.64 22.38
CA ILE C 289 79.16 -4.48 22.02
C ILE C 289 77.78 -4.51 22.67
N ARG C 290 77.47 -5.56 23.43
CA ARG C 290 76.08 -5.72 23.88
C ARG C 290 75.64 -4.58 24.80
N LYS C 291 76.57 -4.08 25.60
CA LYS C 291 76.26 -3.00 26.52
C LYS C 291 75.76 -1.75 25.80
N ASP C 292 76.39 -1.42 24.64
CA ASP C 292 75.93 -0.28 23.89
C ASP C 292 74.53 -0.52 23.35
N LEU C 293 74.26 -1.72 22.86
CA LEU C 293 72.98 -2.02 22.28
C LEU C 293 71.87 -1.91 23.32
N TYR C 294 72.12 -2.50 24.47
CA TYR C 294 71.18 -2.42 25.60
C TYR C 294 70.96 -0.97 25.97
N ALA C 295 72.02 -0.16 25.92
CA ALA C 295 71.80 1.24 26.29
C ALA C 295 70.95 1.93 25.25
N ASN C 296 71.29 1.64 24.01
CA ASN C 296 70.85 2.46 22.90
C ASN C 296 69.68 2.00 22.06
N ASN C 297 68.83 1.10 22.56
CA ASN C 297 67.79 0.50 21.69
C ASN C 297 66.68 1.48 21.26
N VAL C 298 66.40 1.53 19.96
CA VAL C 298 65.62 2.60 19.36
C VAL C 298 64.30 1.99 18.92
N MET C 299 63.27 2.81 18.86
CA MET C 299 61.98 2.37 18.39
C MET C 299 61.50 3.22 17.22
N SER C 300 60.86 2.55 16.29
CA SER C 300 60.34 3.20 15.09
C SER C 300 59.00 2.60 14.68
N GLY C 301 58.21 3.37 13.92
CA GLY C 301 57.09 2.80 13.24
C GLY C 301 55.78 3.00 13.97
N GLY C 302 54.70 2.85 13.23
CA GLY C 302 53.37 3.11 13.79
C GLY C 302 52.99 2.21 14.95
N THR C 303 53.44 0.95 14.90
CA THR C 303 53.09 -0.03 15.92
C THR C 303 53.94 0.15 17.16
N THR C 304 54.86 1.13 17.17
CA THR C 304 55.49 1.53 18.43
C THR C 304 54.73 2.68 19.15
N MET C 305 53.62 3.15 18.57
CA MET C 305 52.93 4.30 19.06
C MET C 305 52.03 4.05 20.22
N TYR C 306 51.75 2.79 20.59
CA TYR C 306 50.91 2.57 21.79
C TYR C 306 51.50 3.15 23.06
N PRO C 307 50.69 3.97 23.77
CA PRO C 307 51.15 4.50 25.04
C PRO C 307 51.48 3.33 25.96
N GLY C 308 52.55 3.46 26.71
CA GLY C 308 53.00 2.42 27.63
C GLY C 308 54.06 1.48 27.09
N ILE C 309 54.32 1.48 25.78
CA ILE C 309 55.18 0.44 25.20
C ILE C 309 56.60 0.50 25.77
N ALA C 310 57.20 1.68 25.77
CA ALA C 310 58.57 1.82 26.21
C ALA C 310 58.75 1.36 27.66
N ASP C 311 57.81 1.69 28.54
CA ASP C 311 57.93 1.32 29.92
C ASP C 311 57.87 -0.21 30.08
N ARG C 312 56.98 -0.83 29.32
CA ARG C 312 56.93 -2.30 29.43
C ARG C 312 58.19 -2.93 28.86
N MET C 313 58.73 -2.35 27.81
CA MET C 313 59.99 -2.85 27.24
C MET C 313 61.12 -2.77 28.31
N GLN C 314 61.19 -1.63 28.96
CA GLN C 314 62.18 -1.43 29.97
C GLN C 314 62.04 -2.42 31.11
N LYS C 315 60.81 -2.76 31.52
CA LYS C 315 60.61 -3.78 32.50
C LYS C 315 61.11 -5.14 31.98
N GLU C 316 60.69 -5.52 30.77
CA GLU C 316 60.84 -6.90 30.36
C GLU C 316 62.27 -7.21 29.99
N ILE C 317 62.88 -6.35 29.20
CA ILE C 317 64.29 -6.51 28.83
C ILE C 317 65.16 -6.44 30.09
N THR C 318 64.84 -5.55 31.01
CA THR C 318 65.59 -5.56 32.27
C THR C 318 65.43 -6.91 32.98
N ALA C 319 64.25 -7.52 32.93
CA ALA C 319 64.04 -8.79 33.54
C ALA C 319 64.84 -9.88 32.84
N LEU C 320 65.05 -9.78 31.52
CA LEU C 320 65.88 -10.76 30.88
C LEU C 320 67.38 -10.54 31.00
N ALA C 321 67.82 -9.31 30.88
CA ALA C 321 69.25 -8.99 30.89
C ALA C 321 69.84 -8.86 32.28
N PRO C 322 71.17 -9.00 32.37
CA PRO C 322 71.85 -8.96 33.66
C PRO C 322 71.57 -7.63 34.31
N SER C 323 71.15 -7.64 35.57
CA SER C 323 70.72 -6.42 36.26
C SER C 323 71.83 -5.35 36.42
N THR C 324 73.09 -5.75 36.31
CA THR C 324 74.19 -4.87 36.62
C THR C 324 74.28 -3.71 35.63
N MET C 325 73.58 -3.80 34.51
CA MET C 325 73.77 -2.83 33.44
C MET C 325 72.50 -2.04 32.97
N LYS C 326 72.75 -0.80 32.53
CA LYS C 326 71.68 0.16 32.28
C LYS C 326 71.10 -0.12 30.88
N ILE C 327 69.81 -0.36 30.84
CA ILE C 327 69.05 -0.43 29.58
C ILE C 327 68.17 0.83 29.37
N LYS C 328 68.74 1.82 28.69
CA LYS C 328 67.93 2.99 28.26
C LYS C 328 67.27 2.61 26.93
N ILE C 329 65.99 2.91 26.87
CA ILE C 329 65.22 2.74 25.64
C ILE C 329 64.94 4.14 25.11
N ILE C 330 65.28 4.36 23.85
CA ILE C 330 65.00 5.67 23.22
C ILE C 330 63.83 5.54 22.23
N ALA C 331 62.69 6.15 22.56
CA ALA C 331 61.54 6.19 21.68
C ALA C 331 61.09 7.64 21.57
N PRO C 332 61.67 8.34 20.59
CA PRO C 332 61.38 9.76 20.42
C PRO C 332 59.97 9.95 19.88
N PRO C 333 59.30 11.04 20.25
CA PRO C 333 58.07 11.43 19.52
C PRO C 333 58.36 11.78 18.05
N GLU C 334 57.34 11.63 17.21
CA GLU C 334 57.51 11.67 15.74
C GLU C 334 58.24 10.42 15.24
N ARG C 335 58.27 9.36 16.05
CA ARG C 335 58.94 8.13 15.64
C ARG C 335 58.25 7.36 14.47
N LYS C 336 56.96 7.62 14.25
CA LYS C 336 56.28 7.01 13.13
C LYS C 336 56.89 7.49 11.79
N TYR C 337 57.50 8.67 11.76
CA TYR C 337 58.09 9.20 10.55
C TYR C 337 59.61 9.12 10.57
N SER C 338 60.22 8.42 11.54
CA SER C 338 61.66 8.24 11.62
C SER C 338 62.31 7.71 10.34
N VAL C 339 61.66 6.72 9.77
CA VAL C 339 62.21 6.12 8.53
C VAL C 339 62.26 7.18 7.42
N TRP C 340 61.17 7.90 7.24
CA TRP C 340 61.13 8.90 6.20
C TRP C 340 62.18 10.01 6.48
N ILE C 341 62.26 10.44 7.74
CA ILE C 341 63.22 11.46 8.12
C ILE C 341 64.66 11.01 7.81
N GLY C 342 64.92 9.79 8.19
CA GLY C 342 66.20 9.13 7.90
C GLY C 342 66.50 9.18 6.43
N GLY C 343 65.51 8.85 5.61
CA GLY C 343 65.64 8.89 4.15
C GLY C 343 66.00 10.31 3.71
N SER C 344 65.30 11.30 4.22
CA SER C 344 65.55 12.67 3.87
C SER C 344 67.03 13.09 4.16
N ILE C 345 67.42 12.83 5.40
CA ILE C 345 68.75 13.23 5.83
C ILE C 345 69.80 12.48 5.05
N LEU C 346 69.60 11.21 4.76
CA LEU C 346 70.54 10.49 3.92
C LEU C 346 70.64 11.10 2.53
N ALA C 347 69.49 11.41 1.93
CA ALA C 347 69.51 12.04 0.61
C ALA C 347 70.18 13.39 0.62
N SER C 348 70.20 14.09 1.77
CA SER C 348 70.86 15.37 1.90
C SER C 348 72.38 15.23 2.14
N LEU C 349 72.86 14.03 2.42
CA LEU C 349 74.31 13.77 2.50
C LEU C 349 74.96 13.67 1.12
N SER C 350 76.02 14.43 0.93
CA SER C 350 76.78 14.46 -0.31
C SER C 350 77.57 13.16 -0.52
N THR C 351 78.09 12.61 0.56
CA THR C 351 78.90 11.40 0.51
C THR C 351 78.10 10.24 -0.07
N PHE C 352 76.78 10.26 0.14
CA PHE C 352 75.86 9.25 -0.38
C PHE C 352 75.59 9.41 -1.88
N GLN C 353 75.83 10.59 -2.43
CA GLN C 353 75.52 10.84 -3.83
C GLN C 353 76.23 9.86 -4.80
N GLN C 354 77.41 9.38 -4.43
CA GLN C 354 78.07 8.38 -5.27
C GLN C 354 77.18 7.06 -5.33
N MET C 355 76.40 6.74 -4.29
CA MET C 355 75.80 5.43 -4.16
C MET C 355 74.50 5.26 -4.91
N TRP C 356 74.00 6.32 -5.56
CA TRP C 356 72.75 6.13 -6.33
C TRP C 356 73.03 5.11 -7.44
N ILE C 357 72.06 4.31 -7.85
CA ILE C 357 72.20 3.42 -9.00
C ILE C 357 71.67 4.25 -10.19
N THR C 358 72.51 4.48 -11.18
CA THR C 358 72.12 5.30 -12.33
C THR C 358 71.31 4.50 -13.34
N LYS C 359 70.43 5.20 -14.05
CA LYS C 359 69.61 4.60 -15.08
C LYS C 359 70.48 3.80 -16.07
N GLN C 360 71.54 4.45 -16.51
CA GLN C 360 72.44 3.81 -17.47
C GLN C 360 73.18 2.65 -16.85
N GLU C 361 73.61 2.79 -15.61
CA GLU C 361 74.30 1.68 -14.94
C GLU C 361 73.42 0.45 -14.78
N TYR C 362 72.16 0.68 -14.47
CA TYR C 362 71.19 -0.40 -14.44
C TYR C 362 71.02 -1.01 -15.85
N ASP C 363 71.02 -0.17 -16.88
CA ASP C 363 70.80 -0.67 -18.21
C ASP C 363 71.91 -1.62 -18.66
N GLU C 364 73.15 -1.28 -18.35
CA GLU C 364 74.29 -2.07 -18.73
C GLU C 364 74.62 -3.22 -17.77
N ALA C 365 74.37 -3.06 -16.48
CA ALA C 365 74.68 -4.10 -15.52
C ALA C 365 73.54 -5.11 -15.26
N GLY C 366 72.30 -4.70 -15.49
CA GLY C 366 71.17 -5.55 -15.25
C GLY C 366 70.58 -5.38 -13.87
N PRO C 367 69.64 -6.26 -13.53
CA PRO C 367 68.94 -6.22 -12.25
C PRO C 367 69.77 -6.69 -11.06
N SER C 368 70.79 -7.50 -11.30
CA SER C 368 71.54 -8.10 -10.20
C SER C 368 72.33 -7.06 -9.38
N ILE C 369 72.56 -5.87 -9.95
CA ILE C 369 73.32 -4.85 -9.27
C ILE C 369 72.60 -4.02 -8.22
N VAL C 370 71.35 -4.28 -7.88
CA VAL C 370 70.67 -3.54 -6.82
C VAL C 370 71.21 -3.89 -5.42
N HIS C 371 71.73 -5.10 -5.32
CA HIS C 371 72.25 -5.62 -4.06
C HIS C 371 73.77 -5.36 -3.93
N THR D 5 -31.36 -15.34 37.51
CA THR D 5 -31.32 -14.09 36.70
C THR D 5 -31.28 -14.29 35.20
N THR D 6 -30.67 -15.38 34.75
CA THR D 6 -30.50 -15.71 33.34
C THR D 6 -30.11 -14.52 32.46
N ALA D 7 -30.52 -14.52 31.20
CA ALA D 7 -30.29 -13.40 30.31
C ALA D 7 -31.30 -13.42 29.17
N LEU D 8 -31.44 -12.25 28.54
CA LEU D 8 -32.20 -12.12 27.30
C LEU D 8 -31.26 -12.01 26.12
N VAL D 9 -31.62 -12.70 25.03
CA VAL D 9 -30.85 -12.63 23.78
C VAL D 9 -31.80 -12.05 22.74
N CYS D 10 -31.46 -10.87 22.22
CA CYS D 10 -32.31 -10.17 21.25
C CYS D 10 -31.53 -10.03 19.94
N ASP D 11 -31.95 -10.77 18.92
CA ASP D 11 -31.36 -10.65 17.59
C ASP D 11 -32.22 -9.72 16.77
N ASN D 12 -31.73 -8.48 16.61
CA ASN D 12 -32.42 -7.41 15.91
C ASN D 12 -31.83 -7.35 14.51
N GLY D 13 -32.38 -8.09 13.57
CA GLY D 13 -32.03 -7.92 12.14
C GLY D 13 -33.19 -7.19 11.48
N SER D 14 -32.93 -6.62 10.30
CA SER D 14 -34.01 -6.13 9.48
C SER D 14 -34.92 -7.31 9.17
N GLY D 15 -36.21 -7.04 9.09
CA GLY D 15 -37.18 -8.06 8.70
C GLY D 15 -37.73 -8.98 9.79
N LEU D 16 -36.90 -9.41 10.74
CA LEU D 16 -37.35 -10.25 11.84
C LEU D 16 -36.61 -9.95 13.11
N VAL D 17 -37.34 -9.86 14.23
CA VAL D 17 -36.73 -9.85 15.57
C VAL D 17 -36.84 -11.30 16.09
N LYS D 18 -35.73 -11.88 16.56
CA LYS D 18 -35.72 -13.15 17.24
C LYS D 18 -35.30 -12.91 18.66
N ALA D 19 -36.14 -13.21 19.65
CA ALA D 19 -35.78 -12.91 21.03
C ALA D 19 -36.28 -14.01 21.96
N GLY D 20 -35.64 -14.13 23.10
CA GLY D 20 -35.88 -15.25 23.97
C GLY D 20 -34.91 -15.22 25.13
N PHE D 21 -35.12 -16.16 26.04
CA PHE D 21 -34.23 -16.38 27.16
C PHE D 21 -33.00 -17.17 26.76
N ALA D 22 -31.88 -16.77 27.36
CA ALA D 22 -30.63 -17.52 27.11
C ALA D 22 -30.68 -18.94 27.65
N GLY D 23 -29.82 -19.79 27.11
CA GLY D 23 -29.78 -21.18 27.42
C GLY D 23 -30.95 -22.00 26.85
N ASP D 24 -31.69 -21.53 25.84
CA ASP D 24 -32.81 -22.27 25.29
C ASP D 24 -32.50 -22.65 23.82
N ASP D 25 -33.22 -23.59 23.28
CA ASP D 25 -32.88 -24.13 21.94
C ASP D 25 -33.31 -23.18 20.79
N ALA D 26 -34.32 -22.36 21.06
CA ALA D 26 -34.89 -21.52 20.02
C ALA D 26 -35.49 -20.27 20.64
N PRO D 27 -35.59 -19.19 19.87
CA PRO D 27 -36.23 -17.95 20.34
C PRO D 27 -37.72 -18.17 20.48
N ARG D 28 -38.28 -17.64 21.56
CA ARG D 28 -39.74 -17.72 21.73
C ARG D 28 -40.51 -16.72 20.89
N ALA D 29 -40.11 -15.46 20.90
CA ALA D 29 -40.80 -14.46 20.10
C ALA D 29 -40.07 -14.24 18.80
N VAL D 30 -40.72 -14.45 17.66
CA VAL D 30 -40.07 -14.23 16.36
C VAL D 30 -41.11 -13.54 15.52
N PHE D 31 -40.92 -12.27 15.27
CA PHE D 31 -41.93 -11.55 14.52
C PHE D 31 -41.28 -10.50 13.66
N PRO D 32 -41.98 -9.98 12.64
CA PRO D 32 -41.33 -9.04 11.72
C PRO D 32 -41.02 -7.71 12.39
N SER D 33 -39.92 -7.06 12.02
CA SER D 33 -39.65 -5.69 12.52
C SER D 33 -40.40 -4.72 11.66
N ILE D 34 -41.68 -4.51 11.95
CA ILE D 34 -42.50 -3.56 11.22
C ILE D 34 -43.32 -2.71 12.17
N VAL D 35 -43.49 -1.46 11.78
CA VAL D 35 -44.31 -0.51 12.54
C VAL D 35 -45.41 -0.02 11.60
N GLY D 36 -46.57 -0.67 11.69
CA GLY D 36 -47.70 -0.31 10.82
C GLY D 36 -48.36 0.97 11.27
N ARG D 37 -48.69 1.87 10.34
CA ARG D 37 -49.51 3.04 10.68
C ARG D 37 -50.62 3.17 9.65
N PRO D 38 -51.85 3.45 10.11
CA PRO D 38 -52.99 3.46 9.21
C PRO D 38 -52.76 4.39 8.01
N ARG D 39 -53.06 3.91 6.81
CA ARG D 39 -52.83 4.70 5.62
C ARG D 39 -54.01 5.64 5.50
N HIS D 40 -55.21 5.09 5.68
CA HIS D 40 -56.45 5.83 5.60
C HIS D 40 -57.02 6.24 6.94
N GLN D 41 -57.17 7.54 7.14
CA GLN D 41 -57.79 8.08 8.34
C GLN D 41 -59.19 7.45 8.49
N GLY D 42 -59.36 6.67 9.55
CA GLY D 42 -60.55 5.87 9.72
C GLY D 42 -61.65 6.52 10.54
N VAL D 43 -62.88 6.51 10.01
CA VAL D 43 -64.00 7.10 10.72
C VAL D 43 -64.88 5.99 11.30
N MET D 44 -64.64 5.70 12.58
CA MET D 44 -65.51 4.85 13.40
C MET D 44 -65.45 5.43 14.83
N VAL D 45 -66.17 4.82 15.76
CA VAL D 45 -66.02 5.15 17.17
C VAL D 45 -65.91 3.81 17.91
N GLY D 46 -64.96 3.70 18.84
CA GLY D 46 -64.62 2.40 19.44
C GLY D 46 -63.54 1.64 18.70
N MET D 47 -63.33 1.97 17.43
CA MET D 47 -62.24 1.39 16.66
C MET D 47 -60.87 1.59 17.34
N GLY D 48 -59.93 0.68 17.11
CA GLY D 48 -58.57 0.86 17.61
C GLY D 48 -58.44 1.61 18.92
N GLN D 49 -58.14 2.92 18.92
CA GLN D 49 -57.79 3.72 17.71
C GLN D 49 -56.43 3.34 17.13
N LYS D 50 -55.54 2.85 18.00
CA LYS D 50 -54.29 2.20 17.61
C LYS D 50 -53.49 2.92 16.52
N ASP D 51 -52.94 4.05 16.91
CA ASP D 51 -52.22 4.96 16.02
C ASP D 51 -51.01 4.30 15.39
N SER D 52 -50.46 3.33 16.11
CA SER D 52 -49.30 2.59 15.63
C SER D 52 -49.48 1.12 15.94
N TYR D 53 -49.32 0.25 14.95
CA TYR D 53 -49.33 -1.17 15.13
C TYR D 53 -47.89 -1.66 14.99
N VAL D 54 -47.61 -2.82 15.55
CA VAL D 54 -46.21 -3.33 15.55
C VAL D 54 -46.13 -4.86 15.42
N GLY D 55 -45.19 -5.33 14.60
CA GLY D 55 -44.92 -6.77 14.50
C GLY D 55 -45.96 -7.59 13.78
N ASP D 56 -46.22 -8.77 14.31
CA ASP D 56 -47.19 -9.68 13.72
C ASP D 56 -48.57 -9.05 13.65
N GLU D 57 -48.91 -8.23 14.62
CA GLU D 57 -50.17 -7.48 14.65
C GLU D 57 -50.29 -6.62 13.40
N ALA D 58 -49.21 -5.96 13.03
CA ALA D 58 -49.20 -5.18 11.78
C ALA D 58 -49.39 -6.09 10.59
N GLN D 59 -48.76 -7.26 10.61
CA GLN D 59 -48.94 -8.25 9.55
C GLN D 59 -50.42 -8.64 9.38
N SER D 60 -51.12 -8.76 10.48
CA SER D 60 -52.52 -9.07 10.43
C SER D 60 -53.35 -8.04 9.64
N LYS D 61 -52.97 -6.78 9.75
CA LYS D 61 -53.68 -5.68 9.08
C LYS D 61 -52.85 -4.88 8.05
N ARG D 62 -52.37 -5.54 7.02
CA ARG D 62 -51.52 -4.86 6.03
C ARG D 62 -52.31 -3.91 5.12
N GLY D 63 -53.55 -4.27 4.77
CA GLY D 63 -54.27 -3.54 3.77
C GLY D 63 -54.69 -2.15 4.25
N ILE D 64 -54.74 -1.93 5.54
CA ILE D 64 -55.00 -0.62 6.11
C ILE D 64 -53.65 0.09 6.23
N LEU D 65 -52.62 -0.62 6.71
CA LEU D 65 -51.43 0.02 7.18
C LEU D 65 -50.40 0.27 6.10
N THR D 66 -49.61 1.31 6.35
CA THR D 66 -48.34 1.51 5.64
C THR D 66 -47.29 0.82 6.48
N LEU D 67 -46.59 -0.15 5.94
CA LEU D 67 -45.59 -0.84 6.75
C LEU D 67 -44.27 -0.14 6.59
N LYS D 68 -43.52 -0.09 7.70
CA LYS D 68 -42.32 0.69 7.76
C LYS D 68 -41.29 -0.15 8.51
N TYR D 69 -40.31 -0.67 7.79
CA TYR D 69 -39.10 -1.24 8.43
C TYR D 69 -38.28 -0.11 9.10
N PRO D 70 -38.11 -0.18 10.44
CA PRO D 70 -37.34 0.82 11.15
C PRO D 70 -35.85 0.74 10.85
N ILE D 71 -35.38 -0.42 10.36
CA ILE D 71 -33.96 -0.74 10.26
C ILE D 71 -33.65 -1.16 8.83
N GLU D 72 -32.71 -0.45 8.21
CA GLU D 72 -32.39 -0.63 6.79
C GLU D 72 -30.92 -0.87 6.51
N HIC D 73 -30.61 -2.07 6.01
CA HIC D 73 -29.24 -2.49 5.80
C HIC D 73 -28.49 -2.47 7.11
O HIC D 73 -27.39 -1.93 7.20
CB HIC D 73 -28.50 -1.59 4.83
CG HIC D 73 -29.30 -1.20 3.60
ND1 HIC D 73 -30.16 -2.00 2.96
CD2 HIC D 73 -29.32 0.02 2.98
CE1 HIC D 73 -30.70 -1.31 1.96
NE2 HIC D 73 -30.20 -0.07 1.95
CZ HIC D 73 -30.54 0.97 0.98
N GLY D 74 -29.10 -3.02 8.16
CA GLY D 74 -28.45 -3.08 9.49
C GLY D 74 -28.45 -1.74 10.22
N ILE D 75 -28.52 -0.62 9.50
CA ILE D 75 -28.45 0.71 10.08
C ILE D 75 -29.83 1.05 10.61
N ILE D 76 -29.91 1.58 11.85
CA ILE D 76 -31.22 2.01 12.37
C ILE D 76 -31.60 3.32 11.68
N THR D 77 -32.77 3.36 11.05
CA THR D 77 -33.22 4.52 10.29
C THR D 77 -34.11 5.41 11.18
N ASN D 78 -34.99 4.78 11.98
CA ASN D 78 -36.00 5.52 12.72
C ASN D 78 -36.06 4.96 14.15
N TRP D 79 -35.62 5.78 15.10
CA TRP D 79 -35.18 5.31 16.40
C TRP D 79 -36.37 5.05 17.30
N ASP D 80 -37.35 5.91 17.28
CA ASP D 80 -38.53 5.68 18.10
C ASP D 80 -39.29 4.49 17.62
N ASP D 81 -39.32 4.20 16.31
CA ASP D 81 -39.95 2.99 15.81
C ASP D 81 -39.24 1.74 16.38
N MET D 82 -37.90 1.77 16.38
CA MET D 82 -37.15 0.68 16.93
C MET D 82 -37.44 0.48 18.42
N GLU D 83 -37.50 1.59 19.13
CA GLU D 83 -37.86 1.60 20.54
C GLU D 83 -39.23 0.96 20.70
N LYS D 84 -40.19 1.30 19.84
CA LYS D 84 -41.50 0.70 19.92
C LYS D 84 -41.46 -0.82 19.77
N ILE D 85 -40.68 -1.31 18.80
CA ILE D 85 -40.61 -2.76 18.62
C ILE D 85 -39.95 -3.39 19.83
N TRP D 86 -38.95 -2.74 20.42
CA TRP D 86 -38.35 -3.31 21.63
C TRP D 86 -39.36 -3.38 22.77
N HIS D 87 -40.08 -2.30 22.98
CA HIS D 87 -41.02 -2.24 24.11
C HIS D 87 -42.08 -3.31 23.93
N HIS D 88 -42.60 -3.42 22.71
CA HIS D 88 -43.61 -4.46 22.44
C HIS D 88 -43.01 -5.84 22.70
N THR D 89 -41.80 -6.07 22.23
CA THR D 89 -41.10 -7.31 22.41
C THR D 89 -41.03 -7.71 23.90
N PHE D 90 -40.55 -6.83 24.74
CA PHE D 90 -40.33 -7.16 26.12
C PHE D 90 -41.61 -7.38 26.90
N TYR D 91 -42.56 -6.48 26.75
CA TYR D 91 -43.76 -6.56 27.59
C TYR D 91 -44.87 -7.43 27.03
N ASN D 92 -45.01 -7.52 25.71
CA ASN D 92 -46.12 -8.18 25.09
C ASN D 92 -45.82 -9.60 24.61
N GLU D 93 -44.54 -9.99 24.47
CA GLU D 93 -44.19 -11.35 24.13
C GLU D 93 -43.41 -12.08 25.22
N LEU D 94 -42.28 -11.51 25.63
CA LEU D 94 -41.46 -12.12 26.69
C LEU D 94 -41.95 -11.83 28.10
N ARG D 95 -42.75 -10.80 28.22
CA ARG D 95 -43.47 -10.51 29.47
C ARG D 95 -42.52 -10.33 30.64
N VAL D 96 -41.57 -9.43 30.42
CA VAL D 96 -40.45 -9.34 31.38
C VAL D 96 -39.97 -7.91 31.62
N ALA D 97 -39.61 -7.64 32.87
CA ALA D 97 -39.01 -6.39 33.28
C ALA D 97 -37.53 -6.51 32.92
N PRO D 98 -37.03 -5.64 32.03
CA PRO D 98 -35.62 -5.66 31.66
C PRO D 98 -34.64 -5.45 32.79
N GLU D 99 -35.07 -4.85 33.88
CA GLU D 99 -34.25 -4.65 35.05
C GLU D 99 -33.88 -5.96 35.78
N GLU D 100 -34.50 -7.07 35.41
CA GLU D 100 -34.25 -8.36 36.01
C GLU D 100 -33.28 -9.20 35.18
N HIS D 101 -32.95 -8.79 33.95
CA HIS D 101 -31.99 -9.56 33.15
C HIS D 101 -30.91 -8.73 32.45
N PRO D 102 -29.68 -9.25 32.33
CA PRO D 102 -28.74 -8.71 31.39
C PRO D 102 -29.22 -9.11 29.98
N THR D 103 -28.90 -8.27 29.03
CA THR D 103 -29.42 -8.40 27.68
C THR D 103 -28.33 -8.34 26.67
N LEU D 104 -28.23 -9.41 25.87
CA LEU D 104 -27.25 -9.48 24.78
C LEU D 104 -27.99 -9.09 23.50
N LEU D 105 -27.48 -8.06 22.79
CA LEU D 105 -27.99 -7.61 21.54
C LEU D 105 -27.05 -7.92 20.42
N THR D 106 -27.57 -7.84 19.24
CA THR D 106 -26.85 -8.24 18.03
C THR D 106 -26.65 -7.05 17.09
N GLU D 107 -25.69 -7.17 16.19
CA GLU D 107 -25.53 -6.17 15.12
C GLU D 107 -24.62 -6.74 14.07
N ALA D 108 -24.77 -6.19 12.87
CA ALA D 108 -23.88 -6.50 11.76
C ALA D 108 -22.49 -5.94 11.96
N PRO D 109 -21.44 -6.62 11.46
CA PRO D 109 -20.12 -6.02 11.43
C PRO D 109 -20.05 -4.79 10.54
N LEU D 110 -19.04 -3.94 10.75
CA LEU D 110 -18.68 -2.81 9.88
C LEU D 110 -19.81 -1.76 9.78
N ASN D 111 -20.53 -1.59 10.89
CA ASN D 111 -21.84 -0.94 10.96
C ASN D 111 -21.57 0.37 11.71
N PRO D 112 -22.16 1.50 11.28
CA PRO D 112 -21.85 2.78 11.87
C PRO D 112 -21.96 2.84 13.40
N LYS D 113 -21.07 3.64 14.01
CA LYS D 113 -20.88 3.66 15.46
C LYS D 113 -22.16 4.14 16.11
N ALA D 114 -22.93 4.98 15.43
CA ALA D 114 -24.21 5.44 15.96
C ALA D 114 -25.13 4.32 16.44
N ASN D 115 -25.12 3.16 15.78
CA ASN D 115 -26.02 2.09 16.18
C ASN D 115 -25.67 1.52 17.54
N ARG D 116 -24.37 1.30 17.79
CA ARG D 116 -24.00 0.70 19.09
C ARG D 116 -24.33 1.71 20.21
N GLU D 117 -23.90 2.95 19.99
CA GLU D 117 -23.95 3.93 21.09
C GLU D 117 -25.39 4.30 21.42
N LYS D 118 -26.17 4.61 20.40
CA LYS D 118 -27.59 4.95 20.58
C LYS D 118 -28.32 3.77 21.18
N MET D 119 -28.02 2.57 20.69
CA MET D 119 -28.72 1.36 21.12
C MET D 119 -28.52 1.16 22.64
N THR D 120 -27.23 1.22 23.03
CA THR D 120 -26.88 1.04 24.43
C THR D 120 -27.49 2.11 25.28
N GLN D 121 -27.50 3.34 24.78
CA GLN D 121 -28.09 4.47 25.49
C GLN D 121 -29.58 4.19 25.77
N ILE D 122 -30.27 3.68 24.76
CA ILE D 122 -31.67 3.35 24.93
C ILE D 122 -31.88 2.22 25.95
N MET D 123 -31.05 1.18 25.85
CA MET D 123 -31.20 0.06 26.71
C MET D 123 -30.96 0.44 28.16
N PHE D 124 -30.00 1.28 28.41
CA PHE D 124 -29.73 1.69 29.79
C PHE D 124 -30.76 2.73 30.25
N GLU D 125 -31.01 3.75 29.44
CA GLU D 125 -31.81 4.90 29.91
C GLU D 125 -33.30 4.66 29.82
N THR D 126 -33.78 4.11 28.71
CA THR D 126 -35.24 4.04 28.51
C THR D 126 -35.80 2.75 29.15
N PHE D 127 -35.27 1.63 28.74
CA PHE D 127 -35.43 0.39 29.47
C PHE D 127 -34.32 0.60 30.46
N ASN D 128 -34.41 -0.01 31.64
CA ASN D 128 -33.29 0.01 32.58
C ASN D 128 -32.77 -1.40 32.67
N VAL D 129 -31.49 -1.57 32.36
CA VAL D 129 -30.89 -2.94 32.24
C VAL D 129 -29.67 -2.99 33.16
N PRO D 130 -29.45 -4.12 33.86
CA PRO D 130 -28.33 -4.20 34.76
C PRO D 130 -27.04 -4.21 33.99
N ALA D 131 -27.04 -4.95 32.90
CA ALA D 131 -25.86 -5.03 32.03
C ALA D 131 -26.25 -5.56 30.67
N MET D 132 -25.43 -5.25 29.69
CA MET D 132 -25.71 -5.64 28.32
C MET D 132 -24.44 -5.81 27.53
N TYR D 133 -24.60 -6.33 26.31
CA TYR D 133 -23.47 -6.59 25.43
C TYR D 133 -23.99 -6.55 24.01
N VAL D 134 -23.21 -6.01 23.05
CA VAL D 134 -23.59 -6.03 21.66
C VAL D 134 -22.50 -6.85 20.93
N ALA D 135 -22.96 -7.79 20.11
CA ALA D 135 -22.08 -8.79 19.51
C ALA D 135 -22.18 -8.75 17.98
N ILE D 136 -21.08 -9.08 17.32
CA ILE D 136 -21.04 -9.29 15.87
C ILE D 136 -21.78 -10.58 15.51
N GLN D 137 -22.71 -10.52 14.57
CA GLN D 137 -23.53 -11.65 14.21
C GLN D 137 -22.74 -12.92 13.85
N ALA D 138 -21.72 -12.79 13.01
CA ALA D 138 -21.11 -13.99 12.43
C ALA D 138 -20.46 -14.85 13.49
N VAL D 139 -19.85 -14.23 14.48
CA VAL D 139 -19.28 -14.95 15.62
C VAL D 139 -20.34 -15.77 16.33
N LEU D 140 -21.54 -15.21 16.52
CA LEU D 140 -22.60 -15.93 17.19
C LEU D 140 -22.98 -17.19 16.38
N SER D 141 -23.11 -17.02 15.08
CA SER D 141 -23.43 -18.15 14.22
C SER D 141 -22.34 -19.22 14.28
N LEU D 142 -21.08 -18.80 14.32
CA LEU D 142 -20.00 -19.74 14.44
C LEU D 142 -20.08 -20.53 15.75
N TYR D 143 -20.42 -19.85 16.86
CA TYR D 143 -20.69 -20.59 18.08
C TYR D 143 -21.84 -21.59 17.93
N ALA D 144 -22.89 -21.17 17.24
CA ALA D 144 -24.01 -22.05 16.97
C ALA D 144 -23.56 -23.31 16.21
N SER D 145 -22.54 -23.14 15.40
CA SER D 145 -22.06 -24.30 14.62
C SER D 145 -21.38 -25.29 15.51
N GLY D 146 -20.87 -24.78 16.64
CA GLY D 146 -20.08 -25.58 17.58
C GLY D 146 -18.63 -25.72 17.12
N ARG D 147 -18.10 -24.67 16.51
CA ARG D 147 -16.80 -24.73 15.84
C ARG D 147 -16.03 -23.43 16.08
N THR D 148 -14.74 -23.47 15.92
CA THR D 148 -13.89 -22.35 16.34
C THR D 148 -13.26 -21.66 15.12
N THR D 149 -13.26 -22.36 14.00
CA THR D 149 -12.57 -21.92 12.80
C THR D 149 -13.53 -22.03 11.60
N GLY D 150 -13.53 -20.98 10.77
CA GLY D 150 -14.36 -20.98 9.59
C GLY D 150 -14.66 -19.62 9.03
N ILE D 151 -15.26 -19.55 7.86
CA ILE D 151 -15.58 -18.24 7.29
C ILE D 151 -17.08 -18.19 7.21
N VAL D 152 -17.68 -17.24 7.91
CA VAL D 152 -19.14 -17.18 7.93
C VAL D 152 -19.74 -16.33 6.85
N LEU D 153 -20.69 -16.83 6.07
CA LEU D 153 -21.47 -15.98 5.17
C LEU D 153 -22.83 -15.83 5.81
N ASP D 154 -23.16 -14.62 6.31
CA ASP D 154 -24.46 -14.40 6.94
C ASP D 154 -25.25 -13.46 6.09
N SER D 155 -26.27 -13.99 5.44
CA SER D 155 -27.19 -13.14 4.64
C SER D 155 -28.59 -13.08 5.28
N GLY D 156 -28.92 -11.89 5.78
CA GLY D 156 -30.16 -11.64 6.43
C GLY D 156 -31.03 -10.87 5.45
N ASP D 157 -31.91 -10.02 5.96
CA ASP D 157 -32.78 -9.25 5.13
C ASP D 157 -32.08 -7.97 4.71
N GLY D 158 -31.27 -7.39 5.58
CA GLY D 158 -30.61 -6.12 5.24
C GLY D 158 -29.29 -6.28 4.47
N VAL D 159 -28.43 -7.20 4.96
CA VAL D 159 -27.02 -7.17 4.61
C VAL D 159 -26.47 -8.58 4.60
N THR D 160 -25.40 -8.78 3.83
CA THR D 160 -24.71 -10.04 3.75
C THR D 160 -23.27 -9.77 4.19
N HIS D 161 -22.73 -10.68 5.00
CA HIS D 161 -21.35 -10.55 5.44
C HIS D 161 -20.49 -11.78 5.09
N ASN D 162 -19.20 -11.52 5.05
CA ASN D 162 -18.25 -12.58 5.17
C ASN D 162 -17.37 -12.20 6.29
N VAL D 163 -17.27 -13.03 7.34
CA VAL D 163 -16.29 -12.87 8.41
C VAL D 163 -15.46 -14.16 8.57
N PRO D 164 -14.19 -14.10 8.17
CA PRO D 164 -13.26 -15.18 8.44
C PRO D 164 -12.77 -15.20 9.85
N ILE D 165 -12.74 -16.38 10.46
CA ILE D 165 -12.37 -16.56 11.86
C ILE D 165 -11.40 -17.77 11.92
N TYR D 166 -10.23 -17.62 12.53
CA TYR D 166 -9.31 -18.71 12.59
C TYR D 166 -8.97 -19.06 14.03
N GLU D 167 -9.30 -20.27 14.45
CA GLU D 167 -8.88 -20.82 15.74
C GLU D 167 -9.29 -19.83 16.88
N GLY D 168 -10.54 -19.40 16.86
CA GLY D 168 -10.95 -18.24 17.64
C GLY D 168 -10.55 -17.01 16.84
N TYR D 169 -10.01 -16.01 17.52
CA TYR D 169 -9.44 -14.84 16.86
C TYR D 169 -10.41 -14.22 15.87
N ALA D 170 -9.90 -13.57 14.86
CA ALA D 170 -10.70 -12.91 13.83
C ALA D 170 -9.73 -12.20 12.87
N LEU D 171 -10.21 -11.82 11.67
CA LEU D 171 -9.39 -11.07 10.74
C LEU D 171 -10.24 -9.94 10.30
N PRO D 172 -10.16 -8.80 10.99
CA PRO D 172 -11.00 -7.64 10.62
C PRO D 172 -10.71 -7.07 9.26
N HIS D 173 -9.46 -7.10 8.81
CA HIS D 173 -9.13 -6.63 7.49
C HIS D 173 -9.73 -7.44 6.33
N ALA D 174 -10.20 -8.67 6.57
CA ALA D 174 -10.82 -9.50 5.58
C ALA D 174 -12.36 -9.58 5.69
N ILE D 175 -12.90 -8.85 6.62
CA ILE D 175 -14.37 -8.81 6.78
C ILE D 175 -14.98 -7.99 5.63
N MET D 176 -16.05 -8.49 5.04
CA MET D 176 -16.57 -7.90 3.80
C MET D 176 -18.04 -7.91 3.96
N ARG D 177 -18.67 -6.73 3.87
CA ARG D 177 -20.10 -6.63 3.92
C ARG D 177 -20.59 -6.24 2.59
N LEU D 178 -21.84 -6.55 2.35
CA LEU D 178 -22.41 -6.37 1.03
C LEU D 178 -23.91 -6.12 1.24
N ASP D 179 -24.50 -5.04 0.72
CA ASP D 179 -25.94 -4.84 0.77
C ASP D 179 -26.65 -5.54 -0.39
N LEU D 180 -26.79 -6.86 -0.21
CA LEU D 180 -27.69 -7.68 -0.98
C LEU D 180 -28.34 -8.68 -0.06
N ALA D 181 -29.64 -8.80 -0.14
CA ALA D 181 -30.36 -9.43 0.94
C ALA D 181 -31.83 -9.53 0.58
N GLY D 182 -32.57 -10.27 1.40
CA GLY D 182 -34.00 -10.51 1.17
C GLY D 182 -34.81 -9.29 0.76
N ARG D 183 -34.38 -8.12 1.22
CA ARG D 183 -35.15 -6.91 0.86
C ARG D 183 -34.86 -6.53 -0.60
N ASP D 184 -33.58 -6.54 -0.93
CA ASP D 184 -33.16 -6.23 -2.31
C ASP D 184 -33.73 -7.28 -3.27
N LEU D 185 -33.68 -8.53 -2.85
CA LEU D 185 -34.19 -9.61 -3.69
C LEU D 185 -35.67 -9.51 -3.81
N THR D 186 -36.41 -9.06 -2.82
CA THR D 186 -37.84 -8.98 -2.93
C THR D 186 -38.21 -7.86 -3.89
N ASP D 187 -37.51 -6.73 -3.85
CA ASP D 187 -37.77 -5.66 -4.78
C ASP D 187 -37.43 -6.08 -6.19
N TYR D 188 -36.32 -6.79 -6.36
CA TYR D 188 -35.97 -7.28 -7.70
C TYR D 188 -37.03 -8.25 -8.22
N LEU D 189 -37.50 -9.11 -7.34
CA LEU D 189 -38.59 -10.03 -7.70
C LEU D 189 -39.84 -9.24 -8.03
N MET D 190 -40.08 -8.09 -7.38
CA MET D 190 -41.13 -7.21 -7.79
C MET D 190 -41.10 -6.81 -9.27
N LYS D 191 -40.02 -6.15 -9.67
CA LYS D 191 -39.94 -5.61 -11.01
C LYS D 191 -39.83 -6.74 -12.03
N ILE D 192 -39.18 -7.85 -11.68
CA ILE D 192 -39.17 -8.97 -12.63
C ILE D 192 -40.55 -9.64 -12.74
N LEU D 193 -41.26 -9.67 -11.65
CA LEU D 193 -42.61 -10.22 -11.61
C LEU D 193 -43.63 -9.43 -12.43
N THR D 194 -43.41 -8.14 -12.51
CA THR D 194 -44.31 -7.27 -13.21
C THR D 194 -44.28 -7.58 -14.69
N GLU D 195 -43.25 -8.29 -15.24
CA GLU D 195 -43.20 -8.60 -16.65
C GLU D 195 -44.30 -9.62 -16.99
N ARG D 196 -44.77 -10.42 -16.04
CA ARG D 196 -45.96 -11.27 -16.26
C ARG D 196 -47.28 -10.52 -16.11
N GLY D 197 -47.25 -9.25 -15.71
CA GLY D 197 -48.46 -8.45 -15.64
C GLY D 197 -48.92 -8.24 -14.20
N TYR D 198 -48.21 -8.86 -13.28
CA TYR D 198 -48.68 -8.92 -11.90
C TYR D 198 -48.03 -7.69 -11.32
N SER D 199 -48.84 -6.69 -10.97
CA SER D 199 -48.34 -5.44 -10.44
C SER D 199 -48.50 -5.39 -8.92
N PHE D 200 -47.38 -5.35 -8.21
CA PHE D 200 -47.38 -5.20 -6.76
C PHE D 200 -46.62 -3.92 -6.45
N VAL D 201 -47.38 -2.85 -6.18
CA VAL D 201 -46.81 -1.53 -6.00
C VAL D 201 -46.55 -1.21 -4.49
N THR D 202 -47.30 -1.82 -3.57
CA THR D 202 -47.46 -1.28 -2.20
C THR D 202 -46.61 -2.07 -1.17
N THR D 203 -46.37 -1.45 -0.02
CA THR D 203 -45.56 -2.05 1.00
C THR D 203 -46.15 -3.40 1.42
N ALA D 204 -47.45 -3.39 1.65
CA ALA D 204 -48.20 -4.60 1.97
C ALA D 204 -48.03 -5.71 0.93
N GLU D 205 -48.07 -5.35 -0.34
CA GLU D 205 -47.81 -6.32 -1.42
C GLU D 205 -46.37 -6.79 -1.41
N ARG D 206 -45.43 -5.92 -1.01
CA ARG D 206 -44.03 -6.35 -0.89
C ARG D 206 -43.93 -7.55 0.04
N GLU D 207 -44.70 -7.54 1.12
CA GLU D 207 -44.67 -8.69 2.04
C GLU D 207 -45.26 -9.93 1.40
N ILE D 208 -46.26 -9.76 0.52
CA ILE D 208 -46.78 -10.89 -0.23
C ILE D 208 -45.67 -11.48 -1.11
N VAL D 209 -44.97 -10.60 -1.83
CA VAL D 209 -43.93 -11.17 -2.71
C VAL D 209 -42.80 -11.78 -1.92
N ARG D 210 -42.52 -11.26 -0.73
CA ARG D 210 -41.59 -11.89 0.21
C ARG D 210 -42.04 -13.33 0.49
N ASP D 211 -43.34 -13.53 0.67
CA ASP D 211 -43.84 -14.87 0.91
C ASP D 211 -43.63 -15.75 -0.32
N ILE D 212 -43.87 -15.18 -1.49
CA ILE D 212 -43.67 -15.96 -2.72
C ILE D 212 -42.22 -16.43 -2.82
N LYS D 213 -41.31 -15.50 -2.58
CA LYS D 213 -39.88 -15.74 -2.64
C LYS D 213 -39.50 -16.88 -1.66
N GLU D 214 -40.04 -16.74 -0.45
CA GLU D 214 -39.68 -17.66 0.62
C GLU D 214 -40.13 -19.08 0.28
N LYS D 215 -41.34 -19.20 -0.29
CA LYS D 215 -41.75 -20.56 -0.65
C LYS D 215 -41.12 -21.07 -1.96
N LEU D 216 -41.38 -20.37 -3.04
CA LEU D 216 -41.15 -20.91 -4.39
C LEU D 216 -39.73 -20.80 -4.92
N CYS D 217 -39.07 -19.70 -4.64
CA CYS D 217 -37.77 -19.43 -5.35
C CYS D 217 -36.69 -20.42 -4.95
N TYR D 218 -35.87 -20.85 -5.91
CA TYR D 218 -34.74 -21.71 -5.62
C TYR D 218 -33.54 -21.19 -6.43
N VAL D 219 -32.36 -21.62 -6.03
CA VAL D 219 -31.11 -21.25 -6.72
C VAL D 219 -30.72 -22.39 -7.66
N ALA D 220 -30.60 -22.01 -8.93
CA ALA D 220 -30.23 -22.94 -9.98
C ALA D 220 -28.78 -23.35 -9.86
N LEU D 221 -28.43 -24.55 -10.28
CA LEU D 221 -27.03 -24.97 -10.20
C LEU D 221 -26.30 -24.27 -11.35
N ASP D 222 -26.83 -24.43 -12.56
CA ASP D 222 -26.34 -23.69 -13.69
C ASP D 222 -27.45 -22.78 -14.19
N PHE D 223 -27.13 -21.49 -14.34
CA PHE D 223 -28.13 -20.47 -14.66
C PHE D 223 -28.69 -20.54 -16.08
N GLU D 224 -27.81 -20.31 -17.05
CA GLU D 224 -28.28 -20.14 -18.42
C GLU D 224 -28.84 -21.42 -18.96
N ASN D 225 -28.37 -22.58 -18.52
CA ASN D 225 -29.00 -23.83 -18.94
C ASN D 225 -30.43 -23.89 -18.44
N GLU D 226 -30.67 -23.50 -17.18
CA GLU D 226 -32.01 -23.50 -16.65
C GLU D 226 -32.92 -22.50 -17.36
N MET D 227 -32.34 -21.36 -17.71
CA MET D 227 -33.09 -20.36 -18.48
C MET D 227 -33.46 -20.92 -19.85
N ALA D 228 -32.56 -21.70 -20.44
CA ALA D 228 -32.83 -22.30 -21.75
C ALA D 228 -34.00 -23.26 -21.64
N THR D 229 -34.02 -24.04 -20.57
CA THR D 229 -35.03 -25.07 -20.41
C THR D 229 -36.37 -24.48 -19.93
N ALA D 230 -36.32 -23.26 -19.38
CA ALA D 230 -37.52 -22.46 -19.21
C ALA D 230 -38.29 -22.20 -20.52
N ALA D 231 -37.63 -22.32 -21.68
CA ALA D 231 -38.35 -22.25 -22.95
C ALA D 231 -39.57 -23.18 -23.04
N SER D 232 -39.38 -24.47 -22.74
CA SER D 232 -40.46 -25.42 -22.71
C SER D 232 -41.03 -25.68 -21.28
N SER D 233 -42.03 -24.89 -20.89
CA SER D 233 -42.43 -24.84 -19.49
C SER D 233 -43.04 -26.16 -19.01
N SER D 234 -42.41 -26.75 -18.00
CA SER D 234 -42.85 -28.04 -17.47
C SER D 234 -42.98 -27.87 -15.97
N SER D 235 -41.95 -28.25 -15.21
CA SER D 235 -41.98 -28.11 -13.75
C SER D 235 -41.61 -26.71 -13.26
N LEU D 236 -41.06 -25.87 -14.14
CA LEU D 236 -40.49 -24.62 -13.71
C LEU D 236 -41.57 -23.62 -13.38
N GLU D 237 -42.62 -23.51 -14.19
CA GLU D 237 -43.79 -22.72 -13.69
C GLU D 237 -44.50 -23.41 -12.54
N LYS D 238 -44.77 -22.67 -11.47
CA LYS D 238 -45.53 -23.17 -10.34
C LYS D 238 -46.66 -22.19 -10.11
N SER D 239 -47.79 -22.70 -9.67
CA SER D 239 -48.93 -21.86 -9.27
C SER D 239 -48.80 -21.44 -7.79
N TYR D 240 -48.97 -20.16 -7.52
CA TYR D 240 -49.08 -19.69 -6.13
C TYR D 240 -50.39 -18.95 -6.02
N GLU D 241 -51.00 -19.00 -4.84
CA GLU D 241 -52.28 -18.33 -4.61
C GLU D 241 -52.12 -17.15 -3.63
N LEU D 242 -52.58 -15.97 -4.05
CA LEU D 242 -52.56 -14.81 -3.18
C LEU D 242 -53.62 -14.91 -2.11
N PRO D 243 -53.53 -14.07 -1.07
CA PRO D 243 -54.60 -13.95 -0.08
C PRO D 243 -55.96 -13.53 -0.66
N ASP D 244 -55.97 -12.83 -1.77
CA ASP D 244 -57.20 -12.40 -2.47
C ASP D 244 -57.97 -13.62 -3.04
N GLY D 245 -57.21 -14.64 -3.43
CA GLY D 245 -57.76 -15.78 -4.16
C GLY D 245 -57.23 -15.90 -5.59
N GLN D 246 -56.52 -14.90 -6.08
CA GLN D 246 -55.99 -14.96 -7.43
C GLN D 246 -54.81 -15.92 -7.46
N VAL D 247 -54.53 -16.43 -8.67
CA VAL D 247 -53.50 -17.41 -8.96
C VAL D 247 -52.41 -16.72 -9.80
N ILE D 248 -51.17 -16.86 -9.33
CA ILE D 248 -49.99 -16.33 -10.01
C ILE D 248 -49.28 -17.57 -10.52
N THR D 249 -48.76 -17.52 -11.74
CA THR D 249 -47.92 -18.58 -12.27
C THR D 249 -46.59 -17.98 -12.62
N ILE D 250 -45.51 -18.48 -12.00
CA ILE D 250 -44.18 -17.93 -12.19
C ILE D 250 -43.19 -18.98 -12.60
N GLY D 251 -42.54 -18.77 -13.75
CA GLY D 251 -41.57 -19.73 -14.28
C GLY D 251 -40.10 -19.48 -13.99
N ASN D 252 -39.42 -18.79 -14.91
CA ASN D 252 -38.02 -18.44 -14.72
C ASN D 252 -37.82 -17.41 -13.59
N GLU D 253 -38.84 -16.61 -13.30
CA GLU D 253 -38.76 -15.68 -12.19
C GLU D 253 -38.50 -16.38 -10.87
N ARG D 254 -38.92 -17.63 -10.74
CA ARG D 254 -38.65 -18.44 -9.55
C ARG D 254 -37.16 -18.51 -9.19
N PHE D 255 -36.34 -18.78 -10.21
CA PHE D 255 -34.90 -18.98 -9.93
C PHE D 255 -34.01 -17.77 -10.30
N ARG D 256 -34.47 -16.92 -11.22
CA ARG D 256 -33.72 -15.72 -11.53
C ARG D 256 -33.80 -14.67 -10.44
N CYS D 257 -34.81 -14.68 -9.56
CA CYS D 257 -34.74 -13.83 -8.36
C CYS D 257 -33.50 -14.04 -7.50
N PRO D 258 -33.21 -15.24 -6.98
CA PRO D 258 -32.01 -15.43 -6.16
C PRO D 258 -30.70 -15.48 -6.94
N GLU D 259 -30.78 -15.60 -8.27
CA GLU D 259 -29.56 -15.54 -9.08
C GLU D 259 -28.83 -14.21 -8.84
N THR D 260 -29.55 -13.17 -8.43
CA THR D 260 -28.99 -11.87 -8.10
C THR D 260 -27.89 -11.96 -7.07
N LEU D 261 -27.92 -12.87 -6.10
CA LEU D 261 -26.81 -13.01 -5.15
C LEU D 261 -25.50 -13.33 -5.86
N PHE D 262 -25.55 -14.14 -6.91
CA PHE D 262 -24.36 -14.50 -7.68
C PHE D 262 -24.10 -13.48 -8.77
N GLN D 263 -25.12 -12.78 -9.24
CA GLN D 263 -24.98 -11.80 -10.32
C GLN D 263 -25.63 -10.47 -9.89
N PRO D 264 -24.97 -9.68 -9.03
CA PRO D 264 -25.54 -8.40 -8.59
C PRO D 264 -25.69 -7.39 -9.71
N SER D 265 -25.17 -7.67 -10.90
CA SER D 265 -25.43 -6.86 -12.08
C SER D 265 -26.91 -6.83 -12.44
N PHE D 266 -27.71 -7.79 -11.96
CA PHE D 266 -29.15 -7.73 -12.20
C PHE D 266 -29.82 -6.52 -11.56
N ILE D 267 -29.28 -6.09 -10.43
CA ILE D 267 -29.76 -4.89 -9.71
C ILE D 267 -28.95 -3.66 -10.11
N GLY D 268 -28.01 -3.84 -11.01
CA GLY D 268 -27.12 -2.75 -11.39
C GLY D 268 -26.08 -2.39 -10.34
N MET D 269 -25.57 -3.40 -9.63
CA MET D 269 -24.46 -3.18 -8.70
C MET D 269 -23.19 -3.78 -9.25
N GLU D 270 -22.05 -3.12 -9.07
CA GLU D 270 -20.77 -3.65 -9.54
C GLU D 270 -20.14 -4.66 -8.58
N SER D 271 -20.67 -4.70 -7.37
CA SER D 271 -20.20 -5.67 -6.40
C SER D 271 -20.22 -7.10 -6.94
N ALA D 272 -19.13 -7.81 -6.67
CA ALA D 272 -19.02 -9.18 -7.10
C ALA D 272 -20.04 -10.05 -6.35
N GLY D 273 -20.44 -11.13 -7.01
CA GLY D 273 -21.37 -12.09 -6.42
C GLY D 273 -20.86 -12.59 -5.09
N ILE D 274 -21.73 -13.24 -4.32
CA ILE D 274 -21.39 -13.70 -2.96
C ILE D 274 -20.25 -14.73 -2.97
N HIS D 275 -20.14 -15.51 -4.04
CA HIS D 275 -19.08 -16.47 -4.18
C HIS D 275 -17.71 -15.77 -4.39
N GLU D 276 -17.72 -14.69 -5.15
CA GLU D 276 -16.52 -13.91 -5.34
C GLU D 276 -16.12 -13.16 -4.10
N THR D 277 -17.11 -12.75 -3.29
CA THR D 277 -16.80 -12.05 -2.04
C THR D 277 -16.33 -13.04 -0.99
N THR D 278 -16.86 -14.25 -0.97
CA THR D 278 -16.30 -15.24 -0.04
C THR D 278 -14.89 -15.62 -0.44
N TYR D 279 -14.68 -15.88 -1.73
CA TYR D 279 -13.39 -16.19 -2.28
C TYR D 279 -12.40 -15.03 -2.00
N ASN D 280 -12.88 -13.82 -2.24
CA ASN D 280 -12.07 -12.63 -2.06
C ASN D 280 -11.69 -12.50 -0.58
N SER D 281 -12.61 -12.76 0.32
CA SER D 281 -12.32 -12.70 1.74
C SER D 281 -11.24 -13.72 2.11
N ILE D 282 -11.32 -14.91 1.55
CA ILE D 282 -10.31 -15.92 1.80
C ILE D 282 -8.94 -15.46 1.31
N MET D 283 -8.92 -14.84 0.14
CA MET D 283 -7.68 -14.29 -0.40
C MET D 283 -6.98 -13.34 0.52
N LYS D 284 -7.82 -12.47 1.11
CA LYS D 284 -7.27 -11.46 2.00
C LYS D 284 -6.62 -12.09 3.23
N CYS D 285 -6.87 -13.34 3.55
CA CYS D 285 -6.32 -13.96 4.74
C CYS D 285 -4.94 -14.54 4.46
N ASP D 286 -4.20 -14.77 5.53
CA ASP D 286 -2.83 -15.23 5.45
C ASP D 286 -2.79 -16.61 4.76
N ILE D 287 -1.76 -16.79 3.95
CA ILE D 287 -1.66 -17.99 3.12
C ILE D 287 -1.81 -19.27 3.92
N ASP D 288 -1.32 -19.28 5.16
CA ASP D 288 -1.40 -20.48 6.01
C ASP D 288 -2.87 -21.00 6.22
N ILE D 289 -3.82 -20.12 6.48
CA ILE D 289 -5.07 -20.57 7.05
C ILE D 289 -6.15 -20.77 6.01
N ARG D 290 -5.83 -20.49 4.73
CA ARG D 290 -6.91 -20.47 3.73
C ARG D 290 -7.57 -21.85 3.56
N LYS D 291 -6.77 -22.90 3.69
CA LYS D 291 -7.29 -24.24 3.54
C LYS D 291 -8.40 -24.55 4.54
N ASP D 292 -8.21 -24.09 5.80
CA ASP D 292 -9.24 -24.32 6.79
C ASP D 292 -10.51 -23.55 6.42
N LEU D 293 -10.36 -22.31 5.97
CA LEU D 293 -11.51 -21.50 5.65
C LEU D 293 -12.32 -22.12 4.52
N TYR D 294 -11.61 -22.51 3.48
CA TYR D 294 -12.24 -23.20 2.34
C TYR D 294 -12.94 -24.45 2.82
N ALA D 295 -12.35 -25.17 3.77
CA ALA D 295 -13.04 -26.38 4.24
C ALA D 295 -14.28 -26.02 4.98
N ASN D 296 -14.11 -25.02 5.84
CA ASN D 296 -15.10 -24.76 6.89
C ASN D 296 -16.10 -23.67 6.71
N ASN D 297 -16.40 -23.24 5.48
CA ASN D 297 -17.27 -22.06 5.29
C ASN D 297 -18.74 -22.28 5.68
N VAL D 298 -19.29 -21.39 6.50
CA VAL D 298 -20.54 -21.61 7.20
C VAL D 298 -21.58 -20.68 6.58
N MET D 299 -22.83 -21.05 6.66
CA MET D 299 -23.90 -20.21 6.20
C MET D 299 -24.90 -19.91 7.29
N SER D 300 -25.40 -18.68 7.27
CA SER D 300 -26.37 -18.23 8.25
C SER D 300 -27.41 -17.32 7.64
N GLY D 301 -28.57 -17.22 8.26
CA GLY D 301 -29.50 -16.17 7.95
C GLY D 301 -30.60 -16.61 6.99
N GLY D 302 -31.65 -15.82 6.96
CA GLY D 302 -32.83 -16.18 6.15
C GLY D 302 -32.55 -16.28 4.65
N THR D 303 -31.65 -15.42 4.17
CA THR D 303 -31.34 -15.35 2.74
C THR D 303 -30.40 -16.46 2.34
N THR D 304 -29.97 -17.33 3.29
CA THR D 304 -29.31 -18.57 2.91
C THR D 304 -30.30 -19.75 2.73
N MET D 305 -31.60 -19.51 2.94
CA MET D 305 -32.58 -20.56 2.96
C MET D 305 -33.04 -21.03 1.61
N TYR D 306 -32.70 -20.34 0.52
CA TYR D 306 -33.11 -20.87 -0.80
C TYR D 306 -32.56 -22.25 -1.11
N PRO D 307 -33.45 -23.19 -1.47
CA PRO D 307 -32.99 -24.50 -1.86
C PRO D 307 -32.03 -24.35 -3.03
N GLY D 308 -30.97 -25.14 -3.02
CA GLY D 308 -29.96 -25.10 -4.07
C GLY D 308 -28.75 -24.23 -3.78
N ILE D 309 -28.78 -23.38 -2.74
CA ILE D 309 -27.73 -22.39 -2.57
C ILE D 309 -26.37 -23.05 -2.32
N ALA D 310 -26.32 -23.98 -1.39
CA ALA D 310 -25.07 -24.61 -1.03
C ALA D 310 -24.40 -25.30 -2.23
N ASP D 311 -25.19 -25.99 -3.06
CA ASP D 311 -24.64 -26.67 -4.19
C ASP D 311 -24.04 -25.69 -5.20
N ARG D 312 -24.73 -24.58 -5.41
CA ARG D 312 -24.18 -23.61 -6.35
C ARG D 312 -22.91 -22.98 -5.78
N MET D 313 -22.89 -22.75 -4.48
CA MET D 313 -21.69 -22.21 -3.83
C MET D 313 -20.49 -23.19 -4.05
N GLN D 314 -20.76 -24.46 -3.82
CA GLN D 314 -19.73 -25.45 -3.99
C GLN D 314 -19.23 -25.50 -5.41
N LYS D 315 -20.09 -25.34 -6.43
CA LYS D 315 -19.65 -25.25 -7.78
C LYS D 315 -18.77 -24.00 -7.98
N GLU D 316 -19.24 -22.85 -7.53
CA GLU D 316 -18.62 -21.60 -7.97
C GLU D 316 -17.31 -21.36 -7.28
N ILE D 317 -17.28 -21.54 -5.97
CA ILE D 317 -16.04 -21.40 -5.20
C ILE D 317 -15.03 -22.45 -5.67
N THR D 318 -15.48 -23.66 -5.95
CA THR D 318 -14.55 -24.64 -6.51
C THR D 318 -13.99 -24.13 -7.84
N ALA D 319 -14.79 -23.48 -8.67
CA ALA D 319 -14.34 -22.95 -9.91
C ALA D 319 -13.35 -21.83 -9.70
N LEU D 320 -13.47 -21.04 -8.63
CA LEU D 320 -12.47 -20.02 -8.39
C LEU D 320 -11.19 -20.51 -7.72
N ALA D 321 -11.33 -21.37 -6.74
CA ALA D 321 -10.19 -21.85 -5.94
C ALA D 321 -9.42 -23.00 -6.60
N PRO D 322 -8.17 -23.16 -6.17
CA PRO D 322 -7.30 -24.17 -6.76
C PRO D 322 -7.95 -25.52 -6.57
N SER D 323 -8.05 -26.31 -7.64
CA SER D 323 -8.79 -27.59 -7.60
C SER D 323 -8.20 -28.62 -6.62
N THR D 324 -6.94 -28.47 -6.24
CA THR D 324 -6.25 -29.48 -5.47
C THR D 324 -6.85 -29.65 -4.07
N MET D 325 -7.68 -28.71 -3.65
CA MET D 325 -8.13 -28.70 -2.26
C MET D 325 -9.68 -28.74 -2.02
N LYS D 326 -10.05 -29.35 -0.90
CA LYS D 326 -11.44 -29.69 -0.63
C LYS D 326 -12.14 -28.45 -0.07
N ILE D 327 -13.20 -28.03 -0.72
CA ILE D 327 -14.12 -26.99 -0.19
C ILE D 327 -15.44 -27.61 0.30
N LYS D 328 -15.48 -27.93 1.58
CA LYS D 328 -16.76 -28.35 2.20
C LYS D 328 -17.48 -27.06 2.63
N ILE D 329 -18.75 -27.03 2.30
CA ILE D 329 -19.63 -25.94 2.73
C ILE D 329 -20.56 -26.52 3.78
N ILE D 330 -20.62 -25.88 4.93
CA ILE D 330 -21.52 -26.34 6.01
C ILE D 330 -22.73 -25.38 6.12
N ALA D 331 -23.91 -25.86 5.76
CA ALA D 331 -25.14 -25.10 5.90
C ALA D 331 -26.14 -25.97 6.63
N PRO D 332 -26.12 -25.89 7.96
CA PRO D 332 -27.00 -26.74 8.77
C PRO D 332 -28.45 -26.27 8.66
N PRO D 333 -29.41 -27.21 8.74
CA PRO D 333 -30.80 -26.78 8.96
C PRO D 333 -30.99 -26.07 10.30
N GLU D 334 -32.01 -25.22 10.37
CA GLU D 334 -32.18 -24.27 11.48
C GLU D 334 -31.14 -23.15 11.41
N ARG D 335 -30.53 -22.96 10.26
CA ARG D 335 -29.51 -21.91 10.12
C ARG D 335 -30.06 -20.47 10.21
N LYS D 336 -31.36 -20.28 9.96
CA LYS D 336 -31.96 -18.98 10.09
C LYS D 336 -31.90 -18.50 11.57
N TYR D 337 -31.85 -19.42 12.53
CA TYR D 337 -31.78 -19.06 13.92
C TYR D 337 -30.40 -19.24 14.51
N SER D 338 -29.37 -19.51 13.70
CA SER D 338 -28.01 -19.68 14.13
C SER D 338 -27.48 -18.53 15.02
N VAL D 339 -27.76 -17.33 14.57
CA VAL D 339 -27.29 -16.14 15.33
C VAL D 339 -27.90 -16.15 16.73
N TRP D 340 -29.21 -16.36 16.81
CA TRP D 340 -29.87 -16.34 18.10
C TRP D 340 -29.33 -17.49 18.97
N ILE D 341 -29.17 -18.69 18.37
CA ILE D 341 -28.64 -19.82 19.10
C ILE D 341 -27.25 -19.52 19.67
N GLY D 342 -26.44 -18.97 18.83
CA GLY D 342 -25.10 -18.49 19.19
C GLY D 342 -25.16 -17.58 20.38
N GLY D 343 -26.08 -16.62 20.34
CA GLY D 343 -26.28 -15.67 21.43
C GLY D 343 -26.64 -16.43 22.70
N SER D 344 -27.56 -17.38 22.63
CA SER D 344 -27.97 -18.14 23.76
C SER D 344 -26.76 -18.88 24.43
N ILE D 345 -26.05 -19.61 23.59
CA ILE D 345 -24.93 -20.40 24.09
C ILE D 345 -23.85 -19.51 24.64
N LEU D 346 -23.58 -18.37 24.03
CA LEU D 346 -22.62 -17.44 24.60
C LEU D 346 -23.09 -16.93 25.98
N ALA D 347 -24.36 -16.56 26.08
CA ALA D 347 -24.86 -16.11 27.36
C ALA D 347 -24.82 -17.19 28.42
N SER D 348 -24.84 -18.47 28.03
CA SER D 348 -24.75 -19.57 28.95
C SER D 348 -23.29 -19.89 29.36
N LEU D 349 -22.31 -19.30 28.69
CA LEU D 349 -20.90 -19.42 29.11
C LEU D 349 -20.57 -18.50 30.27
N SER D 350 -19.98 -19.10 31.31
CA SER D 350 -19.58 -18.37 32.51
C SER D 350 -18.39 -17.44 32.25
N THR D 351 -17.47 -17.87 31.40
CA THR D 351 -16.29 -17.11 31.09
C THR D 351 -16.65 -15.75 30.47
N PHE D 352 -17.79 -15.69 29.78
CA PHE D 352 -18.30 -14.47 29.17
C PHE D 352 -18.93 -13.52 30.19
N GLN D 353 -19.31 -14.02 31.35
CA GLN D 353 -19.97 -13.19 32.35
C GLN D 353 -19.14 -11.95 32.77
N GLN D 354 -17.82 -12.05 32.73
CA GLN D 354 -17.02 -10.87 33.03
C GLN D 354 -17.29 -9.75 31.93
N MET D 355 -17.63 -10.10 30.69
CA MET D 355 -17.60 -9.16 29.59
C MET D 355 -18.85 -8.32 29.47
N TRP D 356 -19.86 -8.54 30.31
CA TRP D 356 -21.07 -7.69 30.20
C TRP D 356 -20.63 -6.25 30.51
N ILE D 357 -21.26 -5.23 29.93
CA ILE D 357 -21.02 -3.83 30.27
C ILE D 357 -22.08 -3.52 31.35
N THR D 358 -21.63 -3.15 32.55
CA THR D 358 -22.56 -2.89 33.64
C THR D 358 -23.16 -1.49 33.54
N LYS D 359 -24.38 -1.37 34.06
CA LYS D 359 -25.10 -0.10 34.09
C LYS D 359 -24.18 1.01 34.68
N GLN D 360 -23.61 0.68 35.83
CA GLN D 360 -22.75 1.64 36.50
C GLN D 360 -21.50 1.91 35.71
N GLU D 361 -20.90 0.90 35.10
CA GLU D 361 -19.69 1.12 34.31
C GLU D 361 -19.95 2.03 33.12
N TYR D 362 -21.09 1.86 32.50
CA TYR D 362 -21.52 2.76 31.43
C TYR D 362 -21.70 4.18 31.99
N ASP D 363 -22.27 4.28 33.20
CA ASP D 363 -22.55 5.60 33.74
C ASP D 363 -21.27 6.40 33.99
N GLU D 364 -20.25 5.74 34.50
CA GLU D 364 -18.98 6.38 34.79
C GLU D 364 -18.02 6.49 33.61
N ALA D 365 -18.04 5.53 32.70
CA ALA D 365 -17.13 5.57 31.56
C ALA D 365 -17.69 6.29 30.31
N GLY D 366 -19.02 6.35 30.18
CA GLY D 366 -19.62 6.97 29.04
C GLY D 366 -19.92 6.00 27.91
N PRO D 367 -20.33 6.55 26.77
CA PRO D 367 -20.70 5.76 25.60
C PRO D 367 -19.51 5.15 24.86
N SER D 368 -18.33 5.72 24.99
CA SER D 368 -17.19 5.29 24.20
C SER D 368 -16.73 3.86 24.57
N ILE D 369 -17.14 3.36 25.74
CA ILE D 369 -16.73 2.05 26.19
C ILE D 369 -17.50 0.86 25.63
N VAL D 370 -18.41 1.01 24.70
CA VAL D 370 -19.11 -0.13 24.10
C VAL D 370 -18.19 -0.92 23.15
N HIS D 371 -17.21 -0.21 22.60
CA HIS D 371 -16.26 -0.80 21.65
C HIS D 371 -15.00 -1.33 22.38
N THR E 5 20.62 -41.36 36.83
CA THR E 5 20.57 -39.86 36.67
C THR E 5 20.71 -39.38 35.23
N THR E 6 21.45 -40.12 34.42
CA THR E 6 21.73 -39.77 33.02
C THR E 6 22.05 -38.28 32.80
N ALA E 7 21.70 -37.74 31.63
CA ALA E 7 21.87 -36.33 31.35
C ALA E 7 20.93 -35.92 30.23
N LEU E 8 20.71 -34.60 30.17
CA LEU E 8 20.01 -33.99 29.04
C LEU E 8 20.98 -33.30 28.12
N VAL E 9 20.76 -33.46 26.81
CA VAL E 9 21.58 -32.80 25.81
C VAL E 9 20.65 -31.87 25.02
N CYS E 10 20.89 -30.56 25.13
CA CYS E 10 20.02 -29.56 24.49
C CYS E 10 20.85 -28.80 23.45
N ASP E 11 20.57 -29.04 22.18
CA ASP E 11 21.21 -28.30 21.10
C ASP E 11 20.31 -27.15 20.68
N ASN E 12 20.67 -25.95 21.13
CA ASN E 12 19.93 -24.72 20.91
C ASN E 12 20.59 -24.00 19.73
N GLY E 13 20.16 -24.29 18.50
CA GLY E 13 20.56 -23.46 17.35
C GLY E 13 19.37 -22.60 16.98
N SER E 14 19.64 -21.55 16.19
CA SER E 14 18.55 -20.83 15.58
C SER E 14 17.78 -21.82 14.70
N GLY E 15 16.48 -21.63 14.61
CA GLY E 15 15.64 -22.44 13.72
C GLY E 15 15.14 -23.78 14.24
N LEU E 16 15.95 -24.53 14.97
CA LEU E 16 15.53 -25.79 15.56
C LEU E 16 16.16 -26.01 16.90
N VAL E 17 15.37 -26.50 17.88
CA VAL E 17 15.91 -27.05 19.14
C VAL E 17 15.92 -28.57 18.95
N LYS E 18 17.06 -29.22 19.22
CA LYS E 18 17.15 -30.66 19.28
C LYS E 18 17.47 -31.06 20.70
N ALA E 19 16.61 -31.83 21.36
CA ALA E 19 16.87 -32.15 22.75
C ALA E 19 16.43 -33.58 23.05
N GLY E 20 17.01 -34.15 24.07
CA GLY E 20 16.85 -35.55 24.35
C GLY E 20 17.75 -35.99 25.48
N PHE E 21 17.59 -37.23 25.87
CA PHE E 21 18.42 -37.87 26.86
C PHE E 21 19.75 -38.32 26.28
N ALA E 22 20.79 -38.16 27.10
CA ALA E 22 22.12 -38.65 26.67
C ALA E 22 22.17 -40.16 26.52
N GLY E 23 23.15 -40.60 25.75
CA GLY E 23 23.31 -41.99 25.42
C GLY E 23 22.27 -42.54 24.43
N ASP E 24 21.55 -41.72 23.66
CA ASP E 24 20.54 -42.20 22.74
C ASP E 24 20.97 -41.85 21.30
N ASP E 25 20.36 -42.51 20.32
CA ASP E 25 20.83 -42.38 18.92
C ASP E 25 20.38 -41.05 18.28
N ALA E 26 19.27 -40.50 18.77
CA ALA E 26 18.68 -39.33 18.16
C ALA E 26 17.92 -38.53 19.21
N PRO E 27 17.76 -37.22 18.99
CA PRO E 27 16.97 -36.38 19.89
C PRO E 27 15.51 -36.72 19.78
N ARG E 28 14.83 -36.76 20.92
CA ARG E 28 13.38 -37.01 20.90
C ARG E 28 12.56 -35.81 20.52
N ALA E 29 12.84 -34.66 21.11
CA ALA E 29 12.08 -33.46 20.76
C ALA E 29 12.86 -32.63 19.79
N VAL E 30 12.30 -32.35 18.60
CA VAL E 30 13.00 -31.53 17.59
C VAL E 30 11.95 -30.61 17.04
N PHE E 31 12.01 -29.35 17.39
CA PHE E 31 10.96 -28.45 16.95
C PHE E 31 11.56 -27.08 16.70
N PRO E 32 10.85 -26.22 15.97
CA PRO E 32 11.45 -24.93 15.61
C PRO E 32 11.58 -24.01 16.82
N SER E 33 12.65 -23.20 16.87
CA SER E 33 12.74 -22.17 17.94
C SER E 33 11.94 -20.98 17.52
N ILE E 34 10.62 -21.01 17.76
CA ILE E 34 9.76 -19.90 17.46
C ILE E 34 8.81 -19.63 18.60
N VAL E 35 8.54 -18.34 18.79
CA VAL E 35 7.57 -17.89 19.82
C VAL E 35 6.47 -17.09 19.09
N GLY E 36 5.40 -17.78 18.77
CA GLY E 36 4.29 -17.16 18.05
C GLY E 36 3.45 -16.27 18.94
N ARG E 37 3.10 -15.08 18.49
CA ARG E 37 2.15 -14.24 19.21
C ARG E 37 1.08 -13.74 18.23
N PRO E 38 -0.19 -13.76 18.65
CA PRO E 38 -1.26 -13.43 17.76
C PRO E 38 -1.06 -12.04 17.14
N ARG E 39 -1.25 -11.94 15.84
CA ARG E 39 -1.04 -10.70 15.11
C ARG E 39 -2.31 -9.89 15.30
N HIS E 40 -3.44 -10.57 15.12
CA HIS E 40 -4.75 -9.95 15.24
C HIS E 40 -5.42 -10.22 16.56
N GLN E 41 -5.72 -9.14 17.29
CA GLN E 41 -6.46 -9.25 18.54
C GLN E 41 -7.80 -9.96 18.27
N GLY E 42 -7.95 -11.13 18.87
CA GLY E 42 -9.06 -12.01 18.55
C GLY E 42 -10.28 -11.89 19.46
N VAL E 43 -11.46 -11.75 18.87
CA VAL E 43 -12.68 -11.61 19.66
C VAL E 43 -13.46 -12.92 19.61
N MET E 44 -13.27 -13.73 20.64
CA MET E 44 -14.09 -14.91 20.93
C MET E 44 -14.15 -15.02 22.47
N VAL E 45 -14.84 -16.04 22.97
CA VAL E 45 -14.80 -16.36 24.38
C VAL E 45 -14.61 -17.89 24.47
N GLY E 46 -13.70 -18.33 25.34
CA GLY E 46 -13.26 -19.73 25.34
C GLY E 46 -12.08 -20.01 24.44
N MET E 47 -11.84 -19.14 23.46
CA MET E 47 -10.64 -19.24 22.63
C MET E 47 -9.34 -19.26 23.44
N GLY E 48 -8.32 -19.91 22.93
CA GLY E 48 -6.99 -19.87 23.58
C GLY E 48 -7.02 -19.79 25.11
N GLN E 49 -6.85 -18.60 25.70
CA GLN E 49 -6.51 -17.31 25.01
C GLN E 49 -5.09 -17.30 24.45
N LYS E 50 -4.21 -18.07 25.10
CA LYS E 50 -2.88 -18.41 24.59
C LYS E 50 -2.10 -17.22 24.01
N ASP E 51 -1.72 -16.34 24.91
CA ASP E 51 -1.03 -15.08 24.57
C ASP E 51 0.27 -15.32 23.83
N SER E 52 0.88 -16.47 24.10
CA SER E 52 2.13 -16.84 23.45
C SER E 52 2.09 -18.30 23.08
N TYR E 53 2.38 -18.63 21.83
CA TYR E 53 2.51 -19.99 21.37
C TYR E 53 3.99 -20.26 21.13
N VAL E 54 4.36 -21.52 21.15
CA VAL E 54 5.81 -21.88 21.08
C VAL E 54 6.07 -23.19 20.31
N GLY E 55 7.09 -23.18 19.47
CA GLY E 55 7.51 -24.39 18.76
C GLY E 55 6.60 -24.87 17.66
N ASP E 56 6.44 -26.18 17.60
CA ASP E 56 5.59 -26.79 16.57
C ASP E 56 4.16 -26.29 16.64
N GLU E 57 3.68 -26.02 17.85
CA GLU E 57 2.36 -25.44 18.08
C GLU E 57 2.22 -24.13 17.33
N ALA E 58 3.25 -23.30 17.40
CA ALA E 58 3.24 -22.04 16.62
C ALA E 58 3.22 -22.35 15.14
N GLN E 59 3.94 -23.36 14.71
CA GLN E 59 3.93 -23.77 13.30
C GLN E 59 2.51 -24.14 12.85
N SER E 60 1.76 -24.81 13.72
CA SER E 60 0.40 -25.14 13.40
C SER E 60 -0.49 -23.93 13.06
N LYS E 61 -0.26 -22.83 13.74
CA LYS E 61 -1.01 -21.60 13.56
C LYS E 61 -0.22 -20.36 13.07
N ARG E 62 0.39 -20.45 11.91
CA ARG E 62 1.22 -19.36 11.41
C ARG E 62 0.37 -18.18 10.93
N GLY E 63 -0.79 -18.43 10.35
CA GLY E 63 -1.53 -17.37 9.70
C GLY E 63 -2.14 -16.38 10.67
N ILE E 64 -2.25 -16.75 11.95
CA ILE E 64 -2.68 -15.85 13.01
C ILE E 64 -1.42 -15.18 13.52
N LEU E 65 -0.35 -15.95 13.75
CA LEU E 65 0.74 -15.50 14.58
C LEU E 65 1.80 -14.73 13.82
N THR E 66 2.46 -13.86 14.57
CA THR E 66 3.75 -13.28 14.14
C THR E 66 4.81 -14.20 14.70
N LEU E 67 5.64 -14.78 13.84
CA LEU E 67 6.65 -15.69 14.36
C LEU E 67 7.91 -14.90 14.65
N LYS E 68 8.58 -15.29 15.72
CA LYS E 68 9.68 -14.55 16.24
C LYS E 68 10.74 -15.55 16.65
N TYR E 69 11.82 -15.63 15.86
CA TYR E 69 13.03 -16.34 16.30
C TYR E 69 13.72 -15.59 17.47
N PRO E 70 13.83 -16.22 18.64
CA PRO E 70 14.44 -15.58 19.79
C PRO E 70 15.95 -15.43 19.64
N ILE E 71 16.56 -16.21 18.73
CA ILE E 71 18.01 -16.36 18.64
C ILE E 71 18.43 -16.06 17.20
N GLU E 72 19.32 -15.10 17.04
CA GLU E 72 19.74 -14.62 15.71
C GLU E 72 21.24 -14.60 15.52
N HIC E 73 21.70 -15.43 14.58
CA HIC E 73 23.11 -15.61 14.33
C HIC E 73 23.81 -16.13 15.58
O HIC E 73 24.85 -15.63 16.00
CB HIC E 73 23.80 -14.31 13.93
CG HIC E 73 23.03 -13.49 12.94
ND1 HIC E 73 22.30 -13.98 11.92
CD2 HIC E 73 22.91 -12.12 12.90
CE1 HIC E 73 21.76 -12.97 11.28
NE2 HIC E 73 22.12 -11.81 11.84
CZ HIC E 73 21.72 -10.47 11.40
N GLY E 74 23.20 -17.13 16.21
CA GLY E 74 23.77 -17.73 17.45
C GLY E 74 23.57 -16.86 18.68
N ILE E 75 23.43 -15.53 18.51
CA ILE E 75 23.33 -14.61 19.62
C ILE E 75 21.90 -14.63 20.12
N ILE E 76 21.70 -14.73 21.44
CA ILE E 76 20.33 -14.66 21.97
C ILE E 76 19.85 -13.22 21.91
N THR E 77 18.72 -12.97 21.26
CA THR E 77 18.20 -11.63 21.05
C THR E 77 17.18 -11.30 22.14
N ASN E 78 16.32 -12.25 22.51
CA ASN E 78 15.20 -12.00 23.39
C ASN E 78 15.13 -13.14 24.41
N TRP E 79 15.42 -12.80 25.65
CA TRP E 79 15.84 -13.78 26.66
C TRP E 79 14.64 -14.50 27.23
N ASP E 80 13.58 -13.78 27.51
CA ASP E 80 12.39 -14.44 28.02
C ASP E 80 11.77 -15.33 26.99
N ASP E 81 11.85 -15.00 25.70
CA ASP E 81 11.38 -15.92 24.66
C ASP E 81 12.18 -17.23 24.69
N MET E 82 13.51 -17.12 24.83
CA MET E 82 14.33 -18.29 24.92
C MET E 82 13.98 -19.15 26.13
N GLU E 83 13.78 -18.47 27.25
CA GLU E 83 13.33 -19.11 28.49
C GLU E 83 12.03 -19.86 28.21
N LYS E 84 11.09 -19.24 27.51
CA LYS E 84 9.85 -19.90 27.20
C LYS E 84 10.05 -21.18 26.40
N ILE E 85 10.93 -21.13 25.39
CA ILE E 85 11.16 -22.34 24.60
C ILE E 85 11.82 -23.40 25.47
N TRP E 86 12.71 -23.02 26.38
CA TRP E 86 13.29 -24.03 27.26
C TRP E 86 12.24 -24.67 28.15
N HIS E 87 11.40 -23.83 28.75
CA HIS E 87 10.40 -24.35 29.70
C HIS E 87 9.47 -25.30 28.96
N HIS E 88 9.03 -24.89 27.78
CA HIS E 88 8.14 -25.77 26.99
C HIS E 88 8.86 -27.07 26.66
N THR E 89 10.11 -26.98 26.27
CA THR E 89 10.94 -28.12 25.94
C THR E 89 10.97 -29.15 27.10
N PHE E 90 11.31 -28.70 28.28
CA PHE E 90 11.48 -29.59 29.40
C PHE E 90 10.18 -30.22 29.87
N TYR E 91 9.15 -29.43 30.04
CA TYR E 91 7.93 -29.94 30.66
C TYR E 91 6.94 -30.54 29.65
N ASN E 92 6.89 -30.04 28.43
CA ASN E 92 5.89 -30.44 27.47
C ASN E 92 6.35 -31.47 26.46
N GLU E 93 7.67 -31.67 26.28
CA GLU E 93 8.18 -32.71 25.42
C GLU E 93 8.98 -33.78 26.15
N LEU E 94 10.01 -33.39 26.87
CA LEU E 94 10.83 -34.34 27.63
C LEU E 94 10.24 -34.75 28.97
N ARG E 95 9.33 -33.94 29.45
CA ARG E 95 8.53 -34.29 30.63
C ARG E 95 9.38 -34.58 31.85
N VAL E 96 10.25 -33.62 32.13
CA VAL E 96 11.30 -33.88 33.14
C VAL E 96 11.61 -32.68 34.03
N ALA E 97 11.87 -32.96 35.30
CA ALA E 97 12.32 -32.00 36.28
C ALA E 97 13.82 -31.83 36.04
N PRO E 98 14.28 -30.63 35.66
CA PRO E 98 15.70 -30.40 35.45
C PRO E 98 16.59 -30.65 36.64
N GLU E 99 16.05 -30.62 37.84
CA GLU E 99 16.77 -30.92 39.06
C GLU E 99 17.24 -32.38 39.16
N GLU E 100 16.76 -33.25 38.29
CA GLU E 100 17.11 -34.64 38.27
C GLU E 100 18.20 -34.96 37.26
N HIS E 101 18.56 -34.03 36.38
CA HIS E 101 19.63 -34.30 35.41
C HIS E 101 20.65 -33.16 35.26
N PRO E 102 21.93 -33.49 35.05
CA PRO E 102 22.87 -32.52 34.52
C PRO E 102 22.51 -32.29 33.03
N THR E 103 22.80 -31.09 32.58
CA THR E 103 22.36 -30.65 31.28
C THR E 103 23.50 -30.08 30.50
N LEU E 104 23.74 -30.66 29.32
CA LEU E 104 24.78 -30.18 28.41
C LEU E 104 24.09 -29.31 27.36
N LEU E 105 24.54 -28.04 27.23
CA LEU E 105 24.04 -27.12 26.27
C LEU E 105 25.07 -26.83 25.22
N THR E 106 24.60 -26.26 24.15
CA THR E 106 25.41 -26.02 22.95
C THR E 106 25.53 -24.54 22.63
N GLU E 107 26.55 -24.18 21.89
CA GLU E 107 26.67 -22.80 21.38
C GLU E 107 27.69 -22.77 20.28
N ALA E 108 27.55 -21.76 19.43
CA ALA E 108 28.52 -21.49 18.39
C ALA E 108 29.84 -20.98 18.95
N PRO E 109 30.97 -21.29 18.29
CA PRO E 109 32.22 -20.65 18.65
C PRO E 109 32.22 -19.15 18.40
N LEU E 110 33.12 -18.42 19.05
CA LEU E 110 33.40 -17.00 18.79
C LEU E 110 32.19 -16.09 19.07
N ASN E 111 31.41 -16.48 20.07
CA ASN E 111 30.03 -16.01 20.30
C ASN E 111 30.14 -15.15 21.57
N PRO E 112 29.47 -13.98 21.62
CA PRO E 112 29.59 -13.11 22.75
C PRO E 112 29.41 -13.76 24.13
N LYS E 113 30.16 -13.24 25.11
CA LYS E 113 30.27 -13.85 26.43
C LYS E 113 28.90 -13.81 27.10
N ALA E 114 28.08 -12.80 26.80
CA ALA E 114 26.74 -12.72 27.36
C ALA E 114 25.90 -13.99 27.23
N ASN E 115 26.08 -14.73 26.14
CA ASN E 115 25.27 -15.93 25.92
C ASN E 115 25.62 -17.01 26.93
N ARG E 116 26.91 -17.23 27.17
CA ARG E 116 27.27 -18.33 28.11
C ARG E 116 26.78 -17.96 29.52
N GLU E 117 27.09 -16.73 29.91
CA GLU E 117 26.87 -16.34 31.32
C GLU E 117 25.40 -16.25 31.64
N LYS E 118 24.63 -15.57 30.79
CA LYS E 118 23.19 -15.46 30.96
C LYS E 118 22.55 -16.83 30.90
N MET E 119 23.00 -17.65 29.98
CA MET E 119 22.41 -18.98 29.75
C MET E 119 22.54 -19.82 31.05
N THR E 120 23.79 -19.85 31.53
CA THR E 120 24.08 -20.62 32.74
C THR E 120 23.31 -20.08 33.93
N GLN E 121 23.21 -18.76 34.01
CA GLN E 121 22.46 -18.10 35.08
C GLN E 121 21.01 -18.57 35.07
N ILE E 122 20.42 -18.63 33.88
CA ILE E 122 19.05 -19.09 33.76
C ILE E 122 18.92 -20.56 34.16
N MET E 123 19.85 -21.39 33.68
CA MET E 123 19.75 -22.79 33.96
C MET E 123 19.88 -23.09 35.44
N PHE E 124 20.75 -22.37 36.12
CA PHE E 124 20.90 -22.60 37.55
C PHE E 124 19.75 -21.95 38.34
N GLU E 125 19.43 -20.70 38.02
CA GLU E 125 18.50 -19.94 38.87
C GLU E 125 17.03 -20.21 38.56
N THR E 126 16.69 -20.24 37.28
CA THR E 126 15.26 -20.30 36.93
C THR E 126 14.79 -21.78 36.89
N PHE E 127 15.45 -22.56 36.07
CA PHE E 127 15.38 -24.01 36.16
C PHE E 127 16.41 -24.19 37.26
N ASN E 128 16.32 -25.26 38.02
CA ASN E 128 17.38 -25.59 38.97
C ASN E 128 18.02 -26.86 38.48
N VAL E 129 19.34 -26.79 38.26
CA VAL E 129 20.09 -27.90 37.62
C VAL E 129 21.25 -28.28 38.53
N PRO E 130 21.55 -29.59 38.68
CA PRO E 130 22.62 -29.98 39.54
C PRO E 130 23.94 -29.55 38.98
N ALA E 131 24.08 -29.71 37.68
CA ALA E 131 25.30 -29.32 36.99
C ALA E 131 25.04 -29.19 35.49
N MET E 132 25.89 -28.45 34.83
CA MET E 132 25.73 -28.22 33.41
C MET E 132 27.05 -27.94 32.74
N TYR E 133 27.01 -27.86 31.42
CA TYR E 133 28.21 -27.62 30.62
C TYR E 133 27.77 -26.97 29.32
N VAL E 134 28.54 -26.03 28.77
CA VAL E 134 28.24 -25.45 27.48
C VAL E 134 29.43 -25.80 26.57
N ALA E 135 29.12 -26.29 25.38
CA ALA E 135 30.13 -26.85 24.49
C ALA E 135 30.11 -26.15 23.14
N ILE E 136 31.27 -26.08 22.50
CA ILE E 136 31.41 -25.62 21.11
C ILE E 136 30.83 -26.66 20.16
N GLN E 137 29.94 -26.24 19.26
CA GLN E 137 29.27 -27.16 18.36
C GLN E 137 30.20 -28.07 17.56
N ALA E 138 31.24 -27.51 16.95
CA ALA E 138 32.01 -28.27 15.96
C ALA E 138 32.68 -29.48 16.60
N VAL E 139 33.17 -29.32 17.81
CA VAL E 139 33.75 -30.43 18.56
C VAL E 139 32.74 -31.56 18.75
N LEU E 140 31.49 -31.23 19.06
CA LEU E 140 30.48 -32.25 19.24
C LEU E 140 30.26 -33.02 17.92
N SER E 141 30.18 -32.30 16.81
CA SER E 141 30.02 -32.94 15.53
C SER E 141 31.23 -33.86 15.21
N LEU E 142 32.42 -33.41 15.56
CA LEU E 142 33.59 -34.23 15.36
C LEU E 142 33.52 -35.53 16.17
N TYR E 143 33.06 -35.44 17.43
CA TYR E 143 32.80 -36.67 18.17
C TYR E 143 31.76 -37.57 17.48
N ALA E 144 30.72 -36.95 16.96
CA ALA E 144 29.71 -37.70 16.22
C ALA E 144 30.32 -38.45 15.03
N SER E 145 31.37 -37.88 14.47
CA SER E 145 32.00 -38.53 13.31
C SER E 145 32.73 -39.77 13.75
N GLY E 146 33.13 -39.77 15.03
CA GLY E 146 33.94 -40.86 15.59
C GLY E 146 35.42 -40.68 15.25
N ARG E 147 35.87 -39.44 15.22
CA ARG E 147 37.20 -39.10 14.71
C ARG E 147 37.82 -38.00 15.58
N THR E 148 39.12 -37.87 15.52
CA THR E 148 39.83 -37.01 16.47
C THR E 148 40.45 -35.80 15.74
N THR E 149 40.57 -35.94 14.42
CA THR E 149 41.28 -34.96 13.60
C THR E 149 40.41 -34.60 12.40
N GLY E 150 40.34 -33.29 12.13
CA GLY E 150 39.57 -32.83 10.99
C GLY E 150 39.16 -31.38 11.05
N ILE E 151 38.63 -30.84 9.98
CA ILE E 151 38.21 -29.43 10.02
C ILE E 151 36.72 -29.45 9.83
N VAL E 152 35.99 -28.95 10.82
CA VAL E 152 34.53 -29.01 10.74
C VAL E 152 33.90 -27.81 10.10
N LEU E 153 33.05 -27.97 9.08
CA LEU E 153 32.25 -26.85 8.59
C LEU E 153 30.84 -27.10 9.10
N ASP E 154 30.36 -26.26 10.04
CA ASP E 154 29.02 -26.43 10.58
C ASP E 154 28.18 -25.25 10.16
N SER E 155 27.26 -25.52 9.26
CA SER E 155 26.29 -24.49 8.81
C SER E 155 24.86 -24.80 9.27
N GLY E 156 24.38 -23.99 10.20
CA GLY E 156 23.09 -24.14 10.77
C GLY E 156 22.20 -23.07 10.15
N ASP E 157 21.22 -22.60 10.90
CA ASP E 157 20.32 -21.59 10.42
C ASP E 157 20.91 -20.23 10.68
N GLY E 158 21.61 -20.05 11.79
CA GLY E 158 22.16 -18.72 12.10
C GLY E 158 23.52 -18.43 11.48
N VAL E 159 24.45 -19.40 11.58
CA VAL E 159 25.84 -19.14 11.43
C VAL E 159 26.54 -20.35 10.84
N THR E 160 27.67 -20.08 10.18
CA THR E 160 28.51 -21.12 9.62
C THR E 160 29.89 -20.99 10.25
N HIS E 161 30.48 -22.11 10.64
CA HIS E 161 31.81 -22.11 11.20
C HIS E 161 32.81 -22.99 10.45
N ASN E 162 34.05 -22.65 10.63
CA ASN E 162 35.11 -23.54 10.35
C ASN E 162 35.90 -23.67 11.61
N VAL E 163 36.01 -24.88 12.18
CA VAL E 163 36.91 -25.15 13.30
C VAL E 163 37.85 -26.33 12.96
N PRO E 164 39.12 -26.02 12.73
CA PRO E 164 40.14 -27.05 12.59
C PRO E 164 40.55 -27.67 13.89
N ILE E 165 40.66 -28.99 13.93
CA ILE E 165 40.97 -29.74 15.15
C ILE E 165 42.05 -30.79 14.77
N TYR E 166 43.16 -30.84 15.50
CA TYR E 166 44.19 -31.78 15.17
C TYR E 166 44.49 -32.69 16.34
N GLU E 167 44.26 -34.00 16.14
CA GLU E 167 44.66 -35.03 17.09
C GLU E 167 44.10 -34.69 18.50
N GLY E 168 42.81 -34.38 18.57
CA GLY E 168 42.26 -33.70 19.76
C GLY E 168 42.56 -32.22 19.61
N TYR E 169 42.96 -31.60 20.72
CA TYR E 169 43.42 -30.21 20.69
C TYR E 169 42.46 -29.30 19.95
N ALA E 170 42.96 -28.23 19.37
CA ALA E 170 42.14 -27.25 18.66
C ALA E 170 43.09 -26.12 18.20
N LEU E 171 42.64 -25.28 17.26
CA LEU E 171 43.44 -24.13 16.84
C LEU E 171 42.50 -22.99 16.87
N PRO E 172 42.41 -22.27 17.99
CA PRO E 172 41.48 -21.13 18.09
C PRO E 172 41.78 -20.00 17.13
N HIS E 173 43.05 -19.74 16.85
CA HIS E 173 43.42 -18.71 15.90
C HIS E 173 42.98 -18.96 14.46
N ALA E 174 42.63 -20.20 14.09
CA ALA E 174 42.14 -20.54 12.77
C ALA E 174 40.61 -20.77 12.69
N ILE E 175 39.95 -20.56 13.79
CA ILE E 175 38.49 -20.67 13.83
C ILE E 175 37.86 -19.47 13.11
N MET E 176 36.87 -19.73 12.25
CA MET E 176 36.36 -18.68 11.36
C MET E 176 34.90 -18.85 11.33
N ARG E 177 34.17 -17.81 11.71
CA ARG E 177 32.72 -17.86 11.68
C ARG E 177 32.26 -16.92 10.62
N LEU E 178 31.06 -17.18 10.15
CA LEU E 178 30.56 -16.49 8.99
C LEU E 178 29.02 -16.47 9.15
N ASP E 179 28.36 -15.30 9.11
CA ASP E 179 26.90 -15.27 9.11
C ASP E 179 26.33 -15.42 7.70
N LEU E 180 26.32 -16.67 7.27
CA LEU E 180 25.55 -17.14 6.13
C LEU E 180 24.96 -18.48 6.45
N ALA E 181 23.68 -18.64 6.20
CA ALA E 181 22.96 -19.74 6.82
C ALA E 181 21.55 -19.75 6.32
N GLY E 182 20.85 -20.84 6.66
CA GLY E 182 19.46 -21.04 6.22
C GLY E 182 18.55 -19.83 6.32
N ARG E 183 18.82 -18.95 7.28
CA ARG E 183 17.96 -17.76 7.42
C ARG E 183 18.28 -16.75 6.30
N ASP E 184 19.58 -16.53 6.13
CA ASP E 184 20.03 -15.62 5.06
C ASP E 184 19.63 -16.18 3.70
N LEU E 185 19.79 -17.49 3.53
CA LEU E 185 19.44 -18.10 2.26
C LEU E 185 17.95 -18.06 2.05
N THR E 186 17.13 -18.14 3.07
CA THR E 186 15.70 -18.11 2.86
C THR E 186 15.27 -16.72 2.45
N ASP E 187 15.84 -15.68 3.05
CA ASP E 187 15.54 -14.31 2.67
C ASP E 187 16.00 -14.05 1.25
N TYR E 188 17.17 -14.54 0.90
CA TYR E 188 17.64 -14.34 -0.48
C TYR E 188 16.72 -15.06 -1.47
N LEU E 189 16.29 -16.25 -1.10
CA LEU E 189 15.33 -16.98 -1.93
C LEU E 189 14.02 -16.22 -2.00
N MET E 190 13.63 -15.49 -0.95
CA MET E 190 12.51 -14.60 -1.02
C MET E 190 12.58 -13.59 -2.16
N LYS E 191 13.61 -12.75 -2.12
CA LYS E 191 13.70 -11.67 -3.08
C LYS E 191 13.99 -12.21 -4.46
N ILE E 192 14.73 -13.31 -4.57
CA ILE E 192 14.91 -13.87 -5.92
C ILE E 192 13.63 -14.52 -6.45
N LEU E 193 12.86 -15.08 -5.56
CA LEU E 193 11.57 -15.68 -5.91
C LEU E 193 10.53 -14.68 -6.39
N THR E 194 10.62 -13.49 -5.86
CA THR E 194 9.67 -12.46 -6.19
C THR E 194 9.81 -12.07 -7.64
N GLU E 195 10.93 -12.38 -8.35
CA GLU E 195 11.09 -12.03 -9.76
C GLU E 195 10.13 -12.85 -10.61
N ARG E 196 9.68 -14.03 -10.16
CA ARG E 196 8.60 -14.78 -10.84
C ARG E 196 7.20 -14.27 -10.50
N GLY E 197 7.09 -13.30 -9.58
CA GLY E 197 5.80 -12.70 -9.27
C GLY E 197 5.26 -13.18 -7.94
N TYR E 198 5.96 -14.11 -7.32
CA TYR E 198 5.44 -14.79 -6.16
C TYR E 198 5.91 -13.92 -5.02
N SER E 199 4.98 -13.25 -4.35
CA SER E 199 5.33 -12.32 -3.27
C SER E 199 5.07 -12.96 -1.91
N PHE E 200 6.15 -13.17 -1.16
CA PHE E 200 6.06 -13.68 0.21
C PHE E 200 6.65 -12.63 1.13
N VAL E 201 5.78 -11.85 1.75
CA VAL E 201 6.20 -10.70 2.57
C VAL E 201 6.34 -11.06 4.07
N THR E 202 5.61 -12.08 4.56
CA THR E 202 5.33 -12.22 6.00
C THR E 202 6.20 -13.32 6.66
N THR E 203 6.30 -13.28 7.97
CA THR E 203 7.11 -14.21 8.70
C THR E 203 6.66 -15.64 8.43
N ALA E 204 5.34 -15.83 8.51
CA ALA E 204 4.71 -17.10 8.19
C ALA E 204 5.04 -17.61 6.80
N GLU E 205 5.04 -16.72 5.82
CA GLU E 205 5.46 -17.09 4.45
C GLU E 205 6.94 -17.41 4.38
N ARG E 206 7.75 -16.75 5.22
CA ARG E 206 9.18 -17.10 5.27
C ARG E 206 9.36 -18.58 5.57
N GLU E 207 8.54 -19.10 6.47
CA GLU E 207 8.63 -20.53 6.79
C GLU E 207 8.21 -21.40 5.63
N ILE E 208 7.24 -20.92 4.82
CA ILE E 208 6.89 -21.64 3.60
C ILE E 208 8.09 -21.69 2.66
N VAL E 209 8.73 -20.54 2.46
CA VAL E 209 9.88 -20.58 1.54
C VAL E 209 11.03 -21.40 2.08
N ARG E 210 11.18 -21.46 3.39
CA ARG E 210 12.11 -22.37 4.04
C ARG E 210 11.79 -23.81 3.61
N ASP E 211 10.52 -24.17 3.56
CA ASP E 211 10.16 -25.50 3.14
C ASP E 211 10.52 -25.71 1.69
N ILE E 212 10.28 -24.70 0.86
CA ILE E 212 10.62 -24.82 -0.56
C ILE E 212 12.11 -25.12 -0.71
N LYS E 213 12.91 -24.33 -0.01
CA LYS E 213 14.37 -24.42 -0.03
C LYS E 213 14.80 -25.84 0.38
N GLU E 214 14.18 -26.30 1.47
CA GLU E 214 14.58 -27.57 2.05
C GLU E 214 14.30 -28.72 1.08
N LYS E 215 13.14 -28.66 0.40
CA LYS E 215 12.89 -29.72 -0.56
C LYS E 215 13.64 -29.56 -1.88
N LEU E 216 13.36 -28.46 -2.56
CA LEU E 216 13.73 -28.33 -3.99
C LEU E 216 15.14 -27.91 -4.28
N CYS E 217 15.69 -27.00 -3.49
CA CYS E 217 16.99 -26.37 -3.88
C CYS E 217 18.13 -27.37 -3.86
N TYR E 218 19.04 -27.25 -4.81
CA TYR E 218 20.25 -28.08 -4.83
C TYR E 218 21.42 -27.18 -5.21
N VAL E 219 22.63 -27.65 -4.93
CA VAL E 219 23.85 -26.93 -5.27
C VAL E 219 24.41 -27.51 -6.59
N ALA E 220 24.56 -26.60 -7.53
CA ALA E 220 25.07 -26.93 -8.85
C ALA E 220 26.56 -27.24 -8.79
N LEU E 221 27.04 -28.10 -9.65
CA LEU E 221 28.47 -28.43 -9.64
C LEU E 221 29.18 -27.26 -10.30
N ASP E 222 28.74 -26.88 -11.49
CA ASP E 222 29.22 -25.68 -12.13
C ASP E 222 28.04 -24.73 -12.28
N PHE E 223 28.24 -23.48 -11.83
CA PHE E 223 27.16 -22.50 -11.75
C PHE E 223 26.69 -21.97 -13.11
N GLU E 224 27.59 -21.28 -13.79
CA GLU E 224 27.19 -20.53 -14.97
C GLU E 224 26.79 -21.48 -16.07
N ASN E 225 27.35 -22.69 -16.15
CA ASN E 225 26.87 -23.65 -17.13
C ASN E 225 25.43 -24.03 -16.85
N GLU E 226 25.09 -24.25 -15.58
CA GLU E 226 23.73 -24.58 -15.23
C GLU E 226 22.77 -23.42 -15.50
N MET E 227 23.23 -22.22 -15.26
CA MET E 227 22.44 -21.02 -15.58
C MET E 227 22.20 -20.95 -17.09
N ALA E 228 23.20 -21.33 -17.87
CA ALA E 228 23.07 -21.29 -19.33
C ALA E 228 22.00 -22.28 -19.77
N THR E 229 22.00 -23.46 -19.16
CA THR E 229 21.09 -24.51 -19.56
C THR E 229 19.67 -24.29 -18.99
N ALA E 230 19.57 -23.45 -17.96
CA ALA E 230 18.29 -22.89 -17.56
C ALA E 230 17.57 -22.13 -18.70
N ALA E 231 18.30 -21.67 -19.73
CA ALA E 231 17.65 -21.09 -20.90
C ALA E 231 16.55 -21.97 -21.50
N SER E 232 16.84 -23.23 -21.77
CA SER E 232 15.85 -24.17 -22.28
C SER E 232 15.24 -25.07 -21.17
N SER E 233 14.16 -24.61 -20.57
CA SER E 233 13.68 -25.21 -19.32
C SER E 233 13.19 -26.64 -19.52
N SER E 234 13.81 -27.59 -18.83
CA SER E 234 13.49 -29.00 -18.97
C SER E 234 13.25 -29.52 -17.55
N SER E 235 14.27 -30.14 -16.95
CA SER E 235 14.14 -30.66 -15.59
C SER E 235 14.34 -29.60 -14.49
N LEU E 236 14.85 -28.42 -14.86
CA LEU E 236 15.26 -27.47 -13.87
C LEU E 236 14.06 -26.80 -13.25
N GLU E 237 13.05 -26.41 -14.02
CA GLU E 237 11.79 -26.01 -13.35
C GLU E 237 11.09 -27.18 -12.68
N LYS E 238 10.70 -27.01 -11.42
CA LYS E 238 9.92 -28.00 -10.71
C LYS E 238 8.70 -27.32 -10.16
N SER E 239 7.60 -28.05 -10.10
CA SER E 239 6.36 -27.55 -9.49
C SER E 239 6.36 -27.82 -7.98
N TYR E 240 6.05 -26.81 -7.18
CA TYR E 240 5.83 -27.01 -5.75
C TYR E 240 4.44 -26.49 -5.44
N GLU E 241 3.78 -27.10 -4.48
CA GLU E 241 2.42 -26.69 -4.09
C GLU E 241 2.40 -26.06 -2.69
N LEU E 242 1.84 -24.85 -2.60
CA LEU E 242 1.70 -24.20 -1.31
C LEU E 242 0.60 -24.84 -0.49
N PRO E 243 0.55 -24.55 0.82
CA PRO E 243 -0.58 -24.96 1.66
C PRO E 243 -1.94 -24.41 1.20
N ASP E 244 -1.97 -23.29 0.50
CA ASP E 244 -3.19 -22.69 -0.03
C ASP E 244 -3.79 -23.57 -1.17
N GLY E 245 -2.92 -24.27 -1.88
CA GLY E 245 -3.31 -25.00 -3.08
C GLY E 245 -2.69 -24.44 -4.37
N GLN E 246 -2.06 -23.27 -4.31
CA GLN E 246 -1.45 -22.69 -5.48
C GLN E 246 -0.19 -23.44 -5.84
N VAL E 247 0.18 -23.33 -7.12
CA VAL E 247 1.34 -24.01 -7.67
C VAL E 247 2.41 -22.96 -8.04
N ILE E 248 3.61 -23.22 -7.56
CA ILE E 248 4.76 -22.36 -7.84
C ILE E 248 5.63 -23.18 -8.77
N THR E 249 6.21 -22.57 -9.79
CA THR E 249 7.18 -23.22 -10.64
C THR E 249 8.47 -22.44 -10.56
N ILE E 250 9.56 -23.09 -10.13
CA ILE E 250 10.83 -22.41 -9.93
C ILE E 250 11.95 -23.10 -10.67
N GLY E 251 12.63 -22.36 -11.54
CA GLY E 251 13.71 -22.92 -12.34
C GLY E 251 15.14 -22.72 -11.84
N ASN E 252 15.78 -21.65 -12.29
CA ASN E 252 17.14 -21.33 -11.83
C ASN E 252 17.18 -20.90 -10.36
N GLU E 253 16.06 -20.38 -9.84
CA GLU E 253 15.98 -20.04 -8.43
C GLU E 253 16.23 -21.24 -7.53
N ARG E 254 15.94 -22.44 -8.01
CA ARG E 254 16.24 -23.67 -7.28
C ARG E 254 17.70 -23.79 -6.84
N PHE E 255 18.59 -23.52 -7.79
CA PHE E 255 20.03 -23.72 -7.51
C PHE E 255 20.81 -22.41 -7.23
N ARG E 256 20.32 -21.28 -7.71
CA ARG E 256 20.95 -20.01 -7.39
C ARG E 256 20.71 -19.58 -5.96
N CYS E 257 19.66 -20.06 -5.28
CA CYS E 257 19.58 -19.82 -3.82
C CYS E 257 20.79 -20.31 -3.03
N PRO E 258 21.17 -21.60 -3.07
CA PRO E 258 22.33 -22.06 -2.33
C PRO E 258 23.68 -21.65 -2.90
N GLU E 259 23.69 -21.17 -4.15
CA GLU E 259 24.95 -20.66 -4.74
C GLU E 259 25.50 -19.54 -3.87
N THR E 260 24.67 -18.84 -3.12
CA THR E 260 25.07 -17.79 -2.19
C THR E 260 26.12 -18.26 -1.21
N LEU E 261 26.13 -19.51 -0.74
CA LEU E 261 27.20 -19.98 0.14
C LEU E 261 28.57 -19.86 -0.50
N PHE E 262 28.66 -20.12 -1.80
CA PHE E 262 29.92 -20.01 -2.54
C PHE E 262 30.14 -18.60 -3.04
N GLN E 263 29.07 -17.83 -3.24
CA GLN E 263 29.17 -16.46 -3.76
C GLN E 263 28.35 -15.52 -2.87
N PRO E 264 28.89 -15.15 -1.68
CA PRO E 264 28.17 -14.24 -0.79
C PRO E 264 27.98 -12.84 -1.36
N SER E 265 28.59 -12.54 -2.49
CA SER E 265 28.32 -11.30 -3.23
C SER E 265 26.86 -11.23 -3.67
N PHE E 266 26.13 -12.34 -3.74
CA PHE E 266 24.70 -12.27 -4.06
C PHE E 266 23.89 -11.53 -3.02
N ILE E 267 24.31 -11.61 -1.76
CA ILE E 267 23.68 -10.90 -0.64
C ILE E 267 24.38 -9.57 -0.40
N GLY E 268 25.38 -9.26 -1.18
CA GLY E 268 26.17 -8.05 -0.97
C GLY E 268 27.11 -8.13 0.23
N MET E 269 27.68 -9.33 0.48
CA MET E 269 28.72 -9.45 1.50
C MET E 269 30.07 -9.67 0.86
N GLU E 270 31.12 -9.07 1.41
CA GLU E 270 32.48 -9.25 0.87
C GLU E 270 33.16 -10.54 1.36
N SER E 271 32.56 -11.15 2.38
CA SER E 271 33.09 -12.42 2.86
C SER E 271 33.24 -13.46 1.76
N ALA E 272 34.37 -14.14 1.79
CA ALA E 272 34.65 -15.16 0.81
C ALA E 272 33.68 -16.35 1.01
N GLY E 273 33.41 -17.03 -0.09
CA GLY E 273 32.58 -18.22 -0.06
C GLY E 273 33.04 -19.22 0.96
N ILE E 274 32.21 -20.20 1.27
CA ILE E 274 32.54 -21.20 2.32
C ILE E 274 33.78 -22.04 1.96
N HIS E 275 34.02 -22.24 0.68
CA HIS E 275 35.18 -22.96 0.22
C HIS E 275 36.47 -22.15 0.47
N GLU E 276 36.39 -20.84 0.26
CA GLU E 276 37.53 -20.00 0.56
C GLU E 276 37.76 -19.85 2.04
N THR E 277 36.71 -19.91 2.86
CA THR E 277 36.87 -19.83 4.30
C THR E 277 37.40 -21.14 4.84
N THR E 278 36.99 -22.26 4.27
CA THR E 278 37.59 -23.53 4.71
C THR E 278 39.06 -23.58 4.32
N TYR E 279 39.36 -23.23 3.08
CA TYR E 279 40.70 -23.18 2.57
C TYR E 279 41.55 -22.21 3.42
N ASN E 280 40.96 -21.06 3.70
CA ASN E 280 41.64 -20.02 4.46
C ASN E 280 41.94 -20.54 5.87
N SER E 281 40.99 -21.23 6.47
CA SER E 281 41.19 -21.79 7.80
C SER E 281 42.33 -22.80 7.79
N ILE E 282 42.41 -23.62 6.76
CA ILE E 282 43.51 -24.56 6.64
C ILE E 282 44.84 -23.83 6.52
N MET E 283 44.85 -22.74 5.75
CA MET E 283 46.07 -21.94 5.62
C MET E 283 46.57 -21.43 6.94
N LYS E 284 45.64 -21.00 7.77
CA LYS E 284 46.04 -20.45 9.06
C LYS E 284 46.68 -21.52 9.94
N CYS E 285 46.57 -22.80 9.64
CA CYS E 285 47.11 -23.84 10.50
C CYS E 285 48.56 -24.14 10.11
N ASP E 286 49.25 -24.78 11.05
CA ASP E 286 50.67 -25.05 10.92
C ASP E 286 50.87 -25.97 9.69
N ILE E 287 51.96 -25.70 8.97
CA ILE E 287 52.24 -26.41 7.72
C ILE E 287 52.16 -27.91 7.86
N ASP E 288 52.60 -28.44 9.00
CA ASP E 288 52.59 -29.90 9.24
C ASP E 288 51.19 -30.56 9.08
N ILE E 289 50.13 -29.95 9.59
CA ILE E 289 48.90 -30.69 9.79
C ILE E 289 47.91 -30.48 8.66
N ARG E 290 48.27 -29.65 7.68
CA ARG E 290 47.25 -29.26 6.68
C ARG E 290 46.73 -30.45 5.86
N LYS E 291 47.63 -31.39 5.60
CA LYS E 291 47.26 -32.55 4.82
C LYS E 291 46.13 -33.35 5.48
N ASP E 292 46.21 -33.49 6.83
CA ASP E 292 45.15 -34.21 7.50
C ASP E 292 43.83 -33.45 7.40
N LEU E 293 43.87 -32.12 7.55
CA LEU E 293 42.67 -31.33 7.51
C LEU E 293 42.00 -31.44 6.15
N TYR E 294 42.80 -31.29 5.13
CA TYR E 294 42.30 -31.43 3.74
C TYR E 294 41.71 -32.81 3.53
N ALA E 295 42.32 -33.83 4.13
CA ALA E 295 41.74 -35.16 3.96
C ALA E 295 40.43 -35.26 4.67
N ASN E 296 40.44 -34.74 5.88
CA ASN E 296 39.39 -35.05 6.84
C ASN E 296 38.26 -34.09 7.04
N ASN E 297 38.00 -33.15 6.12
CA ASN E 297 37.03 -32.06 6.41
C ASN E 297 35.57 -32.53 6.52
N VAL E 298 34.89 -32.13 7.59
CA VAL E 298 33.63 -32.73 8.01
C VAL E 298 32.56 -31.70 7.80
N MET E 299 31.34 -32.14 7.58
CA MET E 299 30.22 -31.23 7.42
C MET E 299 29.13 -31.54 8.44
N SER E 300 28.52 -30.47 8.91
CA SER E 300 27.45 -30.57 9.89
C SER E 300 26.36 -29.54 9.64
N GLY E 301 25.15 -29.82 10.12
CA GLY E 301 24.15 -28.81 10.21
C GLY E 301 23.15 -28.86 9.07
N GLY E 302 22.02 -28.21 9.29
CA GLY E 302 20.93 -28.25 8.29
C GLY E 302 21.30 -27.65 6.94
N THR E 303 22.13 -26.60 6.97
CA THR E 303 22.51 -25.89 5.74
C THR E 303 23.57 -26.65 4.98
N THR E 304 24.03 -27.81 5.50
CA THR E 304 24.84 -28.71 4.67
C THR E 304 23.99 -29.76 3.92
N MET E 305 22.65 -29.73 4.08
CA MET E 305 21.80 -30.74 3.55
C MET E 305 21.45 -30.59 2.10
N TYR E 306 21.79 -29.45 1.45
CA TYR E 306 21.51 -29.36 0.00
C TYR E 306 22.22 -30.42 -0.82
N PRO E 307 21.46 -31.16 -1.65
CA PRO E 307 22.06 -32.14 -2.53
C PRO E 307 23.07 -31.41 -3.42
N GLY E 308 24.20 -32.03 -3.65
CA GLY E 308 25.25 -31.46 -4.48
C GLY E 308 26.35 -30.74 -3.73
N ILE E 309 26.17 -30.45 -2.43
CA ILE E 309 27.11 -29.56 -1.74
C ILE E 309 28.53 -30.16 -1.68
N ALA E 310 28.61 -31.41 -1.26
CA ALA E 310 29.90 -32.04 -1.09
C ALA E 310 30.69 -32.09 -2.40
N ASP E 311 30.03 -32.38 -3.51
CA ASP E 311 30.71 -32.46 -4.78
C ASP E 311 31.25 -31.09 -5.20
N ARG E 312 30.46 -30.06 -4.97
CA ARG E 312 30.97 -28.73 -5.32
C ARG E 312 32.12 -28.34 -4.42
N MET E 313 32.05 -28.70 -3.15
CA MET E 313 33.16 -28.44 -2.23
C MET E 313 34.47 -29.13 -2.74
N GLN E 314 34.32 -30.38 -3.11
CA GLN E 314 35.45 -31.12 -3.61
C GLN E 314 36.03 -30.49 -4.86
N LYS E 315 35.21 -29.96 -5.77
CA LYS E 315 35.71 -29.25 -6.90
C LYS E 315 36.47 -27.99 -6.45
N GLU E 316 35.86 -27.19 -5.59
CA GLU E 316 36.35 -25.84 -5.37
C GLU E 316 37.60 -25.84 -4.52
N ILE E 317 37.58 -26.57 -3.44
CA ILE E 317 38.76 -26.71 -2.57
C ILE E 317 39.90 -27.37 -3.36
N THR E 318 39.59 -28.36 -4.17
CA THR E 318 40.65 -28.91 -5.02
C THR E 318 41.21 -27.83 -5.94
N ALA E 319 40.40 -26.94 -6.46
CA ALA E 319 40.86 -25.89 -7.29
C ALA E 319 41.73 -24.91 -6.53
N LEU E 320 41.46 -24.68 -5.24
CA LEU E 320 42.34 -23.82 -4.48
C LEU E 320 43.62 -24.47 -3.98
N ALA E 321 43.52 -25.68 -3.49
CA ALA E 321 44.66 -26.38 -2.88
C ALA E 321 45.58 -27.06 -3.89
N PRO E 322 46.81 -27.32 -3.47
CA PRO E 322 47.81 -27.91 -4.36
C PRO E 322 47.29 -29.23 -4.84
N SER E 323 47.32 -29.48 -6.14
CA SER E 323 46.72 -30.68 -6.73
C SER E 323 47.36 -32.00 -6.25
N THR E 324 48.58 -31.95 -5.74
CA THR E 324 49.33 -33.15 -5.43
C THR E 324 48.67 -33.96 -4.32
N MET E 325 47.73 -33.36 -3.60
CA MET E 325 47.20 -34.00 -2.39
C MET E 325 45.65 -34.26 -2.34
N LYS E 326 45.29 -35.32 -1.64
CA LYS E 326 43.93 -35.85 -1.67
C LYS E 326 43.08 -35.03 -0.70
N ILE E 327 42.01 -34.45 -1.21
CA ILE E 327 40.96 -33.82 -0.39
C ILE E 327 39.68 -34.67 -0.34
N LYS E 328 39.60 -35.52 0.67
CA LYS E 328 38.35 -36.26 0.93
C LYS E 328 37.48 -35.36 1.80
N ILE E 329 36.23 -35.26 1.41
CA ILE E 329 35.22 -34.55 2.20
C ILE E 329 34.30 -35.60 2.79
N ILE E 330 34.12 -35.53 4.09
CA ILE E 330 33.21 -36.49 4.78
C ILE E 330 31.92 -35.77 5.19
N ALA E 331 30.80 -36.11 4.54
CA ALA E 331 29.50 -35.57 4.88
C ALA E 331 28.55 -36.76 5.05
N PRO E 332 28.49 -37.28 6.28
CA PRO E 332 27.67 -38.45 6.56
C PRO E 332 26.18 -38.08 6.53
N PRO E 333 25.32 -39.02 6.11
CA PRO E 333 23.88 -38.82 6.34
C PRO E 333 23.54 -38.79 7.85
N GLU E 334 22.45 -38.14 8.18
CA GLU E 334 22.11 -37.79 9.57
C GLU E 334 23.04 -36.70 10.10
N ARG E 335 23.70 -35.98 9.21
CA ARG E 335 24.60 -34.90 9.64
C ARG E 335 23.90 -33.69 10.31
N LYS E 336 22.62 -33.50 10.04
CA LYS E 336 21.88 -32.43 10.68
C LYS E 336 21.82 -32.66 12.22
N TYR E 337 21.90 -33.91 12.66
CA TYR E 337 21.85 -34.21 14.08
C TYR E 337 23.22 -34.54 14.65
N SER E 338 24.32 -34.34 13.91
CA SER E 338 25.66 -34.59 14.36
C SER E 338 26.01 -33.92 15.70
N VAL E 339 25.64 -32.67 15.80
CA VAL E 339 25.94 -31.92 17.03
C VAL E 339 25.26 -32.59 18.22
N TRP E 340 23.98 -32.90 18.08
CA TRP E 340 23.24 -33.51 19.17
C TRP E 340 23.85 -34.88 19.51
N ILE E 341 24.17 -35.68 18.46
CA ILE E 341 24.76 -36.99 18.68
C ILE E 341 26.08 -36.87 19.45
N GLY E 342 26.88 -35.96 19.01
CA GLY E 342 28.15 -35.59 19.66
C GLY E 342 27.93 -35.32 21.12
N GLY E 343 26.92 -34.51 21.42
CA GLY E 343 26.56 -34.16 22.79
C GLY E 343 26.21 -35.42 23.56
N SER E 344 25.40 -36.30 23.00
CA SER E 344 25.01 -37.51 23.64
C SER E 344 26.26 -38.38 24.03
N ILE E 345 27.08 -38.62 23.02
CA ILE E 345 28.24 -39.47 23.23
C ILE E 345 29.19 -38.84 24.21
N LEU E 346 29.37 -37.54 24.18
CA LEU E 346 30.21 -36.89 25.20
C LEU E 346 29.62 -37.08 26.61
N ALA E 347 28.32 -36.88 26.73
CA ALA E 347 27.69 -37.08 28.03
C ALA E 347 27.80 -38.52 28.51
N SER E 348 27.92 -39.49 27.60
CA SER E 348 28.08 -40.87 27.95
C SER E 348 29.53 -41.24 28.32
N LEU E 349 30.49 -40.35 28.07
CA LEU E 349 31.88 -40.53 28.52
C LEU E 349 32.04 -40.22 29.99
N SER E 350 32.64 -41.18 30.71
CA SER E 350 32.89 -41.04 32.13
C SER E 350 34.00 -40.01 32.43
N THR E 351 34.99 -39.95 31.56
CA THR E 351 36.12 -39.05 31.74
C THR E 351 35.65 -37.59 31.74
N PHE E 352 34.55 -37.31 31.03
CA PHE E 352 33.95 -35.98 30.98
C PHE E 352 33.18 -35.63 32.25
N GLN E 353 32.78 -36.62 33.03
CA GLN E 353 31.99 -36.36 34.23
C GLN E 353 32.65 -35.39 35.23
N GLN E 354 33.98 -35.36 35.28
CA GLN E 354 34.64 -34.39 36.14
C GLN E 354 34.32 -32.93 35.63
N MET E 355 34.08 -32.71 34.32
CA MET E 355 34.08 -31.38 33.76
C MET E 355 32.75 -30.66 33.90
N TRP E 356 31.73 -31.30 34.46
CA TRP E 356 30.45 -30.57 34.63
C TRP E 356 30.71 -29.39 35.57
N ILE E 357 30.02 -28.27 35.44
CA ILE E 357 30.10 -27.15 36.38
C ILE E 357 28.95 -27.43 37.37
N THR E 358 29.29 -27.60 38.66
CA THR E 358 28.29 -27.91 39.66
C THR E 358 27.55 -26.66 40.13
N LYS E 359 26.30 -26.87 40.53
CA LYS E 359 25.46 -25.79 41.04
C LYS E 359 26.22 -25.01 42.15
N GLN E 360 26.75 -25.78 43.08
CA GLN E 360 27.47 -25.16 44.19
C GLN E 360 28.72 -24.47 43.72
N GLU E 361 29.46 -25.08 42.79
CA GLU E 361 30.68 -24.44 42.30
C GLU E 361 30.40 -23.11 41.60
N TYR E 362 29.32 -23.07 40.86
CA TYR E 362 28.85 -21.82 40.27
C TYR E 362 28.49 -20.82 41.37
N ASP E 363 27.86 -21.29 42.44
CA ASP E 363 27.41 -20.39 43.48
C ASP E 363 28.60 -19.69 44.16
N GLU E 364 29.66 -20.44 44.43
CA GLU E 364 30.83 -19.91 45.09
C GLU E 364 31.83 -19.22 44.17
N ALA E 365 31.97 -19.67 42.93
CA ALA E 365 32.92 -19.06 42.02
C ALA E 365 32.36 -17.91 41.17
N GLY E 366 31.05 -17.89 40.94
CA GLY E 366 30.44 -16.87 40.15
C GLY E 366 30.31 -17.25 38.69
N PRO E 367 29.90 -16.28 37.86
CA PRO E 367 29.68 -16.49 36.45
C PRO E 367 30.96 -16.63 35.62
N SER E 368 32.08 -16.09 36.10
CA SER E 368 33.29 -16.05 35.31
C SER E 368 33.87 -17.46 35.05
N ILE E 369 33.46 -18.45 35.85
CA ILE E 369 33.97 -19.80 35.70
C ILE E 369 33.37 -20.66 34.61
N VAL E 370 32.49 -20.17 33.76
CA VAL E 370 31.95 -20.98 32.66
C VAL E 370 33.00 -21.21 31.55
N HIS E 371 33.92 -20.25 31.47
CA HIS E 371 34.97 -20.29 30.45
C HIS E 371 36.25 -20.99 30.98
N UNK F 1 -91.59 38.08 -41.64
CA UNK F 1 -90.95 38.98 -40.69
C UNK F 1 -89.75 38.31 -40.01
N UNK F 2 -89.88 37.01 -39.74
CA UNK F 2 -88.84 36.25 -39.05
C UNK F 2 -87.60 36.08 -39.92
N UNK F 3 -87.82 36.01 -41.23
CA UNK F 3 -86.72 35.96 -42.18
C UNK F 3 -85.88 37.23 -42.09
N UNK F 4 -86.55 38.37 -42.05
CA UNK F 4 -85.87 39.66 -41.93
C UNK F 4 -85.14 39.75 -40.59
N UNK F 5 -85.71 39.09 -39.58
CA UNK F 5 -85.10 39.08 -38.25
C UNK F 5 -83.88 38.17 -38.23
N UNK F 6 -83.97 37.06 -38.94
CA UNK F 6 -82.87 36.11 -39.02
C UNK F 6 -81.73 36.68 -39.87
N UNK F 7 -82.10 37.45 -40.89
CA UNK F 7 -81.11 38.08 -41.75
C UNK F 7 -80.35 39.16 -41.00
N UNK F 8 -81.07 39.91 -40.16
CA UNK F 8 -80.47 40.98 -39.37
C UNK F 8 -79.52 40.42 -38.31
N UNK F 9 -79.91 39.30 -37.71
CA UNK F 9 -79.09 38.64 -36.70
C UNK F 9 -77.86 38.00 -37.33
N UNK F 10 -77.95 37.66 -38.62
CA UNK F 10 -76.83 37.09 -39.34
C UNK F 10 -75.77 38.16 -39.59
N UNK F 11 -76.24 39.36 -39.94
CA UNK F 11 -75.36 40.47 -40.26
C UNK F 11 -74.51 40.88 -39.06
N UNK F 12 -75.10 40.83 -37.87
CA UNK F 12 -74.37 41.22 -36.67
C UNK F 12 -73.54 40.06 -36.12
N UNK F 13 -73.90 38.83 -36.50
CA UNK F 13 -73.15 37.65 -36.08
C UNK F 13 -71.85 37.54 -36.85
N UNK F 14 -71.87 37.99 -38.10
CA UNK F 14 -70.68 38.01 -38.91
C UNK F 14 -69.81 39.21 -38.54
N UNK F 15 -70.44 40.22 -37.96
CA UNK F 15 -69.70 41.40 -37.49
C UNK F 15 -68.97 41.07 -36.20
N UNK F 16 -69.60 40.29 -35.34
CA UNK F 16 -68.98 39.83 -34.11
C UNK F 16 -67.88 38.82 -34.44
N UNK F 17 -68.09 38.07 -35.52
CA UNK F 17 -67.09 37.11 -36.00
C UNK F 17 -65.80 37.81 -36.36
N UNK F 18 -65.91 38.94 -37.06
CA UNK F 18 -64.76 39.72 -37.47
C UNK F 18 -64.03 40.28 -36.25
N UNK F 19 -64.80 40.65 -35.24
CA UNK F 19 -64.23 41.19 -34.00
C UNK F 19 -63.54 40.11 -33.20
N UNK F 20 -64.08 38.90 -33.23
CA UNK F 20 -63.54 37.79 -32.44
C UNK F 20 -62.26 37.23 -33.06
N UNK F 21 -62.13 37.30 -34.38
CA UNK F 21 -60.92 36.86 -35.05
C UNK F 21 -59.81 37.89 -34.86
N UNK F 22 -60.20 39.15 -34.77
CA UNK F 22 -59.26 40.23 -34.51
C UNK F 22 -58.73 40.13 -33.08
N UNK F 23 -59.60 39.77 -32.16
CA UNK F 23 -59.23 39.59 -30.77
C UNK F 23 -58.30 38.39 -30.63
N UNK F 24 -58.51 37.39 -31.47
CA UNK F 24 -57.66 36.21 -31.47
C UNK F 24 -56.30 36.55 -32.08
N UNK F 25 -56.30 37.47 -33.04
CA UNK F 25 -55.07 37.89 -33.70
C UNK F 25 -54.22 38.70 -32.72
N UNK F 26 -54.85 39.58 -31.96
CA UNK F 26 -54.14 40.42 -31.01
C UNK F 26 -53.49 39.60 -29.90
N UNK F 27 -54.17 38.56 -29.46
CA UNK F 27 -53.70 37.76 -28.33
C UNK F 27 -52.49 36.91 -28.71
N UNK F 28 -52.50 36.34 -29.92
CA UNK F 28 -51.38 35.50 -30.38
C UNK F 28 -50.23 36.38 -30.86
N UNK F 29 -50.56 37.61 -31.22
CA UNK F 29 -49.58 38.60 -31.66
C UNK F 29 -48.76 39.07 -30.47
N UNK F 30 -49.42 39.24 -29.34
CA UNK F 30 -48.76 39.62 -28.11
C UNK F 30 -48.09 38.44 -27.44
N UNK F 31 -48.67 37.26 -27.59
CA UNK F 31 -48.13 36.06 -26.98
C UNK F 31 -46.77 35.71 -27.59
N UNK F 32 -46.62 35.99 -28.87
CA UNK F 32 -45.38 35.70 -29.59
C UNK F 32 -44.21 36.52 -29.04
N UNK F 33 -44.35 37.84 -29.04
CA UNK F 33 -43.26 38.72 -28.66
C UNK F 33 -42.85 38.51 -27.20
N UNK F 34 -43.79 38.11 -26.36
CA UNK F 34 -43.49 37.88 -24.94
C UNK F 34 -42.80 36.53 -24.76
N UNK F 35 -43.14 35.56 -25.61
CA UNK F 35 -42.52 34.25 -25.54
C UNK F 35 -41.12 34.31 -26.15
N UNK F 36 -40.96 35.09 -27.21
CA UNK F 36 -39.66 35.28 -27.84
C UNK F 36 -38.69 35.94 -26.87
N UNK F 37 -39.21 36.80 -26.00
CA UNK F 37 -38.42 37.44 -24.96
C UNK F 37 -38.10 36.47 -23.85
N UNK F 38 -39.09 35.65 -23.48
CA UNK F 38 -38.92 34.65 -22.44
C UNK F 38 -37.91 33.58 -22.87
N UNK F 39 -38.02 33.17 -24.13
CA UNK F 39 -37.10 32.19 -24.71
C UNK F 39 -35.70 32.77 -24.78
N UNK F 40 -35.59 34.03 -25.21
CA UNK F 40 -34.31 34.71 -25.29
C UNK F 40 -33.68 34.83 -23.90
N UNK F 41 -34.52 35.09 -22.90
CA UNK F 41 -34.05 35.19 -21.52
C UNK F 41 -33.52 33.85 -21.04
N UNK F 42 -34.19 32.77 -21.42
CA UNK F 42 -33.80 31.42 -21.01
C UNK F 42 -32.45 31.02 -21.60
N UNK F 43 -32.24 31.38 -22.87
CA UNK F 43 -31.00 31.08 -23.55
C UNK F 43 -29.82 31.81 -22.90
N UNK F 44 -30.06 33.07 -22.57
CA UNK F 44 -29.03 33.90 -21.95
C UNK F 44 -28.84 33.54 -20.48
N UNK F 45 -29.90 33.04 -19.85
CA UNK F 45 -29.84 32.61 -18.45
C UNK F 45 -28.95 31.39 -18.26
N UNK F 46 -29.04 30.45 -19.19
CA UNK F 46 -28.30 29.19 -19.10
C UNK F 46 -26.79 29.39 -19.20
N UNK F 47 -26.37 30.25 -20.12
CA UNK F 47 -24.95 30.45 -20.36
C UNK F 47 -24.35 31.32 -19.25
N UNK F 48 -25.16 32.20 -18.67
CA UNK F 48 -24.70 33.04 -17.56
C UNK F 48 -24.59 32.25 -16.27
N UNK F 49 -25.36 31.16 -16.20
CA UNK F 49 -25.29 30.23 -15.08
C UNK F 49 -23.99 29.43 -15.15
N UNK F 50 -23.66 29.00 -16.36
CA UNK F 50 -22.42 28.27 -16.60
C UNK F 50 -21.20 29.11 -16.24
N UNK F 51 -21.21 30.36 -16.69
CA UNK F 51 -20.14 31.31 -16.39
C UNK F 51 -20.03 31.57 -14.90
N UNK F 52 -21.17 31.59 -14.20
CA UNK F 52 -21.20 31.81 -12.77
C UNK F 52 -20.51 30.68 -12.03
N UNK F 53 -20.88 29.45 -12.41
CA UNK F 53 -20.25 28.26 -11.87
C UNK F 53 -18.74 28.29 -12.09
N UNK F 54 -18.35 28.60 -13.33
CA UNK F 54 -16.94 28.68 -13.70
C UNK F 54 -16.20 29.69 -12.84
N UNK F 55 -16.90 30.78 -12.49
CA UNK F 55 -16.32 31.83 -11.67
C UNK F 55 -16.13 31.38 -10.23
N UNK F 56 -17.18 30.82 -9.65
CA UNK F 56 -17.14 30.35 -8.26
C UNK F 56 -16.11 29.24 -8.07
N UNK F 57 -15.96 28.39 -9.09
CA UNK F 57 -15.05 27.25 -8.99
C UNK F 57 -13.60 27.68 -9.00
N UNK F 58 -13.23 28.52 -9.96
CA UNK F 58 -11.87 29.02 -10.05
C UNK F 58 -11.56 29.95 -8.86
N UNK F 59 -12.62 30.38 -8.17
CA UNK F 59 -12.47 31.19 -6.97
C UNK F 59 -12.03 30.34 -5.78
N UNK F 60 -12.80 29.29 -5.52
CA UNK F 60 -12.52 28.38 -4.41
C UNK F 60 -11.27 27.54 -4.67
N UNK F 61 -10.94 27.34 -5.95
CA UNK F 61 -9.72 26.64 -6.33
C UNK F 61 -8.51 27.49 -5.98
N UNK F 62 -8.60 28.78 -6.27
CA UNK F 62 -7.51 29.70 -6.03
C UNK F 62 -7.33 30.00 -4.55
N UNK F 63 -8.45 30.13 -3.84
CA UNK F 63 -8.41 30.35 -2.40
C UNK F 63 -7.85 29.14 -1.67
N UNK F 64 -8.29 27.95 -2.07
CA UNK F 64 -7.81 26.70 -1.48
C UNK F 64 -6.31 26.57 -1.66
N UNK F 65 -5.84 26.95 -2.85
CA UNK F 65 -4.42 26.90 -3.16
C UNK F 65 -3.66 27.92 -2.33
N UNK F 66 -4.26 29.10 -2.16
CA UNK F 66 -3.61 30.20 -1.45
C UNK F 66 -3.37 29.87 0.01
N UNK F 67 -4.36 29.26 0.65
CA UNK F 67 -4.27 28.92 2.07
C UNK F 67 -3.17 27.93 2.35
N UNK F 68 -2.94 27.01 1.41
CA UNK F 68 -1.94 25.96 1.57
C UNK F 68 -0.52 26.54 1.53
N UNK F 69 -0.30 27.47 0.61
CA UNK F 69 1.01 28.08 0.42
C UNK F 69 1.25 29.17 1.47
N UNK F 70 0.18 29.84 1.86
CA UNK F 70 0.25 30.87 2.90
C UNK F 70 0.72 30.24 4.20
N UNK F 71 0.25 29.03 4.47
CA UNK F 71 0.63 28.30 5.67
C UNK F 71 2.05 27.75 5.57
N UNK F 72 2.44 27.36 4.36
CA UNK F 72 3.76 26.77 4.15
C UNK F 72 4.86 27.81 4.34
N UNK F 73 4.53 29.08 4.13
CA UNK F 73 5.51 30.15 4.27
C UNK F 73 5.92 30.36 5.72
N UNK F 74 4.93 30.45 6.60
CA UNK F 74 5.19 30.67 8.02
C UNK F 74 6.01 29.52 8.60
N UNK F 75 5.73 28.31 8.11
CA UNK F 75 6.45 27.12 8.54
C UNK F 75 7.93 27.18 8.14
N UNK F 76 8.20 27.56 6.90
CA UNK F 76 9.56 27.58 6.38
C UNK F 76 10.33 28.81 6.88
N UNK F 77 9.59 29.83 7.31
CA UNK F 77 10.21 30.99 7.94
C UNK F 77 10.64 30.65 9.35
N UNK F 78 9.80 29.86 10.03
CA UNK F 78 10.07 29.45 11.39
C UNK F 78 11.26 28.50 11.45
N UNK F 79 11.43 27.69 10.40
CA UNK F 79 12.54 26.77 10.31
C UNK F 79 13.86 27.52 10.12
N UNK F 80 13.79 28.62 9.38
CA UNK F 80 14.97 29.42 9.02
C UNK F 80 15.70 29.96 10.25
N UNK F 81 14.97 30.60 11.15
CA UNK F 81 15.56 31.22 12.32
C UNK F 81 16.12 30.19 13.30
N UNK F 82 15.49 29.02 13.35
CA UNK F 82 15.95 27.93 14.22
C UNK F 82 17.34 27.46 13.80
N UNK F 83 17.56 27.40 12.49
CA UNK F 83 18.82 26.91 11.95
C UNK F 83 19.92 27.96 12.03
N UNK F 84 19.53 29.23 11.98
CA UNK F 84 20.49 30.34 12.10
C UNK F 84 20.96 30.46 13.54
N UNK F 85 20.06 30.19 14.47
CA UNK F 85 20.38 30.26 15.90
C UNK F 85 21.28 29.10 16.31
N UNK F 86 21.00 27.92 15.78
CA UNK F 86 21.81 26.75 16.07
C UNK F 86 23.20 26.90 15.47
N UNK F 87 23.26 27.59 14.34
CA UNK F 87 24.53 27.87 13.68
C UNK F 87 25.40 28.75 14.56
N UNK F 88 24.85 29.88 14.97
CA UNK F 88 25.55 30.87 15.76
C UNK F 88 25.98 30.33 17.13
N UNK F 89 25.08 29.57 17.76
CA UNK F 89 25.35 29.04 19.09
C UNK F 89 26.50 28.03 19.06
N UNK F 90 26.55 27.24 18.00
CA UNK F 90 27.58 26.22 17.86
C UNK F 90 28.92 26.83 17.44
N UNK F 91 28.85 27.98 16.79
CA UNK F 91 30.05 28.69 16.34
C UNK F 91 30.66 29.42 17.53
N UNK F 92 29.80 29.86 18.44
CA UNK F 92 30.26 30.51 19.66
C UNK F 92 30.99 29.52 20.55
N UNK F 93 30.48 28.30 20.61
CA UNK F 93 31.14 27.25 21.38
C UNK F 93 32.35 26.75 20.62
N UNK F 94 32.28 26.80 19.29
CA UNK F 94 33.41 26.44 18.45
C UNK F 94 34.59 27.37 18.71
N UNK F 95 34.33 28.67 18.65
CA UNK F 95 35.37 29.67 18.83
C UNK F 95 35.98 29.62 20.23
N UNK F 96 35.19 29.20 21.21
CA UNK F 96 35.66 29.10 22.59
C UNK F 96 36.62 27.92 22.72
N UNK F 97 36.30 26.82 22.07
CA UNK F 97 37.14 25.62 22.08
C UNK F 97 38.43 25.86 21.31
N UNK F 98 38.34 26.63 20.22
CA UNK F 98 39.52 27.00 19.44
C UNK F 98 40.51 27.74 20.34
N UNK F 99 39.98 28.65 21.15
CA UNK F 99 40.80 29.40 22.09
C UNK F 99 41.31 28.49 23.20
N UNK F 100 40.45 27.61 23.69
CA UNK F 100 40.81 26.67 24.74
C UNK F 100 41.88 25.69 24.23
N UNK F 101 41.77 25.32 22.96
CA UNK F 101 42.74 24.42 22.33
C UNK F 101 44.10 25.08 22.22
N UNK F 102 44.11 26.35 21.84
CA UNK F 102 45.35 27.11 21.62
C UNK F 102 46.14 27.23 22.92
N UNK F 103 45.43 27.23 24.04
CA UNK F 103 46.04 27.28 25.36
C UNK F 103 46.72 25.96 25.71
N UNK F 104 46.03 24.87 25.42
CA UNK F 104 46.54 23.54 25.75
C UNK F 104 47.66 23.14 24.80
N UNK F 105 47.56 23.55 23.55
CA UNK F 105 48.61 23.26 22.58
C UNK F 105 49.83 24.15 22.80
N UNK F 106 49.63 25.24 23.54
CA UNK F 106 50.74 26.11 23.93
C UNK F 106 51.51 25.47 25.08
N UNK F 107 50.78 24.87 26.02
CA UNK F 107 51.37 24.14 27.13
C UNK F 107 52.03 22.86 26.61
N UNK F 108 51.53 22.36 25.49
CA UNK F 108 52.04 21.15 24.86
C UNK F 108 53.51 21.30 24.47
N UNK F 109 53.77 22.15 23.48
CA UNK F 109 55.11 22.33 22.94
C UNK F 109 56.03 23.02 23.95
N UNK F 110 55.43 23.61 24.98
CA UNK F 110 56.19 24.21 26.07
C UNK F 110 56.78 23.15 26.99
N UNK F 111 55.97 22.13 27.30
CA UNK F 111 56.37 21.07 28.21
C UNK F 111 57.33 20.10 27.52
N UNK F 112 57.31 20.06 26.19
CA UNK F 112 58.21 19.21 25.43
C UNK F 112 59.62 19.75 25.49
N UNK F 113 59.73 21.07 25.57
CA UNK F 113 61.01 21.74 25.75
C UNK F 113 61.56 21.42 27.15
N UNK F 114 60.64 21.30 28.10
CA UNK F 114 60.99 20.95 29.47
C UNK F 114 61.43 19.50 29.56
N UNK F 115 60.74 18.64 28.80
CA UNK F 115 61.10 17.22 28.76
C UNK F 115 62.50 17.07 28.16
N UNK F 116 62.76 17.80 27.08
CA UNK F 116 64.08 17.83 26.46
C UNK F 116 65.12 18.33 27.45
N UNK F 117 64.71 19.30 28.27
CA UNK F 117 65.61 19.94 29.23
C UNK F 117 66.10 18.96 30.29
N UNK F 118 65.17 18.22 30.90
CA UNK F 118 65.54 17.25 31.93
C UNK F 118 66.30 16.08 31.31
N UNK F 119 65.84 15.65 30.14
CA UNK F 119 66.41 14.51 29.44
C UNK F 119 67.88 14.75 29.10
N UNK F 120 68.23 16.00 28.83
CA UNK F 120 69.60 16.38 28.56
C UNK F 120 70.44 16.28 29.82
N UNK F 121 69.81 16.59 30.95
CA UNK F 121 70.49 16.53 32.25
C UNK F 121 70.93 15.12 32.61
N UNK F 122 70.03 14.17 32.49
CA UNK F 122 70.29 12.80 32.92
C UNK F 122 71.31 12.11 32.01
N UNK F 123 71.45 12.60 30.78
CA UNK F 123 72.39 12.03 29.83
C UNK F 123 73.83 12.15 30.32
N UNK F 124 74.18 13.34 30.81
CA UNK F 124 75.50 13.55 31.40
C UNK F 124 75.61 12.75 32.70
N UNK F 125 74.49 12.66 33.39
CA UNK F 125 74.44 12.06 34.72
C UNK F 125 74.71 10.56 34.71
N UNK F 126 74.16 9.87 33.72
CA UNK F 126 74.44 8.44 33.56
C UNK F 126 75.92 8.21 33.35
N UNK F 127 76.49 9.00 32.44
CA UNK F 127 77.89 8.88 32.05
C UNK F 127 78.82 9.09 33.25
N UNK F 128 78.54 10.14 34.03
CA UNK F 128 79.36 10.44 35.20
C UNK F 128 79.33 9.31 36.22
N UNK F 129 78.17 8.65 36.35
CA UNK F 129 78.07 7.47 37.22
C UNK F 129 79.00 6.38 36.75
N UNK F 130 78.83 5.97 35.49
CA UNK F 130 79.61 4.90 34.88
C UNK F 130 81.09 5.17 34.98
N UNK F 131 81.48 6.41 34.73
CA UNK F 131 82.87 6.82 34.81
C UNK F 131 83.44 6.62 36.21
N UNK F 132 82.70 7.09 37.20
CA UNK F 132 83.17 7.05 38.58
C UNK F 132 82.90 5.69 39.24
N UNK F 133 82.16 4.83 38.55
CA UNK F 133 82.05 3.44 38.94
C UNK F 133 83.30 2.70 38.52
N UNK F 134 83.68 2.90 37.27
CA UNK F 134 84.87 2.28 36.71
C UNK F 134 86.12 2.70 37.49
N UNK F 135 86.25 4.00 37.71
CA UNK F 135 87.40 4.57 38.40
C UNK F 135 87.52 4.10 39.85
N UNK G 1 -89.15 28.99 -46.66
CA UNK G 1 -87.97 28.36 -47.22
C UNK G 1 -86.74 29.23 -47.01
N UNK G 2 -86.89 30.52 -47.27
CA UNK G 2 -85.80 31.48 -47.15
C UNK G 2 -85.41 31.73 -45.70
N UNK G 3 -86.41 31.69 -44.82
CA UNK G 3 -86.16 31.84 -43.38
C UNK G 3 -85.35 30.65 -42.86
N UNK G 4 -85.71 29.46 -43.32
CA UNK G 4 -85.01 28.24 -42.93
C UNK G 4 -83.55 28.33 -43.36
N UNK G 5 -83.32 28.99 -44.49
CA UNK G 5 -81.98 29.20 -45.01
C UNK G 5 -81.23 30.24 -44.18
N UNK G 6 -81.90 31.32 -43.81
CA UNK G 6 -81.28 32.37 -43.01
C UNK G 6 -81.01 31.89 -41.60
N UNK G 7 -81.83 30.95 -41.12
CA UNK G 7 -81.62 30.36 -39.80
C UNK G 7 -80.37 29.48 -39.83
N UNK G 8 -80.14 28.83 -40.96
CA UNK G 8 -78.96 27.98 -41.12
C UNK G 8 -77.70 28.84 -41.21
N UNK G 9 -77.81 29.97 -41.89
CA UNK G 9 -76.72 30.94 -41.95
C UNK G 9 -76.42 31.46 -40.55
N UNK G 10 -77.45 31.57 -39.73
CA UNK G 10 -77.30 32.03 -38.36
C UNK G 10 -76.50 31.02 -37.54
N UNK G 11 -76.73 29.74 -37.78
CA UNK G 11 -76.08 28.68 -37.03
C UNK G 11 -74.58 28.62 -37.29
N UNK G 12 -74.19 28.88 -38.54
CA UNK G 12 -72.77 28.78 -38.91
C UNK G 12 -72.00 30.06 -38.60
N UNK G 13 -72.72 31.17 -38.49
CA UNK G 13 -72.10 32.45 -38.14
C UNK G 13 -71.85 32.55 -36.65
N UNK G 14 -72.75 31.96 -35.87
CA UNK G 14 -72.61 31.92 -34.42
C UNK G 14 -71.54 30.92 -34.01
N UNK G 15 -71.43 29.85 -34.79
CA UNK G 15 -70.42 28.82 -34.54
C UNK G 15 -69.03 29.35 -34.86
N UNK G 16 -68.93 30.07 -35.98
CA UNK G 16 -67.67 30.66 -36.40
C UNK G 16 -67.24 31.75 -35.43
N UNK G 17 -68.23 32.44 -34.85
CA UNK G 17 -67.97 33.45 -33.84
C UNK G 17 -67.43 32.83 -32.55
N UNK G 18 -67.98 31.68 -32.18
CA UNK G 18 -67.56 30.99 -30.97
C UNK G 18 -66.14 30.46 -31.08
N UNK G 19 -65.81 29.91 -32.25
CA UNK G 19 -64.48 29.35 -32.49
C UNK G 19 -63.40 30.43 -32.47
N UNK G 20 -63.73 31.58 -33.05
CA UNK G 20 -62.80 32.71 -33.07
C UNK G 20 -62.60 33.28 -31.67
N UNK G 21 -63.69 33.32 -30.91
CA UNK G 21 -63.64 33.78 -29.53
C UNK G 21 -62.85 32.80 -28.67
N UNK G 22 -62.95 31.52 -29.03
CA UNK G 22 -62.25 30.46 -28.31
C UNK G 22 -60.74 30.53 -28.57
N UNK G 23 -60.37 30.81 -29.82
CA UNK G 23 -58.97 30.91 -30.18
C UNK G 23 -58.32 32.13 -29.51
N UNK G 24 -59.15 33.12 -29.19
CA UNK G 24 -58.68 34.31 -28.51
C UNK G 24 -58.26 34.01 -27.09
N UNK G 25 -59.06 33.22 -26.38
CA UNK G 25 -58.81 32.90 -24.98
C UNK G 25 -57.55 32.06 -24.78
N UNK G 26 -57.30 31.14 -25.71
CA UNK G 26 -56.14 30.24 -25.61
C UNK G 26 -54.82 30.99 -25.68
N UNK G 27 -54.71 31.91 -26.64
CA UNK G 27 -53.49 32.69 -26.80
C UNK G 27 -53.35 33.74 -25.71
N UNK G 28 -54.49 34.26 -25.24
CA UNK G 28 -54.50 35.23 -24.16
C UNK G 28 -54.06 34.58 -22.85
N UNK G 29 -54.51 33.36 -22.63
CA UNK G 29 -54.16 32.59 -21.44
C UNK G 29 -52.68 32.24 -21.44
N UNK G 30 -52.19 31.78 -22.59
CA UNK G 30 -50.79 31.44 -22.73
C UNK G 30 -49.88 32.65 -22.58
N UNK G 31 -50.29 33.76 -23.18
CA UNK G 31 -49.51 35.00 -23.14
C UNK G 31 -49.22 35.44 -21.71
N UNK G 32 -50.19 35.24 -20.82
CA UNK G 32 -50.10 35.72 -19.45
C UNK G 32 -49.05 34.95 -18.63
N UNK G 33 -49.08 33.63 -18.74
CA UNK G 33 -48.17 32.80 -17.94
C UNK G 33 -46.73 32.91 -18.45
N UNK G 34 -46.56 33.07 -19.76
CA UNK G 34 -45.22 33.26 -20.33
C UNK G 34 -44.67 34.62 -19.92
N UNK G 35 -45.57 35.59 -19.71
CA UNK G 35 -45.15 36.90 -19.25
C UNK G 35 -44.56 36.78 -17.84
N UNK G 36 -45.17 35.94 -17.01
CA UNK G 36 -44.67 35.73 -15.67
C UNK G 36 -43.32 35.03 -15.72
N UNK G 37 -43.14 34.15 -16.69
CA UNK G 37 -41.90 33.39 -16.83
C UNK G 37 -40.73 34.26 -17.32
N UNK G 38 -41.04 35.19 -18.21
CA UNK G 38 -40.02 36.07 -18.79
C UNK G 38 -39.43 36.98 -17.72
N UNK G 39 -40.29 37.45 -16.82
CA UNK G 39 -39.87 38.33 -15.73
C UNK G 39 -39.04 37.58 -14.69
N UNK G 40 -39.40 36.33 -14.44
CA UNK G 40 -38.68 35.50 -13.49
C UNK G 40 -37.28 35.18 -13.98
N UNK G 41 -37.16 34.92 -15.28
CA UNK G 41 -35.87 34.64 -15.89
C UNK G 41 -34.99 35.87 -15.86
N UNK G 42 -35.52 37.00 -16.33
CA UNK G 42 -34.80 38.28 -16.34
C UNK G 42 -34.25 38.63 -14.97
N UNK G 43 -35.08 38.44 -13.94
CA UNK G 43 -34.69 38.73 -12.57
C UNK G 43 -33.58 37.83 -12.07
N UNK G 44 -33.68 36.55 -12.43
CA UNK G 44 -32.70 35.54 -12.01
C UNK G 44 -31.33 35.76 -12.66
N UNK G 45 -31.35 36.19 -13.91
CA UNK G 45 -30.12 36.43 -14.68
C UNK G 45 -29.26 37.52 -14.04
N UNK G 46 -29.90 38.62 -13.69
CA UNK G 46 -29.19 39.77 -13.11
C UNK G 46 -28.50 39.39 -11.80
N UNK G 47 -29.17 38.60 -10.99
CA UNK G 47 -28.61 38.14 -9.72
C UNK G 47 -27.42 37.22 -9.98
N UNK G 48 -27.54 36.37 -11.00
CA UNK G 48 -26.46 35.45 -11.36
C UNK G 48 -25.23 36.20 -11.88
N UNK G 49 -25.46 37.26 -12.64
CA UNK G 49 -24.37 38.09 -13.15
C UNK G 49 -23.63 38.80 -12.02
N UNK G 50 -24.37 39.24 -11.01
CA UNK G 50 -23.77 39.94 -9.88
C UNK G 50 -22.90 38.97 -9.07
N UNK G 51 -23.38 37.76 -8.87
CA UNK G 51 -22.59 36.72 -8.23
C UNK G 51 -21.38 36.38 -9.11
N UNK G 52 -21.60 36.43 -10.42
CA UNK G 52 -20.58 36.07 -11.41
C UNK G 52 -19.34 36.97 -11.33
N UNK G 53 -19.55 38.28 -11.32
CA UNK G 53 -18.46 39.23 -11.24
C UNK G 53 -17.68 39.11 -9.94
N UNK G 54 -18.40 38.97 -8.84
CA UNK G 54 -17.79 38.85 -7.52
C UNK G 54 -16.94 37.58 -7.44
N UNK G 55 -17.51 36.47 -7.89
CA UNK G 55 -16.80 35.19 -7.87
C UNK G 55 -15.55 35.23 -8.73
N UNK G 56 -15.65 35.86 -9.90
CA UNK G 56 -14.53 35.96 -10.83
C UNK G 56 -13.39 36.79 -10.27
N UNK G 57 -13.73 37.82 -9.50
CA UNK G 57 -12.73 38.73 -8.97
C UNK G 57 -12.06 38.18 -7.71
N UNK G 58 -12.82 37.44 -6.90
CA UNK G 58 -12.27 36.75 -5.74
C UNK G 58 -11.31 35.67 -6.23
N UNK G 59 -11.59 35.14 -7.41
CA UNK G 59 -10.72 34.15 -8.04
C UNK G 59 -9.34 34.74 -8.33
N UNK G 60 -9.33 35.73 -9.21
CA UNK G 60 -8.08 36.37 -9.66
C UNK G 60 -7.30 36.97 -8.49
N UNK G 61 -8.00 37.47 -7.49
CA UNK G 61 -7.35 38.08 -6.33
C UNK G 61 -6.60 37.04 -5.51
N UNK G 62 -7.18 35.85 -5.39
CA UNK G 62 -6.59 34.76 -4.62
C UNK G 62 -5.39 34.16 -5.34
N UNK G 63 -5.44 34.14 -6.68
CA UNK G 63 -4.33 33.65 -7.48
C UNK G 63 -3.16 34.64 -7.45
N UNK G 64 -3.48 35.93 -7.53
CA UNK G 64 -2.47 36.97 -7.46
C UNK G 64 -1.79 36.96 -6.10
N UNK G 65 -2.58 36.85 -5.04
CA UNK G 65 -2.06 36.81 -3.68
C UNK G 65 -1.24 35.54 -3.48
N UNK G 66 -1.60 34.48 -4.21
CA UNK G 66 -0.92 33.19 -4.11
C UNK G 66 0.55 33.30 -4.53
N UNK G 67 0.79 33.94 -5.67
CA UNK G 67 2.13 34.01 -6.24
C UNK G 67 3.07 34.84 -5.37
N UNK G 68 2.52 35.76 -4.59
CA UNK G 68 3.30 36.53 -3.64
C UNK G 68 3.93 35.61 -2.61
N UNK G 69 3.09 34.82 -1.96
CA UNK G 69 3.52 33.94 -0.88
C UNK G 69 4.33 32.76 -1.41
N UNK G 70 3.99 32.30 -2.61
CA UNK G 70 4.70 31.21 -3.25
C UNK G 70 6.11 31.66 -3.64
N UNK G 71 6.25 32.95 -3.93
CA UNK G 71 7.55 33.50 -4.29
C UNK G 71 8.40 33.65 -3.04
N UNK G 72 7.76 34.08 -1.95
CA UNK G 72 8.44 34.20 -0.66
C UNK G 72 8.90 32.83 -0.18
N UNK G 73 8.11 31.81 -0.51
CA UNK G 73 8.44 30.43 -0.17
C UNK G 73 9.78 30.01 -0.77
N UNK G 74 10.01 30.39 -2.02
CA UNK G 74 11.24 30.01 -2.72
C UNK G 74 12.48 30.61 -2.06
N UNK G 75 12.44 31.91 -1.78
CA UNK G 75 13.60 32.61 -1.24
C UNK G 75 13.91 32.19 0.19
N UNK G 76 12.86 32.02 0.99
CA UNK G 76 13.02 31.70 2.41
C UNK G 76 13.40 30.23 2.63
N UNK G 77 12.97 29.36 1.71
CA UNK G 77 13.43 27.97 1.71
C UNK G 77 14.93 27.92 1.45
N UNK G 78 15.38 28.72 0.49
CA UNK G 78 16.80 28.83 0.17
C UNK G 78 17.55 29.43 1.35
N UNK G 79 16.90 30.37 2.02
CA UNK G 79 17.47 30.97 3.23
C UNK G 79 17.62 29.92 4.32
N UNK G 80 16.58 29.10 4.49
CA UNK G 80 16.60 27.99 5.43
C UNK G 80 17.74 27.03 5.14
N UNK G 81 17.88 26.67 3.86
CA UNK G 81 18.90 25.72 3.43
C UNK G 81 20.30 26.18 3.81
N UNK G 82 20.62 27.44 3.54
CA UNK G 82 21.91 28.00 3.92
C UNK G 82 22.01 28.15 5.43
N UNK G 83 20.89 28.45 6.07
CA UNK G 83 20.83 28.54 7.52
C UNK G 83 21.17 27.20 8.13
N UNK G 84 20.54 26.15 7.61
CA UNK G 84 20.74 24.79 8.08
C UNK G 84 22.13 24.26 7.70
N UNK G 85 22.63 24.72 6.56
CA UNK G 85 23.93 24.30 6.05
C UNK G 85 25.07 24.89 6.90
N UNK G 86 24.98 26.18 7.21
CA UNK G 86 25.99 26.83 8.03
C UNK G 86 25.85 26.44 9.49
N UNK G 87 24.79 25.70 9.79
CA UNK G 87 24.54 25.22 11.13
C UNK G 87 25.32 23.94 11.39
N UNK G 88 25.18 22.98 10.48
CA UNK G 88 25.89 21.71 10.57
C UNK G 88 27.38 21.88 10.25
N UNK G 89 27.70 22.83 9.38
CA UNK G 89 29.09 23.11 9.04
C UNK G 89 29.81 23.65 10.26
N UNK G 90 29.17 24.58 10.95
CA UNK G 90 29.73 25.14 12.18
C UNK G 90 29.75 24.12 13.31
N UNK G 91 28.77 23.22 13.31
CA UNK G 91 28.68 22.19 14.34
C UNK G 91 29.71 21.10 14.10
N UNK G 92 29.92 20.77 12.83
CA UNK G 92 30.91 19.76 12.46
C UNK G 92 32.30 20.25 12.82
N UNK G 93 32.53 21.55 12.61
CA UNK G 93 33.79 22.16 12.98
C UNK G 93 33.93 22.24 14.49
N UNK G 94 32.82 22.45 15.19
CA UNK G 94 32.82 22.57 16.64
C UNK G 94 33.14 21.24 17.30
N UNK G 95 32.58 20.15 16.76
CA UNK G 95 32.82 18.82 17.29
C UNK G 95 34.24 18.35 17.00
N UNK G 96 34.70 18.62 15.79
CA UNK G 96 36.07 18.26 15.39
C UNK G 96 37.08 19.03 16.23
N UNK G 97 36.73 20.28 16.54
CA UNK G 97 37.60 21.15 17.33
C UNK G 97 37.62 20.69 18.78
N UNK G 98 36.45 20.31 19.29
CA UNK G 98 36.34 19.80 20.65
C UNK G 98 37.09 18.49 20.78
N UNK G 99 37.18 17.76 19.68
CA UNK G 99 37.92 16.50 19.66
C UNK G 99 39.42 16.77 19.70
N UNK G 100 39.83 17.91 19.14
CA UNK G 100 41.23 18.28 19.09
C UNK G 100 41.69 18.73 20.48
N UNK G 101 40.75 19.24 21.28
CA UNK G 101 41.00 19.58 22.67
C UNK G 101 41.56 18.38 23.42
N UNK G 102 40.87 17.26 23.28
CA UNK G 102 41.19 16.04 24.02
C UNK G 102 42.50 15.40 23.56
N UNK G 103 42.74 15.43 22.25
CA UNK G 103 43.96 14.89 21.67
C UNK G 103 45.20 15.60 22.22
N UNK G 104 45.10 16.92 22.31
CA UNK G 104 46.22 17.76 22.73
C UNK G 104 46.43 17.70 24.25
N UNK G 105 45.32 17.72 24.98
CA UNK G 105 45.37 17.57 26.43
C UNK G 105 46.00 16.24 26.79
N UNK G 106 45.69 15.22 25.99
CA UNK G 106 46.25 13.88 26.19
C UNK G 106 47.75 13.85 25.88
N UNK G 107 48.15 14.56 24.84
CA UNK G 107 49.57 14.66 24.49
C UNK G 107 50.29 15.52 25.53
N UNK G 108 49.57 16.49 26.09
CA UNK G 108 50.12 17.34 27.15
C UNK G 108 50.32 16.52 28.42
N UNK G 109 49.39 15.61 28.67
CA UNK G 109 49.41 14.78 29.88
C UNK G 109 50.55 13.78 29.82
N UNK G 110 50.71 13.16 28.65
CA UNK G 110 51.82 12.23 28.44
C UNK G 110 53.15 12.95 28.56
N UNK G 111 53.15 14.23 28.18
CA UNK G 111 54.36 15.04 28.22
C UNK G 111 54.79 15.30 29.66
N UNK G 112 53.83 15.64 30.52
CA UNK G 112 54.09 15.90 31.92
C UNK G 112 54.64 14.65 32.61
N UNK G 113 54.24 13.49 32.11
CA UNK G 113 54.73 12.22 32.63
C UNK G 113 56.17 12.00 32.25
N UNK G 114 56.47 12.18 30.97
CA UNK G 114 57.83 12.08 30.46
C UNK G 114 58.73 13.02 31.25
N UNK G 115 58.27 14.25 31.43
CA UNK G 115 58.98 15.26 32.19
C UNK G 115 59.28 14.79 33.61
N UNK G 116 58.26 14.27 34.28
CA UNK G 116 58.39 13.79 35.65
C UNK G 116 59.39 12.65 35.75
N UNK G 117 59.32 11.72 34.80
CA UNK G 117 60.22 10.56 34.78
C UNK G 117 61.66 11.02 34.59
N UNK G 118 61.86 11.97 33.69
CA UNK G 118 63.18 12.53 33.45
C UNK G 118 63.77 13.17 34.72
N UNK G 119 62.94 13.91 35.44
CA UNK G 119 63.38 14.68 36.60
C UNK G 119 63.74 13.80 37.80
N UNK G 120 63.06 12.68 37.95
CA UNK G 120 63.34 11.76 39.05
C UNK G 120 64.51 10.85 38.70
N UNK G 121 64.73 10.67 37.40
CA UNK G 121 65.80 9.80 36.92
C UNK G 121 67.16 10.47 37.14
N UNK G 122 67.20 11.78 36.91
CA UNK G 122 68.43 12.55 37.10
C UNK G 122 68.81 12.68 38.57
N UNK G 123 67.83 12.50 39.46
CA UNK G 123 68.10 12.57 40.89
C UNK G 123 68.74 11.28 41.39
N UNK G 124 68.21 10.14 40.94
CA UNK G 124 68.83 8.85 41.21
C UNK G 124 70.27 8.85 40.75
N UNK G 125 70.52 9.57 39.66
CA UNK G 125 71.85 9.70 39.12
C UNK G 125 72.75 10.60 39.98
N UNK G 126 72.13 11.58 40.62
CA UNK G 126 72.87 12.58 41.39
C UNK G 126 73.45 12.00 42.68
N UNK G 127 72.75 11.02 43.24
CA UNK G 127 73.20 10.39 44.47
C UNK G 127 74.21 9.29 44.18
N UNK G 128 74.10 8.71 42.98
CA UNK G 128 75.00 7.62 42.61
C UNK G 128 76.35 8.19 42.16
N UNK G 129 76.32 9.35 41.50
CA UNK G 129 77.56 9.97 41.02
C UNK G 129 78.43 10.49 42.17
N UNK G 130 77.79 10.82 43.29
CA UNK G 130 78.50 11.43 44.42
C UNK G 130 79.25 10.40 45.25
N UNK G 131 78.60 9.29 45.54
CA UNK G 131 79.20 8.25 46.37
C UNK G 131 80.38 7.60 45.63
N UNK G 132 80.29 7.56 44.31
CA UNK G 132 81.34 7.00 43.48
C UNK G 132 82.49 7.99 43.31
N UNK G 133 82.18 9.27 43.48
CA UNK G 133 83.22 10.30 43.48
C UNK G 133 84.07 10.17 44.72
N UNK G 134 83.41 10.17 45.88
CA UNK G 134 84.11 10.09 47.15
C UNK G 134 84.88 8.78 47.29
N UNK G 135 84.25 7.68 46.88
CA UNK G 135 84.87 6.36 46.96
C UNK G 135 86.12 6.29 46.09
PB ADP H . 2.56 6.64 -9.42
O1B ADP H . 3.77 7.48 -9.78
O2B ADP H . 1.42 6.79 -10.39
O3B ADP H . 2.89 5.22 -8.97
PA ADP H . 1.98 8.89 -7.92
O1A ADP H . 3.39 9.21 -7.47
O2A ADP H . 1.44 9.61 -9.12
O3A ADP H . 1.91 7.31 -8.12
O5' ADP H . 0.98 9.07 -6.70
C5' ADP H . -0.41 9.19 -6.90
C4' ADP H . -1.15 8.56 -5.71
O4' ADP H . -0.84 9.24 -4.50
C3' ADP H . -2.66 8.62 -5.88
O3' ADP H . -3.20 7.32 -6.16
C2' ADP H . -3.20 9.19 -4.59
O2' ADP H . -3.82 8.16 -3.83
C1' ADP H . -2.00 9.73 -3.83
N9 ADP H . -2.00 11.21 -3.85
C8 ADP H . -1.92 12.01 -4.94
N7 ADP H . -1.94 13.33 -4.58
C5 ADP H . -1.99 13.37 -3.24
C6 ADP H . -2.04 14.45 -2.22
N6 ADP H . -2.02 15.75 -2.57
N1 ADP H . -2.11 14.07 -0.91
C2 ADP H . -2.13 12.76 -0.54
N3 ADP H . -2.11 11.73 -1.42
C4 ADP H . -2.03 11.98 -2.76
MG MG I . 5.82 6.63 -8.86
PB ADP J . -50.32 9.16 -24.24
O1B ADP J . -49.10 9.65 -24.97
O2B ADP J . -51.55 8.97 -25.11
O3B ADP J . -50.03 8.07 -23.21
PA ADP J . -50.61 11.88 -23.82
O1A ADP J . -49.15 12.23 -23.66
O2A ADP J . -51.24 12.03 -25.17
O3A ADP J . -50.80 10.38 -23.31
O5' ADP J . -51.50 12.63 -22.70
C5' ADP J . -52.90 12.80 -22.85
C4' ADP J . -53.58 12.84 -21.48
O4' ADP J . -53.09 13.96 -20.73
C3' ADP J . -55.08 12.98 -21.57
O3' ADP J . -55.75 11.76 -21.20
C2' ADP J . -55.46 14.11 -20.65
O2' ADP J . -56.11 13.60 -19.48
C1' ADP J . -54.16 14.81 -20.28
N9 ADP J . -54.06 16.13 -20.95
C8 ADP J . -54.05 16.35 -22.27
N7 ADP J . -53.94 17.68 -22.53
C5 ADP J . -53.88 18.32 -21.36
C6 ADP J . -53.76 19.72 -20.92
N6 ADP J . -53.68 20.74 -21.81
N1 ADP J . -53.72 19.96 -19.58
C2 ADP J . -53.79 18.96 -18.68
N3 ADP J . -53.90 17.65 -19.00
C4 ADP J . -53.95 17.28 -20.31
MG MG K . -47.16 9.03 -23.69
PB ADP L . 54.61 1.38 7.70
O1B ADP L . 55.75 2.37 7.86
O2B ADP L . 53.52 1.88 6.77
O3B ADP L . 55.07 -0.05 7.52
PA ADP L . 53.73 2.68 9.96
O1A ADP L . 55.06 2.88 10.62
O2A ADP L . 53.16 3.81 9.13
O3A ADP L . 53.82 1.35 9.09
O5' ADP L . 52.64 2.21 11.03
C5' ADP L . 51.24 2.31 10.78
C4' ADP L . 50.50 1.17 11.50
O4' ADP L . 50.69 1.26 12.91
C3' ADP L . 49.00 1.20 11.24
O3' ADP L . 48.61 0.11 10.38
C2' ADP L . 48.34 1.10 12.60
O2' ADP L . 47.76 -0.18 12.78
C1' ADP L . 49.44 1.32 13.62
N9 ADP L . 49.31 2.66 14.25
C8 ADP L . 49.35 3.86 13.63
N7 ADP L . 49.18 4.88 14.52
C5 ADP L . 49.04 4.32 15.73
C6 ADP L . 48.82 4.81 17.10
N6 ADP L . 48.73 6.13 17.37
N1 ADP L . 48.72 3.89 18.09
C2 ADP L . 48.81 2.57 17.85
N3 ADP L . 49.00 2.05 16.62
C4 ADP L . 49.12 2.86 15.55
MG MG M . 57.71 1.13 8.47
PB ADP N . -32.31 -10.95 9.89
O1B ADP N . -31.66 -11.93 10.87
O2B ADP N . -33.66 -10.46 10.36
O3B ADP N . -31.37 -9.89 9.38
PA ADP N . -33.16 -13.33 8.72
O1A ADP N . -31.92 -14.16 8.93
O2A ADP N . -34.29 -13.52 9.69
O3A ADP N . -32.74 -11.79 8.61
O5' ADP N . -33.70 -13.56 7.24
C5' ADP N . -35.03 -13.20 6.87
C4' ADP N . -35.07 -12.77 5.40
O4' ADP N . -34.64 -13.82 4.54
C3' ADP N . -36.48 -12.36 4.96
O3' ADP N . -36.56 -10.94 4.76
C2' ADP N . -36.74 -13.12 3.68
O2' ADP N . -36.70 -12.21 2.59
C1' ADP N . -35.63 -14.15 3.56
N9 ADP N . -36.16 -15.51 3.83
C8 ADP N . -36.74 -15.95 4.97
N7 ADP N . -37.12 -17.25 4.86
C5 ADP N . -36.75 -17.66 3.63
C6 ADP N . -36.86 -18.93 2.85
N6 ADP N . -37.41 -20.04 3.38
N1 ADP N . -36.36 -18.94 1.60
C2 ADP N . -35.79 -17.84 1.04
N3 ADP N . -35.66 -16.64 1.68
C4 ADP N . -36.12 -16.51 2.95
MG MG O . -29.27 -11.92 10.53
PB ADP P . 20.68 -25.28 14.00
O1B ADP P . 21.38 -26.54 14.46
O2B ADP P . 19.25 -25.14 14.47
O3B ADP P . 21.56 -24.04 14.12
PA ADP P . 20.20 -26.82 11.81
O1A ADP P . 21.53 -27.54 11.77
O2A ADP P . 19.05 -27.49 12.51
O3A ADP P . 20.45 -25.39 12.44
O5' ADP P . 19.77 -26.37 10.34
C5' ADP P . 18.42 -26.03 10.04
C4' ADP P . 18.40 -25.00 8.92
O4' ADP P . 18.98 -25.54 7.73
C3' ADP P . 17.00 -24.55 8.57
O3' ADP P . 16.76 -23.20 9.01
C2' ADP P . 16.88 -24.65 7.07
O2' ADP P . 16.90 -23.36 6.49
C1' ADP P . 18.09 -25.48 6.62
N9 ADP P . 17.68 -26.85 6.21
C8 ADP P . 17.09 -27.78 6.98
N7 ADP P . 16.86 -28.92 6.27
C5 ADP P . 17.32 -28.72 5.04
C6 ADP P . 17.40 -29.51 3.78
N6 ADP P . 16.93 -30.78 3.72
N1 ADP P . 17.96 -28.92 2.69
C2 ADP P . 18.43 -27.66 2.73
N3 ADP P . 18.39 -26.87 3.82
C4 ADP P . 17.86 -27.35 4.99
MG MG Q . 23.72 -26.20 14.55
#